data_6E1T
# 
_entry.id   6E1T 
# 
_audit_conform.dict_name       mmcif_pdbx.dic 
_audit_conform.dict_version    5.379 
_audit_conform.dict_location   http://mmcif.pdb.org/dictionaries/ascii/mmcif_pdbx.dic 
# 
loop_
_database_2.database_id 
_database_2.database_code 
_database_2.pdbx_database_accession 
_database_2.pdbx_DOI 
PDB   6E1T         pdb_00006e1t 10.2210/pdb6e1t/pdb 
WWPDB D_1000235517 ?            ?                   
# 
_pdbx_database_status.status_code                     REL 
_pdbx_database_status.status_code_sf                  REL 
_pdbx_database_status.status_code_mr                  ? 
_pdbx_database_status.entry_id                        6E1T 
_pdbx_database_status.recvd_initial_deposition_date   2018-07-10 
_pdbx_database_status.SG_entry                        N 
_pdbx_database_status.deposit_site                    RCSB 
_pdbx_database_status.process_site                    RCSB 
_pdbx_database_status.status_code_cs                  ? 
_pdbx_database_status.methods_development_category    ? 
_pdbx_database_status.pdb_format_compatible           Y 
_pdbx_database_status.status_code_nmr_data            ? 
# 
loop_
_audit_author.name 
_audit_author.pdbx_ordinal 
_audit_author.identifier_ORCID 
'Numata, T.'          1 ? 
'Connelly, C.M.'      2 ? 
'Schneekloth, J.S.'   3 ? 
;Ferre-D'Amare, A.R.
;
4 ? 
# 
_citation.abstract                  ? 
_citation.abstract_id_CAS           ? 
_citation.book_id_ISBN              ? 
_citation.book_publisher            ? 
_citation.book_publisher_city       ? 
_citation.book_title                ? 
_citation.coordinate_linkage        ? 
_citation.country                   UK 
_citation.database_id_Medline       ? 
_citation.details                   ? 
_citation.id                        primary 
_citation.journal_abbrev            'Nat Commun' 
_citation.journal_id_ASTM           ? 
_citation.journal_id_CSD            ? 
_citation.journal_id_ISSN           2041-1723 
_citation.journal_full              ? 
_citation.journal_issue             ? 
_citation.journal_volume            10 
_citation.language                  ? 
_citation.page_first                1501 
_citation.page_last                 1501 
_citation.title                     
'Synthetic ligands for PreQ1riboswitches provide structural and mechanistic insights into targeting RNA tertiary structure.' 
_citation.year                      2019 
_citation.database_id_CSD           ? 
_citation.pdbx_database_id_DOI      10.1038/s41467-019-09493-3 
_citation.pdbx_database_id_PubMed   30940810 
_citation.unpublished_flag          ? 
# 
loop_
_citation_author.citation_id 
_citation_author.name 
_citation_author.ordinal 
_citation_author.identifier_ORCID 
primary 'Connelly, C.M.'        1 ? 
primary 'Numata, T.'            2 ? 
primary 'Boer, R.E.'            3 ? 
primary 'Moon, M.H.'            4 ? 
primary 'Sinniah, R.S.'         5 ? 
primary 'Barchi, J.J.'          6 ? 
primary 
;Ferre-D'Amare, A.R.
;
7 ? 
primary 'Schneekloth Jr., J.S.' 8 ? 
# 
_cell.angle_alpha                  90.000 
_cell.angle_alpha_esd              ? 
_cell.angle_beta                   90.000 
_cell.angle_beta_esd               ? 
_cell.angle_gamma                  120.000 
_cell.angle_gamma_esd              ? 
_cell.entry_id                     6E1T 
_cell.details                      ? 
_cell.formula_units_Z              ? 
_cell.length_a                     115.054 
_cell.length_a_esd                 ? 
_cell.length_b                     115.054 
_cell.length_b_esd                 ? 
_cell.length_c                     58.792 
_cell.length_c_esd                 ? 
_cell.volume                       ? 
_cell.volume_esd                   ? 
_cell.Z_PDB                        12 
_cell.reciprocal_angle_alpha       ? 
_cell.reciprocal_angle_beta        ? 
_cell.reciprocal_angle_gamma       ? 
_cell.reciprocal_angle_alpha_esd   ? 
_cell.reciprocal_angle_beta_esd    ? 
_cell.reciprocal_angle_gamma_esd   ? 
_cell.reciprocal_length_a          ? 
_cell.reciprocal_length_b          ? 
_cell.reciprocal_length_c          ? 
_cell.reciprocal_length_a_esd      ? 
_cell.reciprocal_length_b_esd      ? 
_cell.reciprocal_length_c_esd      ? 
_cell.pdbx_unique_axis             ? 
# 
_symmetry.entry_id                         6E1T 
_symmetry.cell_setting                     ? 
_symmetry.Int_Tables_number                182 
_symmetry.space_group_name_Hall            ? 
_symmetry.space_group_name_H-M             'P 63 2 2' 
_symmetry.pdbx_full_space_group_name_H-M   ? 
# 
loop_
_entity.id 
_entity.type 
_entity.src_method 
_entity.pdbx_description 
_entity.formula_weight 
_entity.pdbx_number_of_molecules 
_entity.pdbx_ec 
_entity.pdbx_mutation 
_entity.pdbx_fragment 
_entity.details 
1 polymer     syn 'RNA (33-MER)'                                 10224.107 1  ? 'A13N, A14N, C15N' ? ? 
2 non-polymer syn '2-(N-MORPHOLINO)-ETHANESULFONIC ACID'         195.237   1  ? ?                  ? ? 
3 non-polymer man '2-[(dibenzo[b,d]furan-2-yl)oxy]ethan-1-amine' 227.259   1  ? ?                  ? ? 
4 non-polymer syn 'MAGNESIUM ION'                                24.305    4  ? ?                  ? ? 
5 water       nat water                                          18.015    83 ? ?                  ? ? 
# 
_entity_poly.entity_id                      1 
_entity_poly.type                           polyribonucleotide 
_entity_poly.nstd_linkage                   no 
_entity_poly.nstd_monomer                   no 
_entity_poly.pdbx_seq_one_letter_code       'CUGGGUCGCAGU(N)(N)(N)CCCAGUUAACAAAACAAG' 
_entity_poly.pdbx_seq_one_letter_code_can   CUGGGUCGCAGUNNNCCCAGUUAACAAAACAAG 
_entity_poly.pdbx_strand_id                 A 
_entity_poly.pdbx_target_identifier         ? 
# 
loop_
_entity_poly_seq.entity_id 
_entity_poly_seq.num 
_entity_poly_seq.mon_id 
_entity_poly_seq.hetero 
1 1  C n 
1 2  U n 
1 3  G n 
1 4  G n 
1 5  G n 
1 6  U n 
1 7  C n 
1 8  G n 
1 9  C n 
1 10 A n 
1 11 G n 
1 12 U n 
1 13 N n 
1 14 N n 
1 15 N n 
1 16 C n 
1 17 C n 
1 18 C n 
1 19 A n 
1 20 G n 
1 21 U n 
1 22 U n 
1 23 A n 
1 24 A n 
1 25 C n 
1 26 A n 
1 27 A n 
1 28 A n 
1 29 A n 
1 30 C n 
1 31 A n 
1 32 A n 
1 33 G n 
# 
_pdbx_entity_src_syn.entity_id              1 
_pdbx_entity_src_syn.pdbx_src_id            1 
_pdbx_entity_src_syn.pdbx_alt_source_flag   sample 
_pdbx_entity_src_syn.pdbx_beg_seq_num       1 
_pdbx_entity_src_syn.pdbx_end_seq_num       33 
_pdbx_entity_src_syn.organism_scientific    'Caldanaerobacter subterraneus subsp. tengcongensis' 
_pdbx_entity_src_syn.organism_common_name   ? 
_pdbx_entity_src_syn.ncbi_taxonomy_id       119072 
_pdbx_entity_src_syn.details                ? 
# 
_struct_ref.id                         1 
_struct_ref.db_name                    PDB 
_struct_ref.db_code                    6E1T 
_struct_ref.pdbx_db_accession          6E1T 
_struct_ref.pdbx_db_isoform            ? 
_struct_ref.entity_id                  1 
_struct_ref.pdbx_seq_one_letter_code   ? 
_struct_ref.pdbx_align_begin           1 
# 
_struct_ref_seq.align_id                      1 
_struct_ref_seq.ref_id                        1 
_struct_ref_seq.pdbx_PDB_id_code              6E1T 
_struct_ref_seq.pdbx_strand_id                A 
_struct_ref_seq.seq_align_beg                 1 
_struct_ref_seq.pdbx_seq_align_beg_ins_code   ? 
_struct_ref_seq.seq_align_end                 33 
_struct_ref_seq.pdbx_seq_align_end_ins_code   ? 
_struct_ref_seq.pdbx_db_accession             6E1T 
_struct_ref_seq.db_align_beg                  1 
_struct_ref_seq.pdbx_db_align_beg_ins_code    ? 
_struct_ref_seq.db_align_end                  33 
_struct_ref_seq.pdbx_db_align_end_ins_code    ? 
_struct_ref_seq.pdbx_auth_seq_align_beg       1 
_struct_ref_seq.pdbx_auth_seq_align_end       33 
# 
loop_
_chem_comp.id 
_chem_comp.type 
_chem_comp.mon_nstd_flag 
_chem_comp.name 
_chem_comp.pdbx_synonyms 
_chem_comp.formula 
_chem_comp.formula_weight 
A   'RNA linking' y "ADENOSINE-5'-MONOPHOSPHATE"                   ?                                   'C10 H14 N5 O7 P' 347.221 
C   'RNA linking' y "CYTIDINE-5'-MONOPHOSPHATE"                    ?                                   'C9 H14 N3 O8 P'  323.197 
G   'RNA linking' y "GUANOSINE-5'-MONOPHOSPHATE"                   ?                                   'C10 H14 N5 O8 P' 363.221 
HLV non-polymer   . '2-[(dibenzo[b,d]furan-2-yl)oxy]ethan-1-amine' ?                                   'C14 H13 N O2'    227.259 
HOH non-polymer   . WATER                                          ?                                   'H2 O'            18.015  
MES non-polymer   . '2-(N-MORPHOLINO)-ETHANESULFONIC ACID'         ?                                   'C6 H13 N O4 S'   195.237 
MG  non-polymer   . 'MAGNESIUM ION'                                ?                                   'Mg 2'            24.305  
N   'RNA linking' . 
;ANY 5'-MONOPHOSPHATE NUCLEOTIDE
;
"1-DEOXY-RIBOFURANOSE-5'-PHOSPHATE" 'C5 H11 O7 P'     214.110 
U   'RNA linking' y "URIDINE-5'-MONOPHOSPHATE"                     ?                                   'C9 H13 N2 O9 P'  324.181 
# 
_exptl.absorpt_coefficient_mu     ? 
_exptl.absorpt_correction_T_max   ? 
_exptl.absorpt_correction_T_min   ? 
_exptl.absorpt_correction_type    ? 
_exptl.absorpt_process_details    ? 
_exptl.entry_id                   6E1T 
_exptl.crystals_number            1 
_exptl.details                    ? 
_exptl.method                     'X-RAY DIFFRACTION' 
_exptl.method_details             ? 
# 
_exptl_crystal.colour                      ? 
_exptl_crystal.density_diffrn              ? 
_exptl_crystal.density_Matthews            5.16 
_exptl_crystal.density_method              ? 
_exptl_crystal.density_percent_sol         76.2 
_exptl_crystal.description                 ? 
_exptl_crystal.F_000                       ? 
_exptl_crystal.id                          1 
_exptl_crystal.preparation                 ? 
_exptl_crystal.size_max                    ? 
_exptl_crystal.size_mid                    ? 
_exptl_crystal.size_min                    ? 
_exptl_crystal.size_rad                    ? 
_exptl_crystal.colour_lustre               ? 
_exptl_crystal.colour_modifier             ? 
_exptl_crystal.colour_primary              ? 
_exptl_crystal.density_meas                ? 
_exptl_crystal.density_meas_esd            ? 
_exptl_crystal.density_meas_gt             ? 
_exptl_crystal.density_meas_lt             ? 
_exptl_crystal.density_meas_temp           ? 
_exptl_crystal.density_meas_temp_esd       ? 
_exptl_crystal.density_meas_temp_gt        ? 
_exptl_crystal.density_meas_temp_lt        ? 
_exptl_crystal.pdbx_crystal_image_url      ? 
_exptl_crystal.pdbx_crystal_image_format   ? 
_exptl_crystal.pdbx_mosaicity              ? 
_exptl_crystal.pdbx_mosaicity_esd          ? 
# 
_exptl_crystal_grow.apparatus       ? 
_exptl_crystal_grow.atmosphere      ? 
_exptl_crystal_grow.crystal_id      1 
_exptl_crystal_grow.details         ? 
_exptl_crystal_grow.method          'VAPOR DIFFUSION, HANGING DROP' 
_exptl_crystal_grow.method_ref      ? 
_exptl_crystal_grow.pH              5.6 
_exptl_crystal_grow.pressure        ? 
_exptl_crystal_grow.pressure_esd    ? 
_exptl_crystal_grow.seeding         ? 
_exptl_crystal_grow.seeding_ref     ? 
_exptl_crystal_grow.temp            294 
_exptl_crystal_grow.temp_details    ? 
_exptl_crystal_grow.temp_esd        ? 
_exptl_crystal_grow.time            ? 
_exptl_crystal_grow.pdbx_details    '0.005 M magnesium acetate, 0.05 M MES (pH 5.6), 2.7 M ammonium sulfate' 
_exptl_crystal_grow.pdbx_pH_range   ? 
# 
_diffrn.ambient_environment    ? 
_diffrn.ambient_temp           100 
_diffrn.ambient_temp_details   ? 
_diffrn.ambient_temp_esd       ? 
_diffrn.crystal_id             1 
_diffrn.crystal_support        ? 
_diffrn.crystal_treatment      ? 
_diffrn.details                ? 
_diffrn.id                     1 
_diffrn.ambient_pressure       ? 
_diffrn.ambient_pressure_esd   ? 
_diffrn.ambient_pressure_gt    ? 
_diffrn.ambient_pressure_lt    ? 
_diffrn.ambient_temp_gt        ? 
_diffrn.ambient_temp_lt        ? 
# 
_diffrn_detector.details                      ? 
_diffrn_detector.detector                     PIXEL 
_diffrn_detector.diffrn_id                    1 
_diffrn_detector.type                         'DECTRIS PILATUS3 6M' 
_diffrn_detector.area_resol_mean              ? 
_diffrn_detector.dtime                        ? 
_diffrn_detector.pdbx_frames_total            ? 
_diffrn_detector.pdbx_collection_time_total   ? 
_diffrn_detector.pdbx_collection_date         2017-11-07 
# 
_diffrn_radiation.collimation                      ? 
_diffrn_radiation.diffrn_id                        1 
_diffrn_radiation.filter_edge                      ? 
_diffrn_radiation.inhomogeneity                    ? 
_diffrn_radiation.monochromator                    ? 
_diffrn_radiation.polarisn_norm                    ? 
_diffrn_radiation.polarisn_ratio                   ? 
_diffrn_radiation.probe                            ? 
_diffrn_radiation.type                             ? 
_diffrn_radiation.xray_symbol                      ? 
_diffrn_radiation.wavelength_id                    1 
_diffrn_radiation.pdbx_monochromatic_or_laue_m_l   M 
_diffrn_radiation.pdbx_wavelength_list             ? 
_diffrn_radiation.pdbx_wavelength                  ? 
_diffrn_radiation.pdbx_diffrn_protocol             'SINGLE WAVELENGTH' 
_diffrn_radiation.pdbx_analyzer                    ? 
_diffrn_radiation.pdbx_scattering_type             x-ray 
# 
_diffrn_radiation_wavelength.id           1 
_diffrn_radiation_wavelength.wavelength   1.0 
_diffrn_radiation_wavelength.wt           1.0 
# 
_diffrn_source.current                     ? 
_diffrn_source.details                     ? 
_diffrn_source.diffrn_id                   1 
_diffrn_source.power                       ? 
_diffrn_source.size                        ? 
_diffrn_source.source                      SYNCHROTRON 
_diffrn_source.target                      ? 
_diffrn_source.type                        'ALS BEAMLINE 5.0.2' 
_diffrn_source.voltage                     ? 
_diffrn_source.take-off_angle              ? 
_diffrn_source.pdbx_wavelength_list        1.0 
_diffrn_source.pdbx_wavelength             ? 
_diffrn_source.pdbx_synchrotron_beamline   5.0.2 
_diffrn_source.pdbx_synchrotron_site       ALS 
# 
_reflns.B_iso_Wilson_estimate            31.490 
_reflns.entry_id                         6E1T 
_reflns.data_reduction_details           ? 
_reflns.data_reduction_method            ? 
_reflns.d_resolution_high                1.800 
_reflns.d_resolution_low                 58.790 
_reflns.details                          ? 
_reflns.limit_h_max                      ? 
_reflns.limit_h_min                      ? 
_reflns.limit_k_max                      ? 
_reflns.limit_k_min                      ? 
_reflns.limit_l_max                      ? 
_reflns.limit_l_min                      ? 
_reflns.number_all                       ? 
_reflns.number_obs                       21704 
_reflns.observed_criterion               ? 
_reflns.observed_criterion_F_max         ? 
_reflns.observed_criterion_F_min         ? 
_reflns.observed_criterion_I_max         ? 
_reflns.observed_criterion_I_min         ? 
_reflns.observed_criterion_sigma_F       ? 
_reflns.observed_criterion_sigma_I       ? 
_reflns.percent_possible_obs             99.800 
_reflns.R_free_details                   ? 
_reflns.Rmerge_F_all                     ? 
_reflns.Rmerge_F_obs                     ? 
_reflns.Friedel_coverage                 ? 
_reflns.number_gt                        ? 
_reflns.threshold_expression             ? 
_reflns.pdbx_redundancy                  25.400 
_reflns.pdbx_Rmerge_I_obs                0.081 
_reflns.pdbx_Rmerge_I_all                ? 
_reflns.pdbx_Rsym_value                  ? 
_reflns.pdbx_netI_over_av_sigmaI         ? 
_reflns.pdbx_netI_over_sigmaI            16.900 
_reflns.pdbx_res_netI_over_av_sigmaI_2   ? 
_reflns.pdbx_res_netI_over_sigmaI_2      ? 
_reflns.pdbx_chi_squared                 ? 
_reflns.pdbx_scaling_rejects             666 
_reflns.pdbx_d_res_high_opt              ? 
_reflns.pdbx_d_res_low_opt               ? 
_reflns.pdbx_d_res_opt_method            ? 
_reflns.phase_calculation_details        ? 
_reflns.pdbx_Rrim_I_all                  0.083 
_reflns.pdbx_Rpim_I_all                  0.017 
_reflns.pdbx_d_opt                       ? 
_reflns.pdbx_number_measured_all         552102 
_reflns.pdbx_diffrn_id                   1 
_reflns.pdbx_ordinal                     1 
_reflns.pdbx_CC_half                     0.997 
_reflns.pdbx_R_split                     ? 
# 
loop_
_reflns_shell.d_res_high 
_reflns_shell.d_res_low 
_reflns_shell.meanI_over_sigI_all 
_reflns_shell.meanI_over_sigI_obs 
_reflns_shell.number_measured_all 
_reflns_shell.number_measured_obs 
_reflns_shell.number_possible 
_reflns_shell.number_unique_all 
_reflns_shell.number_unique_obs 
_reflns_shell.percent_possible_all 
_reflns_shell.percent_possible_obs 
_reflns_shell.Rmerge_F_all 
_reflns_shell.Rmerge_F_obs 
_reflns_shell.Rmerge_I_all 
_reflns_shell.Rmerge_I_obs 
_reflns_shell.meanI_over_sigI_gt 
_reflns_shell.meanI_over_uI_all 
_reflns_shell.meanI_over_uI_gt 
_reflns_shell.number_measured_gt 
_reflns_shell.number_unique_gt 
_reflns_shell.percent_possible_gt 
_reflns_shell.Rmerge_F_gt 
_reflns_shell.Rmerge_I_gt 
_reflns_shell.pdbx_redundancy 
_reflns_shell.pdbx_Rsym_value 
_reflns_shell.pdbx_chi_squared 
_reflns_shell.pdbx_netI_over_sigmaI_all 
_reflns_shell.pdbx_netI_over_sigmaI_obs 
_reflns_shell.pdbx_Rrim_I_all 
_reflns_shell.pdbx_Rpim_I_all 
_reflns_shell.pdbx_rejects 
_reflns_shell.pdbx_ordinal 
_reflns_shell.pdbx_diffrn_id 
_reflns_shell.pdbx_CC_half 
_reflns_shell.pdbx_R_split 
1.800 1.850  ? ? ? ? ? ? 1567 99.200 ? ? ? ? 2.906 ? ? ? ? ? ? ? ? 24.200 ? ? ? ? 2.968 0.596 ? 1 1 0.946 ? 
8.050 58.790 ? ? ? ? ? ? 312  99.700 ? ? ? ? 0.058 ? ? ? ? ? ? ? ? 21.500 ? ? ? ? 0.060 0.014 ? 2 1 0.995 ? 
# 
_refine.aniso_B[1][1]                            ? 
_refine.aniso_B[1][2]                            ? 
_refine.aniso_B[1][3]                            ? 
_refine.aniso_B[2][2]                            ? 
_refine.aniso_B[2][3]                            ? 
_refine.aniso_B[3][3]                            ? 
_refine.B_iso_max                                112.420 
_refine.B_iso_mean                               44.9668 
_refine.B_iso_min                                22.670 
_refine.correlation_coeff_Fo_to_Fc               ? 
_refine.correlation_coeff_Fo_to_Fc_free          ? 
_refine.details                                  ? 
_refine.diff_density_max                         ? 
_refine.diff_density_max_esd                     ? 
_refine.diff_density_min                         ? 
_refine.diff_density_min_esd                     ? 
_refine.diff_density_rms                         ? 
_refine.diff_density_rms_esd                     ? 
_refine.entry_id                                 6E1T 
_refine.pdbx_refine_id                           'X-RAY DIFFRACTION' 
_refine.ls_abs_structure_details                 ? 
_refine.ls_abs_structure_Flack                   ? 
_refine.ls_abs_structure_Flack_esd               ? 
_refine.ls_abs_structure_Rogers                  ? 
_refine.ls_abs_structure_Rogers_esd              ? 
_refine.ls_d_res_high                            1.8000 
_refine.ls_d_res_low                             57.5270 
_refine.ls_extinction_coef                       ? 
_refine.ls_extinction_coef_esd                   ? 
_refine.ls_extinction_expression                 ? 
_refine.ls_extinction_method                     ? 
_refine.ls_goodness_of_fit_all                   ? 
_refine.ls_goodness_of_fit_all_esd               ? 
_refine.ls_goodness_of_fit_obs                   ? 
_refine.ls_goodness_of_fit_obs_esd               ? 
_refine.ls_hydrogen_treatment                    ? 
_refine.ls_matrix_type                           ? 
_refine.ls_number_constraints                    ? 
_refine.ls_number_parameters                     ? 
_refine.ls_number_reflns_all                     ? 
_refine.ls_number_reflns_obs                     21663 
_refine.ls_number_reflns_R_free                  1082 
_refine.ls_number_reflns_R_work                  ? 
_refine.ls_number_restraints                     ? 
_refine.ls_percent_reflns_obs                    99.5100 
_refine.ls_percent_reflns_R_free                 4.9900 
_refine.ls_R_factor_all                          ? 
_refine.ls_R_factor_obs                          0.1956 
_refine.ls_R_factor_R_free                       0.2047 
_refine.ls_R_factor_R_free_error                 ? 
_refine.ls_R_factor_R_free_error_details         ? 
_refine.ls_R_factor_R_work                       0.1951 
_refine.ls_R_Fsqd_factor_obs                     ? 
_refine.ls_R_I_factor_obs                        ? 
_refine.ls_redundancy_reflns_all                 ? 
_refine.ls_redundancy_reflns_obs                 ? 
_refine.ls_restrained_S_all                      ? 
_refine.ls_restrained_S_obs                      ? 
_refine.ls_shift_over_esd_max                    ? 
_refine.ls_shift_over_esd_mean                   ? 
_refine.ls_structure_factor_coef                 ? 
_refine.ls_weighting_details                     ? 
_refine.ls_weighting_scheme                      ? 
_refine.ls_wR_factor_all                         ? 
_refine.ls_wR_factor_obs                         ? 
_refine.ls_wR_factor_R_free                      ? 
_refine.ls_wR_factor_R_work                      ? 
_refine.occupancy_max                            ? 
_refine.occupancy_min                            ? 
_refine.solvent_model_details                    ? 
_refine.solvent_model_param_bsol                 ? 
_refine.solvent_model_param_ksol                 ? 
_refine.ls_R_factor_gt                           ? 
_refine.ls_goodness_of_fit_gt                    ? 
_refine.ls_goodness_of_fit_ref                   ? 
_refine.ls_shift_over_su_max                     ? 
_refine.ls_shift_over_su_max_lt                  ? 
_refine.ls_shift_over_su_mean                    ? 
_refine.ls_shift_over_su_mean_lt                 ? 
_refine.pdbx_ls_sigma_I                          ? 
_refine.pdbx_ls_sigma_F                          1.350 
_refine.pdbx_ls_sigma_Fsqd                       ? 
_refine.pdbx_data_cutoff_high_absF               ? 
_refine.pdbx_data_cutoff_high_rms_absF           ? 
_refine.pdbx_data_cutoff_low_absF                ? 
_refine.pdbx_isotropic_thermal_model             ? 
_refine.pdbx_ls_cross_valid_method               THROUGHOUT 
_refine.pdbx_method_to_determine_struct          'MOLECULAR REPLACEMENT' 
_refine.pdbx_starting_model                      3Q50 
_refine.pdbx_stereochemistry_target_values       ? 
_refine.pdbx_R_Free_selection_details            ? 
_refine.pdbx_stereochem_target_val_spec_case     ? 
_refine.pdbx_overall_ESU_R                       ? 
_refine.pdbx_overall_ESU_R_Free                  ? 
_refine.pdbx_solvent_vdw_probe_radii             1.1100 
_refine.pdbx_solvent_ion_probe_radii             ? 
_refine.pdbx_solvent_shrinkage_radii             0.9000 
_refine.pdbx_real_space_R                        ? 
_refine.pdbx_density_correlation                 ? 
_refine.pdbx_pd_number_of_powder_patterns        ? 
_refine.pdbx_pd_number_of_points                 ? 
_refine.pdbx_pd_meas_number_of_points            ? 
_refine.pdbx_pd_proc_ls_prof_R_factor            ? 
_refine.pdbx_pd_proc_ls_prof_wR_factor           ? 
_refine.pdbx_pd_Marquardt_correlation_coeff      ? 
_refine.pdbx_pd_Fsqrd_R_factor                   ? 
_refine.pdbx_pd_ls_matrix_band_width             ? 
_refine.pdbx_overall_phase_error                 27.2400 
_refine.pdbx_overall_SU_R_free_Cruickshank_DPI   ? 
_refine.pdbx_overall_SU_R_free_Blow_DPI          ? 
_refine.pdbx_overall_SU_R_Blow_DPI               ? 
_refine.pdbx_TLS_residual_ADP_flag               ? 
_refine.pdbx_diffrn_id                           1 
_refine.overall_SU_B                             ? 
_refine.overall_SU_ML                            0.2400 
_refine.overall_SU_R_Cruickshank_DPI             ? 
_refine.overall_SU_R_free                        ? 
_refine.overall_FOM_free_R_set                   ? 
_refine.overall_FOM_work_R_set                   ? 
_refine.pdbx_average_fsc_overall                 ? 
_refine.pdbx_average_fsc_work                    ? 
_refine.pdbx_average_fsc_free                    ? 
# 
_refine_hist.cycle_id                         final 
_refine_hist.pdbx_refine_id                   'X-RAY DIFFRACTION' 
_refine_hist.d_res_high                       1.8000 
_refine_hist.d_res_low                        57.5270 
_refine_hist.pdbx_number_atoms_ligand         33 
_refine_hist.number_atoms_solvent             83 
_refine_hist.number_atoms_total               790 
_refine_hist.pdbx_number_residues_total       33 
_refine_hist.pdbx_B_iso_mean_ligand           61.90 
_refine_hist.pdbx_B_iso_mean_solvent          47.21 
_refine_hist.pdbx_number_atoms_protein        0 
_refine_hist.pdbx_number_atoms_nucleic_acid   674 
# 
loop_
_refine_ls_restr.pdbx_refine_id 
_refine_ls_restr.criterion 
_refine_ls_restr.dev_ideal 
_refine_ls_restr.dev_ideal_target 
_refine_ls_restr.number 
_refine_ls_restr.rejects 
_refine_ls_restr.type 
_refine_ls_restr.weight 
_refine_ls_restr.pdbx_restraint_function 
'X-RAY DIFFRACTION' ? 0.005  ? 784  ? f_bond_d           ? ? 
'X-RAY DIFFRACTION' ? 0.957  ? 1213 ? f_angle_d          ? ? 
'X-RAY DIFFRACTION' ? 0.042  ? 158  ? f_chiral_restr     ? ? 
'X-RAY DIFFRACTION' ? 0.011  ? 31   ? f_plane_restr      ? ? 
'X-RAY DIFFRACTION' ? 14.950 ? 399  ? f_dihedral_angle_d ? ? 
# 
loop_
_refine_ls_shell.pdbx_refine_id 
_refine_ls_shell.d_res_high 
_refine_ls_shell.d_res_low 
_refine_ls_shell.number_reflns_all 
_refine_ls_shell.number_reflns_obs 
_refine_ls_shell.number_reflns_R_free 
_refine_ls_shell.number_reflns_R_work 
_refine_ls_shell.percent_reflns_obs 
_refine_ls_shell.percent_reflns_R_free 
_refine_ls_shell.R_factor_all 
_refine_ls_shell.R_factor_obs 
_refine_ls_shell.R_factor_R_free 
_refine_ls_shell.R_factor_R_free_error 
_refine_ls_shell.R_factor_R_work 
_refine_ls_shell.redundancy_reflns_all 
_refine_ls_shell.redundancy_reflns_obs 
_refine_ls_shell.wR_factor_all 
_refine_ls_shell.wR_factor_obs 
_refine_ls_shell.wR_factor_R_free 
_refine_ls_shell.wR_factor_R_work 
_refine_ls_shell.pdbx_total_number_of_bins_used 
_refine_ls_shell.pdbx_phase_error 
_refine_ls_shell.pdbx_fsc_work 
_refine_ls_shell.pdbx_fsc_free 
'X-RAY DIFFRACTION' 1.8001 1.8820  2627 . 131 2496 99.0000  . . . 0.3846 0.0000 0.3676 . . . . . . 8 . . . 
'X-RAY DIFFRACTION' 1.8820 1.9813  2635 . 142 2493 99.0000  . . . 0.3418 0.0000 0.3263 . . . . . . 8 . . . 
'X-RAY DIFFRACTION' 1.9813 2.1054  2662 . 132 2530 99.0000  . . . 0.3123 0.0000 0.3174 . . . . . . 8 . . . 
'X-RAY DIFFRACTION' 2.1054 2.2680  2669 . 132 2537 99.0000  . . . 0.3057 0.0000 0.2847 . . . . . . 8 . . . 
'X-RAY DIFFRACTION' 2.2680 2.4962  2680 . 132 2548 100.0000 . . . 0.2687 0.0000 0.2748 . . . . . . 8 . . . 
'X-RAY DIFFRACTION' 2.4962 2.8574  2710 . 125 2585 100.0000 . . . 0.2819 0.0000 0.2614 . . . . . . 8 . . . 
'X-RAY DIFFRACTION' 2.8574 3.5999  2757 . 143 2614 100.0000 . . . 0.1967 0.0000 0.1697 . . . . . . 8 . . . 
'X-RAY DIFFRACTION' 3.5999 57.5564 2923 . 145 2778 100.0000 . . . 0.1238 0.0000 0.1233 . . . . . . 8 . . . 
# 
_struct.entry_id                     6E1T 
_struct.title                        
'Crystal structure of a class I PreQ1 riboswitch complexed with a synthetic compound 1: 2-[(dibenzo[b,d]furan-2-yl)oxy]ethan-1-amine' 
_struct.pdbx_model_details           ? 
_struct.pdbx_formula_weight          ? 
_struct.pdbx_formula_weight_method   ? 
_struct.pdbx_model_type_details      ? 
_struct.pdbx_CASP_flag               N 
# 
_struct_keywords.entry_id        6E1T 
_struct_keywords.text            'PreQ1 riboswitch, Synthetic compound, Complex, RNA' 
_struct_keywords.pdbx_keywords   RNA 
# 
loop_
_struct_asym.id 
_struct_asym.pdbx_blank_PDB_chainid_flag 
_struct_asym.pdbx_modified 
_struct_asym.entity_id 
_struct_asym.details 
A N N 1 ? 
B N N 2 ? 
C N N 3 ? 
D N N 4 ? 
E N N 4 ? 
F N N 4 ? 
G N N 4 ? 
H N N 5 ? 
# 
loop_
_struct_conn.id 
_struct_conn.conn_type_id 
_struct_conn.pdbx_leaving_atom_flag 
_struct_conn.pdbx_PDB_id 
_struct_conn.ptnr1_label_asym_id 
_struct_conn.ptnr1_label_comp_id 
_struct_conn.ptnr1_label_seq_id 
_struct_conn.ptnr1_label_atom_id 
_struct_conn.pdbx_ptnr1_label_alt_id 
_struct_conn.pdbx_ptnr1_PDB_ins_code 
_struct_conn.pdbx_ptnr1_standard_comp_id 
_struct_conn.ptnr1_symmetry 
_struct_conn.ptnr2_label_asym_id 
_struct_conn.ptnr2_label_comp_id 
_struct_conn.ptnr2_label_seq_id 
_struct_conn.ptnr2_label_atom_id 
_struct_conn.pdbx_ptnr2_label_alt_id 
_struct_conn.pdbx_ptnr2_PDB_ins_code 
_struct_conn.ptnr1_auth_asym_id 
_struct_conn.ptnr1_auth_comp_id 
_struct_conn.ptnr1_auth_seq_id 
_struct_conn.ptnr2_auth_asym_id 
_struct_conn.ptnr2_auth_comp_id 
_struct_conn.ptnr2_auth_seq_id 
_struct_conn.ptnr2_symmetry 
_struct_conn.pdbx_ptnr3_label_atom_id 
_struct_conn.pdbx_ptnr3_label_seq_id 
_struct_conn.pdbx_ptnr3_label_comp_id 
_struct_conn.pdbx_ptnr3_label_asym_id 
_struct_conn.pdbx_ptnr3_label_alt_id 
_struct_conn.pdbx_ptnr3_PDB_ins_code 
_struct_conn.details 
_struct_conn.pdbx_dist_value 
_struct_conn.pdbx_value_order 
_struct_conn.pdbx_role 
covale1  covale both ? A U  12 "O3'" ? ? ? 1_555 A N   13 P  ? ? A U  12  A N   13  1_555 ? ? ? ? ? ? ?             1.614 ? ? 
covale2  covale both ? A N  13 "O3'" ? ? ? 1_555 A N   14 P  ? ? A N  13  A N   14  1_555 ? ? ? ? ? ? ?             1.609 ? ? 
covale3  covale both ? A N  14 "O3'" ? ? ? 1_555 A N   15 P  ? ? A N  14  A N   15  1_555 ? ? ? ? ? ? ?             1.608 ? ? 
covale4  covale both ? A N  15 "O3'" ? ? ? 1_555 A C   16 P  ? ? A N  15  A C   16  1_555 ? ? ? ? ? ? ?             1.603 ? ? 
metalc1  metalc ?    ? A G  5  OP2   ? ? ? 1_555 E MG  .  MG ? ? A G  5   A MG  104 1_555 ? ? ? ? ? ? ?             2.331 ? ? 
metalc2  metalc ?    ? A C  7  OP2   ? ? ? 1_555 F MG  .  MG ? ? A C  7   A MG  105 1_555 ? ? ? ? ? ? ?             2.202 ? ? 
metalc3  metalc ?    ? A A  10 OP2   ? ? ? 1_555 D MG  .  MG ? ? A A  10  A MG  103 1_555 ? ? ? ? ? ? ?             2.482 ? ? 
metalc4  metalc ?    ? A A  28 OP2   ? ? ? 1_555 G MG  .  MG ? ? A A  28  A MG  106 1_555 ? ? ? ? ? ? ?             2.428 ? ? 
metalc5  metalc ?    ? E MG .  MG    ? ? ? 1_555 H HOH .  O  ? ? A MG 104 A HOH 274 1_555 ? ? ? ? ? ? ?             2.614 ? ? 
hydrog1  hydrog ?    ? A C  1  N3    ? ? ? 1_555 A G   20 N1 ? ? A C  1   A G   20  1_555 ? ? ? ? ? ? WATSON-CRICK  ?     ? ? 
hydrog2  hydrog ?    ? A C  1  N4    ? ? ? 1_555 A G   20 O6 ? ? A C  1   A G   20  1_555 ? ? ? ? ? ? WATSON-CRICK  ?     ? ? 
hydrog3  hydrog ?    ? A C  1  O2    ? ? ? 1_555 A G   20 N2 ? ? A C  1   A G   20  1_555 ? ? ? ? ? ? WATSON-CRICK  ?     ? ? 
hydrog4  hydrog ?    ? A U  2  N3    ? ? ? 1_555 A A   19 N1 ? ? A U  2   A A   19  1_555 ? ? ? ? ? ? WATSON-CRICK  ?     ? ? 
hydrog5  hydrog ?    ? A U  2  O4    ? ? ? 1_555 A A   19 N6 ? ? A U  2   A A   19  1_555 ? ? ? ? ? ? WATSON-CRICK  ?     ? ? 
hydrog6  hydrog ?    ? A G  3  N1    ? ? ? 1_555 A C   18 N3 ? ? A G  3   A C   18  1_555 ? ? ? ? ? ? WATSON-CRICK  ?     ? ? 
hydrog7  hydrog ?    ? A G  3  N2    ? ? ? 1_555 A C   18 O2 ? ? A G  3   A C   18  1_555 ? ? ? ? ? ? WATSON-CRICK  ?     ? ? 
hydrog8  hydrog ?    ? A G  3  O6    ? ? ? 1_555 A C   18 N4 ? ? A G  3   A C   18  1_555 ? ? ? ? ? ? WATSON-CRICK  ?     ? ? 
hydrog9  hydrog ?    ? A G  4  N1    ? ? ? 1_555 A C   17 N3 ? ? A G  4   A C   17  1_555 ? ? ? ? ? ? WATSON-CRICK  ?     ? ? 
hydrog10 hydrog ?    ? A G  4  N2    ? ? ? 1_555 A C   17 O2 ? ? A G  4   A C   17  1_555 ? ? ? ? ? ? WATSON-CRICK  ?     ? ? 
hydrog11 hydrog ?    ? A G  4  O6    ? ? ? 1_555 A C   17 N4 ? ? A G  4   A C   17  1_555 ? ? ? ? ? ? WATSON-CRICK  ?     ? ? 
hydrog12 hydrog ?    ? A G  5  N1    ? ? ? 1_555 A C   16 N3 ? ? A G  5   A C   16  1_555 ? ? ? ? ? ? WATSON-CRICK  ?     ? ? 
hydrog13 hydrog ?    ? A G  5  N2    ? ? ? 1_555 A C   16 O2 ? ? A G  5   A C   16  1_555 ? ? ? ? ? ? WATSON-CRICK  ?     ? ? 
hydrog14 hydrog ?    ? A G  5  O6    ? ? ? 1_555 A C   16 N4 ? ? A G  5   A C   16  1_555 ? ? ? ? ? ? WATSON-CRICK  ?     ? ? 
hydrog15 hydrog ?    ? A G  5  N2    ? ? ? 1_555 A A   27 N1 ? ? A G  5   A A   27  1_555 ? ? ? ? ? ? TYPE_10_PAIR  ?     ? ? 
hydrog16 hydrog ?    ? A G  5  N3    ? ? ? 1_555 A A   27 N6 ? ? A G  5   A A   27  1_555 ? ? ? ? ? ? TYPE_10_PAIR  ?     ? ? 
hydrog17 hydrog ?    ? A U  6  N3    ? ? ? 1_555 A A   28 N7 ? ? A U  6   A A   28  1_555 ? ? ? ? ? ? HOOGSTEEN     ?     ? ? 
hydrog18 hydrog ?    ? A U  6  O4    ? ? ? 1_555 A A   28 N6 ? ? A U  6   A A   28  1_555 ? ? ? ? ? ? HOOGSTEEN     ?     ? ? 
hydrog19 hydrog ?    ? A C  7  N4    ? ? ? 1_555 A G   11 N7 ? ? A C  7   A G   11  1_555 ? ? ? ? ? ? 'C-G PAIR'    ?     ? ? 
hydrog20 hydrog ?    ? A C  7  O2    ? ? ? 1_555 A A   29 N6 ? ? A C  7   A A   29  1_555 ? ? ? ? ? ? 'C-A MISPAIR' ?     ? ? 
hydrog21 hydrog ?    ? A C  7  O2    ? ? ? 1_555 A C   30 N4 ? ? A C  7   A C   30  1_555 ? ? ? ? ? ? 'C-C MISPAIR' ?     ? ? 
hydrog22 hydrog ?    ? A G  8  N2    ? ? ? 1_555 A A   31 N1 ? ? A G  8   A A   31  1_555 ? ? ? ? ? ? TYPE_10_PAIR  ?     ? ? 
hydrog23 hydrog ?    ? A G  8  N3    ? ? ? 1_555 A A   31 N6 ? ? A G  8   A A   31  1_555 ? ? ? ? ? ? TYPE_10_PAIR  ?     ? ? 
hydrog24 hydrog ?    ? A C  9  N3    ? ? ? 1_555 A G   33 N1 ? ? A C  9   A G   33  1_555 ? ? ? ? ? ? WATSON-CRICK  ?     ? ? 
hydrog25 hydrog ?    ? A C  9  N4    ? ? ? 1_555 A G   33 O6 ? ? A C  9   A G   33  1_555 ? ? ? ? ? ? WATSON-CRICK  ?     ? ? 
hydrog26 hydrog ?    ? A C  9  O2    ? ? ? 1_555 A G   33 N2 ? ? A C  9   A G   33  1_555 ? ? ? ? ? ? WATSON-CRICK  ?     ? ? 
hydrog27 hydrog ?    ? A A  10 N3    ? ? ? 1_555 A A   32 N6 ? ? A A  10  A A   32  1_555 ? ? ? ? ? ? 'A-A MISPAIR' ?     ? ? 
hydrog28 hydrog ?    ? A G  11 N1    ? ? ? 1_555 A C   30 N3 ? ? A G  11  A C   30  1_555 ? ? ? ? ? ? WATSON-CRICK  ?     ? ? 
hydrog29 hydrog ?    ? A G  11 N2    ? ? ? 1_555 A C   30 O2 ? ? A G  11  A C   30  1_555 ? ? ? ? ? ? WATSON-CRICK  ?     ? ? 
hydrog30 hydrog ?    ? A G  11 O6    ? ? ? 1_555 A C   30 N4 ? ? A G  11  A C   30  1_555 ? ? ? ? ? ? WATSON-CRICK  ?     ? ? 
hydrog31 hydrog ?    ? A C  16 O2    ? ? ? 1_555 A A   28 N6 ? ? A C  16  A A   28  1_555 ? ? ? ? ? ? 'C-A MISPAIR' ?     ? ? 
hydrog32 hydrog ?    ? A C  17 O2    ? ? ? 1_555 A A   26 N6 ? ? A C  17  A A   26  1_555 ? ? ? ? ? ? 'C-A MISPAIR' ?     ? ? 
# 
loop_
_struct_conn_type.id 
_struct_conn_type.criteria 
_struct_conn_type.reference 
covale ? ? 
metalc ? ? 
hydrog ? ? 
# 
loop_
_struct_site.id 
_struct_site.pdbx_evidence_code 
_struct_site.pdbx_auth_asym_id 
_struct_site.pdbx_auth_comp_id 
_struct_site.pdbx_auth_seq_id 
_struct_site.pdbx_auth_ins_code 
_struct_site.pdbx_num_residues 
_struct_site.details 
AC1 Software A MES 101 ? 7  'binding site for residue MES A 101' 
AC2 Software A HLV 102 ? 10 'binding site for residue HLV A 102' 
AC3 Software A MG  103 ? 3  'binding site for residue MG A 103'  
AC4 Software A MG  104 ? 4  'binding site for residue MG A 104'  
AC5 Software A MG  105 ? 2  'binding site for residue MG A 105'  
AC6 Software A MG  106 ? 3  'binding site for residue MG A 106'  
# 
loop_
_struct_site_gen.id 
_struct_site_gen.site_id 
_struct_site_gen.pdbx_num_res 
_struct_site_gen.label_comp_id 
_struct_site_gen.label_asym_id 
_struct_site_gen.label_seq_id 
_struct_site_gen.pdbx_auth_ins_code 
_struct_site_gen.auth_comp_id 
_struct_site_gen.auth_asym_id 
_struct_site_gen.auth_seq_id 
_struct_site_gen.label_atom_id 
_struct_site_gen.label_alt_id 
_struct_site_gen.symmetry 
_struct_site_gen.details 
1  AC1 7  G   A 11 ? G   A 11  . ? 1_555  ? 
2  AC1 7  U   A 12 ? U   A 12  . ? 10_665 ? 
3  AC1 7  N   A 13 ? N   A 13  . ? 10_665 ? 
4  AC1 7  N   A 15 ? N   A 15  . ? 1_555  ? 
5  AC1 7  A   A 31 ? A   A 31  . ? 1_555  ? 
6  AC1 7  A   A 32 ? A   A 32  . ? 1_555  ? 
7  AC1 7  HOH H .  ? HOH A 258 . ? 1_555  ? 
8  AC2 10 G   A 5  ? G   A 5   . ? 1_555  ? 
9  AC2 10 U   A 6  ? U   A 6   . ? 1_555  ? 
10 AC2 10 C   A 7  ? C   A 7   . ? 1_555  ? 
11 AC2 10 G   A 11 ? G   A 11  . ? 1_555  ? 
12 AC2 10 N   A 14 ? N   A 14  . ? 1_555  ? 
13 AC2 10 N   A 15 ? N   A 15  . ? 1_555  ? 
14 AC2 10 C   A 16 ? C   A 16  . ? 1_555  ? 
15 AC2 10 A   A 29 ? A   A 29  . ? 1_555  ? 
16 AC2 10 MG  E .  ? MG  A 104 . ? 1_555  ? 
17 AC2 10 HOH H .  ? HOH A 206 . ? 1_555  ? 
18 AC3 3  G   A 8  ? G   A 8   . ? 1_555  ? 
19 AC3 3  C   A 9  ? C   A 9   . ? 1_555  ? 
20 AC3 3  A   A 10 ? A   A 10  . ? 1_555  ? 
21 AC4 4  G   A 4  ? G   A 4   . ? 1_555  ? 
22 AC4 4  G   A 5  ? G   A 5   . ? 1_555  ? 
23 AC4 4  HLV C .  ? HLV A 102 . ? 1_555  ? 
24 AC4 4  HOH H .  ? HOH A 274 . ? 1_555  ? 
25 AC5 2  U   A 6  ? U   A 6   . ? 1_555  ? 
26 AC5 2  C   A 7  ? C   A 7   . ? 1_555  ? 
27 AC6 3  U   A 6  ? U   A 6   . ? 1_555  ? 
28 AC6 3  C   A 7  ? C   A 7   . ? 1_555  ? 
29 AC6 3  A   A 28 ? A   A 28  . ? 1_555  ? 
# 
_atom_sites.entry_id                    6E1T 
_atom_sites.fract_transf_matrix[1][1]   0.00506202 
_atom_sites.fract_transf_matrix[1][2]   -0.00858198 
_atom_sites.fract_transf_matrix[1][3]   -0.00120700 
_atom_sites.fract_transf_matrix[2][1]   0.00349975 
_atom_sites.fract_transf_matrix[2][2]   -0.00493047 
_atom_sites.fract_transf_matrix[2][3]   0.00801021 
_atom_sites.fract_transf_matrix[3][1]   -0.01456422 
_atom_sites.fract_transf_matrix[3][2]   -0.00872982 
_atom_sites.fract_transf_matrix[3][3]   0.00098988 
_atom_sites.fract_transf_vector[1]      0.512021 
_atom_sites.fract_transf_vector[2]      0.384853 
_atom_sites.fract_transf_vector[3]      0.459631 
# 
loop_
_atom_type.symbol 
C  
MG 
N  
O  
P  
S  
# 
loop_
_atom_site.group_PDB 
_atom_site.id 
_atom_site.type_symbol 
_atom_site.label_atom_id 
_atom_site.label_alt_id 
_atom_site.label_comp_id 
_atom_site.label_asym_id 
_atom_site.label_entity_id 
_atom_site.label_seq_id 
_atom_site.pdbx_PDB_ins_code 
_atom_site.Cartn_x 
_atom_site.Cartn_y 
_atom_site.Cartn_z 
_atom_site.occupancy 
_atom_site.B_iso_or_equiv 
_atom_site.pdbx_formal_charge 
_atom_site.auth_seq_id 
_atom_site.auth_comp_id 
_atom_site.auth_asym_id 
_atom_site.auth_atom_id 
_atom_site.pdbx_PDB_model_num 
ATOM   1   O  "O5'" . C   A 1 1  ? 7.698   -1.290  14.096  1.00 68.40  ? 1   C   A "O5'" 1 
ATOM   2   C  "C5'" . C   A 1 1  ? 7.509   -2.309  13.120  1.00 62.42  ? 1   C   A "C5'" 1 
ATOM   3   C  "C4'" . C   A 1 1  ? 6.775   -3.489  13.704  1.00 56.51  ? 1   C   A "C4'" 1 
ATOM   4   O  "O4'" . C   A 1 1  ? 5.739   -3.010  14.603  1.00 55.39  ? 1   C   A "O4'" 1 
ATOM   5   C  "C3'" . C   A 1 1  ? 6.039   -4.386  12.715  1.00 51.85  ? 1   C   A "C3'" 1 
ATOM   6   O  "O3'" . C   A 1 1  ? 6.891   -5.358  12.115  1.00 37.16  ? 1   C   A "O3'" 1 
ATOM   7   C  "C2'" . C   A 1 1  ? 4.937   -4.984  13.579  1.00 52.93  ? 1   C   A "C2'" 1 
ATOM   8   O  "O2'" . C   A 1 1  ? 5.471   -6.008  14.400  1.00 59.16  ? 1   C   A "O2'" 1 
ATOM   9   C  "C1'" . C   A 1 1  ? 4.579   -3.799  14.479  1.00 47.24  ? 1   C   A "C1'" 1 
ATOM   10  N  N1    . C   A 1 1  ? 3.522   -2.938  13.899  1.00 34.79  ? 1   C   A N1    1 
ATOM   11  C  C2    . C   A 1 1  ? 2.177   -3.343  13.873  1.00 41.12  ? 1   C   A C2    1 
ATOM   12  O  O2    . C   A 1 1  ? 1.852   -4.431  14.368  1.00 42.92  ? 1   C   A O2    1 
ATOM   13  N  N3    . C   A 1 1  ? 1.248   -2.519  13.337  1.00 36.26  ? 1   C   A N3    1 
ATOM   14  C  C4    . C   A 1 1  ? 1.595   -1.354  12.801  1.00 26.81  ? 1   C   A C4    1 
ATOM   15  N  N4    . C   A 1 1  ? 0.622   -0.601  12.290  1.00 30.26  ? 1   C   A N4    1 
ATOM   16  C  C5    . C   A 1 1  ? 2.948   -0.896  12.808  1.00 32.73  ? 1   C   A C5    1 
ATOM   17  C  C6    . C   A 1 1  ? 3.856   -1.723  13.349  1.00 34.04  ? 1   C   A C6    1 
ATOM   18  P  P     . U   A 1 2  ? 6.704   -5.829  10.586  1.00 49.97  ? 2   U   A P     1 
ATOM   19  O  OP1   . U   A 1 2  ? 7.788   -6.787  10.256  1.00 52.83  ? 2   U   A OP1   1 
ATOM   20  O  OP2   . U   A 1 2  ? 6.515   -4.668  9.682   1.00 40.49  ? 2   U   A OP2   1 
ATOM   21  O  "O5'" . U   A 1 2  ? 5.327   -6.645  10.599  1.00 46.27  ? 2   U   A "O5'" 1 
ATOM   22  C  "C5'" . U   A 1 2  ? 5.164   -7.825  11.377  1.00 40.45  ? 2   U   A "C5'" 1 
ATOM   23  C  "C4'" . U   A 1 2  ? 3.721   -8.276  11.372  1.00 32.14  ? 2   U   A "C4'" 1 
ATOM   24  O  "O4'" . U   A 1 2  ? 2.911   -7.279  12.050  1.00 48.10  ? 2   U   A "O4'" 1 
ATOM   25  C  "C3'" . U   A 1 2  ? 3.078   -8.393  9.999   1.00 39.55  ? 2   U   A "C3'" 1 
ATOM   26  O  "O3'" . U   A 1 2  ? 3.409   -9.589  9.303   1.00 41.67  ? 2   U   A "O3'" 1 
ATOM   27  C  "C2'" . U   A 1 2  ? 1.596   -8.223  10.319  1.00 38.94  ? 2   U   A "C2'" 1 
ATOM   28  O  "O2'" . U   A 1 2  ? 1.064   -9.388  10.936  1.00 38.03  ? 2   U   A "O2'" 1 
ATOM   29  C  "C1'" . U   A 1 2  ? 1.662   -7.150  11.401  1.00 45.38  ? 2   U   A "C1'" 1 
ATOM   30  N  N1    . U   A 1 2  ? 1.544   -5.778  10.852  1.00 37.97  ? 2   U   A N1    1 
ATOM   31  C  C2    . U   A 1 2  ? 0.274   -5.341  10.540  1.00 35.25  ? 2   U   A C2    1 
ATOM   32  O  O2    . U   A 1 2  ? -0.726  -6.031  10.678  1.00 33.88  ? 2   U   A O2    1 
ATOM   33  N  N3    . U   A 1 2  ? 0.197   -4.070  10.055  1.00 27.81  ? 2   U   A N3    1 
ATOM   34  C  C4    . U   A 1 2  ? 1.247   -3.189  9.869   1.00 31.79  ? 2   U   A C4    1 
ATOM   35  O  O4    . U   A 1 2  ? 0.991   -2.072  9.428   1.00 28.26  ? 2   U   A O4    1 
ATOM   36  C  C5    . U   A 1 2  ? 2.544   -3.704  10.206  1.00 32.21  ? 2   U   A C5    1 
ATOM   37  C  C6    . U   A 1 2  ? 2.641   -4.951  10.692  1.00 37.08  ? 2   U   A C6    1 
ATOM   38  P  P     . G   A 1 3  ? 3.486   -9.583  7.692   1.00 46.15  ? 3   G   A P     1 
ATOM   39  O  OP1   . G   A 1 3  ? 3.943   -10.926 7.263   1.00 55.02  ? 3   G   A OP1   1 
ATOM   40  O  OP2   . G   A 1 3  ? 4.187   -8.364  7.190   1.00 45.70  ? 3   G   A OP2   1 
ATOM   41  O  "O5'" . G   A 1 3  ? 1.971   -9.441  7.222   1.00 50.70  ? 3   G   A "O5'" 1 
ATOM   42  C  "C5'" . G   A 1 3  ? 1.065   -10.526 7.348   1.00 44.15  ? 3   G   A "C5'" 1 
ATOM   43  C  "C4'" . G   A 1 3  ? -0.322  -10.132 6.911   1.00 34.00  ? 3   G   A "C4'" 1 
ATOM   44  O  "O4'" . G   A 1 3  ? -0.810  -9.039  7.740   1.00 38.41  ? 3   G   A "O4'" 1 
ATOM   45  C  "C3'" . G   A 1 3  ? -0.471  -9.587  5.498   1.00 37.32  ? 3   G   A "C3'" 1 
ATOM   46  O  "O3'" . G   A 1 3  ? -0.442  -10.583 4.486   1.00 42.77  ? 3   G   A "O3'" 1 
ATOM   47  C  "C2'" . G   A 1 3  ? -1.803  -8.861  5.596   1.00 34.96  ? 3   G   A "C2'" 1 
ATOM   48  O  "O2'" . G   A 1 3  ? -2.863  -9.813  5.670   1.00 39.76  ? 3   G   A "O2'" 1 
ATOM   49  C  "C1'" . G   A 1 3  ? -1.671  -8.217  6.975   1.00 35.00  ? 3   G   A "C1'" 1 
ATOM   50  N  N9    . G   A 1 3  ? -1.115  -6.857  6.891   1.00 36.84  ? 3   G   A N9    1 
ATOM   51  C  C8    . G   A 1 3  ? 0.182   -6.461  7.154   1.00 29.72  ? 3   G   A C8    1 
ATOM   52  N  N7    . G   A 1 3  ? 0.361   -5.185  6.968   1.00 31.78  ? 3   G   A N7    1 
ATOM   53  C  C5    . G   A 1 3  ? -0.881  -4.697  6.568   1.00 32.23  ? 3   G   A C5    1 
ATOM   54  C  C6    . G   A 1 3  ? -1.288  -3.375  6.230   1.00 37.95  ? 3   G   A C6    1 
ATOM   55  O  O6    . G   A 1 3  ? -0.620  -2.320  6.217   1.00 27.69  ? 3   G   A O6    1 
ATOM   56  N  N1    . G   A 1 3  ? -2.627  -3.333  5.858   1.00 28.14  ? 3   G   A N1    1 
ATOM   57  C  C2    . G   A 1 3  ? -3.478  -4.417  5.843   1.00 28.75  ? 3   G   A C2    1 
ATOM   58  N  N2    . G   A 1 3  ? -4.740  -4.168  5.458   1.00 28.94  ? 3   G   A N2    1 
ATOM   59  N  N3    . G   A 1 3  ? -3.100  -5.644  6.161   1.00 29.37  ? 3   G   A N3    1 
ATOM   60  C  C4    . G   A 1 3  ? -1.799  -5.722  6.507   1.00 39.08  ? 3   G   A C4    1 
ATOM   61  P  P     . G   A 1 4  ? 0.214   -10.272 3.052   1.00 50.48  ? 4   G   A P     1 
ATOM   62  O  OP1   . G   A 1 4  ? 0.380   -11.581 2.387   1.00 49.42  ? 4   G   A OP1   1 
ATOM   63  O  OP2   . G   A 1 4  ? 1.381   -9.357  3.192   1.00 43.18  ? 4   G   A OP2   1 
ATOM   64  O  "O5'" . G   A 1 4  ? -0.869  -9.403  2.267   1.00 40.23  ? 4   G   A "O5'" 1 
ATOM   65  C  "C5'" . G   A 1 4  ? -2.139  -9.939  1.935   1.00 47.39  ? 4   G   A "C5'" 1 
ATOM   66  C  "C4'" . G   A 1 4  ? -3.171  -8.856  1.760   1.00 41.90  ? 4   G   A "C4'" 1 
ATOM   67  O  "O4'" . G   A 1 4  ? -3.157  -7.955  2.902   1.00 40.29  ? 4   G   A "O4'" 1 
ATOM   68  C  "C3'" . G   A 1 4  ? -2.999  -7.920  0.578   1.00 41.37  ? 4   G   A "C3'" 1 
ATOM   69  O  "O3'" . G   A 1 4  ? -3.395  -8.489  -0.654  1.00 49.13  ? 4   G   A "O3'" 1 
ATOM   70  C  "C2'" . G   A 1 4  ? -3.860  -6.741  1.002   1.00 41.20  ? 4   G   A "C2'" 1 
ATOM   71  O  "O2'" . G   A 1 4  ? -5.240  -7.076  0.918   1.00 42.01  ? 4   G   A "O2'" 1 
ATOM   72  C  "C1'" . G   A 1 4  ? -3.508  -6.656  2.480   1.00 32.71  ? 4   G   A "C1'" 1 
ATOM   73  N  N9    . G   A 1 4  ? -2.366  -5.753  2.704   1.00 36.54  ? 4   G   A N9    1 
ATOM   74  C  C8    . G   A 1 4  ? -1.082  -6.069  3.075   1.00 37.20  ? 4   G   A C8    1 
ATOM   75  N  N7    . G   A 1 4  ? -0.327  -5.003  3.206   1.00 40.55  ? 4   G   A N7    1 
ATOM   76  C  C5    . G   A 1 4  ? -1.160  -3.933  2.903   1.00 35.80  ? 4   G   A C5    1 
ATOM   77  C  C6    . G   A 1 4  ? -0.919  -2.536  2.883   1.00 34.31  ? 4   G   A C6    1 
ATOM   78  O  O6    . G   A 1 4  ? 0.136   -1.944  3.126   1.00 32.21  ? 4   G   A O6    1 
ATOM   79  N  N1    . G   A 1 4  ? -2.060  -1.812  2.536   1.00 29.83  ? 4   G   A N1    1 
ATOM   80  C  C2    . G   A 1 4  ? -3.284  -2.363  2.242   1.00 30.44  ? 4   G   A C2    1 
ATOM   81  N  N2    . G   A 1 4  ? -4.281  -1.527  1.910   1.00 30.18  ? 4   G   A N2    1 
ATOM   82  N  N3    . G   A 1 4  ? -3.513  -3.661  2.256   1.00 31.20  ? 4   G   A N3    1 
ATOM   83  C  C4    . G   A 1 4  ? -2.425  -4.381  2.605   1.00 30.79  ? 4   G   A C4    1 
ATOM   84  P  P     . G   A 1 5  ? -2.736  -7.991  -2.031  1.00 51.67  ? 5   G   A P     1 
ATOM   85  O  OP1   . G   A 1 5  ? -3.302  -8.842  -3.100  1.00 47.09  ? 5   G   A OP1   1 
ATOM   86  O  OP2   . G   A 1 5  ? -1.272  -7.887  -1.836  1.00 45.65  ? 5   G   A OP2   1 
ATOM   87  O  "O5'" . G   A 1 5  ? -3.309  -6.517  -2.230  1.00 46.59  ? 5   G   A "O5'" 1 
ATOM   88  C  "C5'" . G   A 1 5  ? -4.695  -6.296  -2.451  1.00 43.62  ? 5   G   A "C5'" 1 
ATOM   89  C  "C4'" . G   A 1 5  ? -5.006  -4.828  -2.602  1.00 37.24  ? 5   G   A "C4'" 1 
ATOM   90  O  "O4'" . G   A 1 5  ? -4.604  -4.108  -1.414  1.00 40.66  ? 5   G   A "O4'" 1 
ATOM   91  C  "C3'" . G   A 1 5  ? -4.285  -4.112  -3.738  1.00 37.23  ? 5   G   A "C3'" 1 
ATOM   92  O  "O3'" . G   A 1 5  ? -4.944  -4.311  -4.969  1.00 50.03  ? 5   G   A "O3'" 1 
ATOM   93  C  "C2'" . G   A 1 5  ? -4.284  -2.659  -3.273  1.00 39.13  ? 5   G   A "C2'" 1 
ATOM   94  O  "O2'" . G   A 1 5  ? -5.555  -2.059  -3.514  1.00 38.78  ? 5   G   A "O2'" 1 
ATOM   95  C  "C1'" . G   A 1 5  ? -4.125  -2.824  -1.764  1.00 37.46  ? 5   G   A "C1'" 1 
ATOM   96  N  N9    . G   A 1 5  ? -2.730  -2.711  -1.303  1.00 37.00  ? 5   G   A N9    1 
ATOM   97  C  C8    . G   A 1 5  ? -1.881  -3.750  -1.014  1.00 38.08  ? 5   G   A C8    1 
ATOM   98  N  N7    . G   A 1 5  ? -0.710  -3.355  -0.598  1.00 37.64  ? 5   G   A N7    1 
ATOM   99  C  C5    . G   A 1 5  ? -0.792  -1.971  -0.589  1.00 34.56  ? 5   G   A C5    1 
ATOM   100 C  C6    . G   A 1 5  ? 0.170   -0.990  -0.227  1.00 33.98  ? 5   G   A C6    1 
ATOM   101 O  O6    . G   A 1 5  ? 1.320   -1.151  0.189   1.00 35.28  ? 5   G   A O6    1 
ATOM   102 N  N1    . G   A 1 5  ? -0.329  0.300   -0.370  1.00 32.76  ? 5   G   A N1    1 
ATOM   103 C  C2    . G   A 1 5  ? -1.588  0.618   -0.813  1.00 31.64  ? 5   G   A C2    1 
ATOM   104 N  N2    . G   A 1 5  ? -1.875  1.926   -0.871  1.00 31.62  ? 5   G   A N2    1 
ATOM   105 N  N3    . G   A 1 5  ? -2.496  -0.284  -1.153  1.00 32.23  ? 5   G   A N3    1 
ATOM   106 C  C4    . G   A 1 5  ? -2.035  -1.552  -1.023  1.00 32.43  ? 5   G   A C4    1 
ATOM   107 P  P     . U   A 1 6  ? -4.174  -4.119  -6.360  1.00 54.96  ? 6   U   A P     1 
ATOM   108 O  OP1   . U   A 1 6  ? -4.578  -5.254  -7.225  1.00 59.72  ? 6   U   A OP1   1 
ATOM   109 O  OP2   . U   A 1 6  ? -2.736  -3.865  -6.068  1.00 44.80  ? 6   U   A OP2   1 
ATOM   110 O  "O5'" . U   A 1 6  ? -4.829  -2.798  -6.953  1.00 58.58  ? 6   U   A "O5'" 1 
ATOM   111 C  "C5'" . U   A 1 6  ? -6.213  -2.759  -7.252  1.00 48.05  ? 6   U   A "C5'" 1 
ATOM   112 C  "C4'" . U   A 1 6  ? -6.685  -1.349  -7.480  1.00 49.04  ? 6   U   A "C4'" 1 
ATOM   113 O  "O4'" . U   A 1 6  ? -6.611  -0.597  -6.242  1.00 51.54  ? 6   U   A "O4'" 1 
ATOM   114 C  "C3'" . U   A 1 6  ? -5.862  -0.511  -8.439  1.00 48.60  ? 6   U   A "C3'" 1 
ATOM   115 O  "O3'" . U   A 1 6  ? -6.068  -0.821  -9.803  1.00 54.19  ? 6   U   A "O3'" 1 
ATOM   116 C  "C2'" . U   A 1 6  ? -6.272  0.899   -8.048  1.00 52.35  ? 6   U   A "C2'" 1 
ATOM   117 O  "O2'" . U   A 1 6  ? -7.571  1.207   -8.529  1.00 57.33  ? 6   U   A "O2'" 1 
ATOM   118 C  "C1'" . U   A 1 6  ? -6.346  0.762   -6.531  1.00 49.89  ? 6   U   A "C1'" 1 
ATOM   119 N  N1    . U   A 1 6  ? -5.066  1.162   -5.907  1.00 46.18  ? 6   U   A N1    1 
ATOM   120 C  C2    . U   A 1 6  ? -4.909  2.521   -5.756  1.00 48.47  ? 6   U   A C2    1 
ATOM   121 O  O2    . U   A 1 6  ? -5.771  3.317   -6.083  1.00 46.69  ? 6   U   A O2    1 
ATOM   122 N  N3    . U   A 1 6  ? -3.722  2.918   -5.192  1.00 42.96  ? 6   U   A N3    1 
ATOM   123 C  C4    . U   A 1 6  ? -2.691  2.101   -4.788  1.00 42.38  ? 6   U   A C4    1 
ATOM   124 O  O4    . U   A 1 6  ? -1.691  2.630   -4.302  1.00 41.86  ? 6   U   A O4    1 
ATOM   125 C  C5    . U   A 1 6  ? -2.921  0.696   -4.990  1.00 42.22  ? 6   U   A C5    1 
ATOM   126 C  C6    . U   A 1 6  ? -4.073  0.281   -5.541  1.00 43.98  ? 6   U   A C6    1 
ATOM   127 P  P     . C   A 1 7  ? -4.815  -0.874  -10.813 1.00 57.83  ? 7   C   A P     1 
ATOM   128 O  OP1   . C   A 1 7  ? -5.386  -0.914  -12.182 1.00 57.55  ? 7   C   A OP1   1 
ATOM   129 O  OP2   . C   A 1 7  ? -3.882  -1.950  -10.398 1.00 61.15  ? 7   C   A OP2   1 
ATOM   130 O  "O5'" . C   A 1 7  ? -4.058  0.511   -10.568 1.00 56.72  ? 7   C   A "O5'" 1 
ATOM   131 C  "C5'" . C   A 1 7  ? -4.661  1.750   -10.911 1.00 55.79  ? 7   C   A "C5'" 1 
ATOM   132 C  "C4'" . C   A 1 7  ? -3.879  2.934   -10.393 1.00 52.92  ? 7   C   A "C4'" 1 
ATOM   133 O  "O4'" . C   A 1 7  ? -3.588  2.789   -8.977  1.00 48.74  ? 7   C   A "O4'" 1 
ATOM   134 C  "C3'" . C   A 1 7  ? -2.511  3.169   -11.005 1.00 54.68  ? 7   C   A "C3'" 1 
ATOM   135 O  "O3'" . C   A 1 7  ? -2.561  3.717   -12.309 1.00 58.11  ? 7   C   A "O3'" 1 
ATOM   136 C  "C2'" . C   A 1 7  ? -1.855  4.078   -9.971  1.00 48.64  ? 7   C   A "C2'" 1 
ATOM   137 O  "O2'" . C   A 1 7  ? -2.354  5.401   -10.076 1.00 54.54  ? 7   C   A "O2'" 1 
ATOM   138 C  "C1'" . C   A 1 7  ? -2.380  3.467   -8.668  1.00 47.82  ? 7   C   A "C1'" 1 
ATOM   139 N  N1    . C   A 1 7  ? -1.392  2.516   -8.098  1.00 45.38  ? 7   C   A N1    1 
ATOM   140 C  C2    . C   A 1 7  ? -0.263  3.059   -7.473  1.00 49.53  ? 7   C   A C2    1 
ATOM   141 O  O2    . C   A 1 7  ? -0.154  4.289   -7.389  1.00 52.02  ? 7   C   A O2    1 
ATOM   142 N  N3    . C   A 1 7  ? 0.686   2.243   -6.964  1.00 41.53  ? 7   C   A N3    1 
ATOM   143 C  C4    . C   A 1 7  ? 0.565   0.926   -7.070  1.00 43.42  ? 7   C   A C4    1 
ATOM   144 N  N4    . C   A 1 7  ? 1.546   0.181   -6.552  1.00 38.63  ? 7   C   A N4    1 
ATOM   145 C  C5    . C   A 1 7  ? -0.566  0.334   -7.705  1.00 39.18  ? 7   C   A C5    1 
ATOM   146 C  C6    . C   A 1 7  ? -1.507  1.155   -8.206  1.00 42.34  ? 7   C   A C6    1 
ATOM   147 P  P     . G   A 1 8  ? -1.744  3.014   -13.497 1.00 58.74  ? 8   G   A P     1 
ATOM   148 O  OP1   . G   A 1 8  ? -2.041  3.723   -14.767 1.00 59.11  ? 8   G   A OP1   1 
ATOM   149 O  OP2   . G   A 1 8  ? -1.931  1.546   -13.409 1.00 61.49  ? 8   G   A OP2   1 
ATOM   150 O  "O5'" . G   A 1 8  ? -0.224  3.296   -13.130 1.00 63.07  ? 8   G   A "O5'" 1 
ATOM   151 C  "C5'" . G   A 1 8  ? 0.228   4.623   -12.932 1.00 57.56  ? 8   G   A "C5'" 1 
ATOM   152 C  "C4'" . G   A 1 8  ? 1.639   4.654   -12.414 1.00 51.72  ? 8   G   A "C4'" 1 
ATOM   153 O  "O4'" . G   A 1 8  ? 1.678   4.222   -11.027 1.00 54.63  ? 8   G   A "O4'" 1 
ATOM   154 C  "C3'" . G   A 1 8  ? 2.636   3.741   -13.106 1.00 48.08  ? 8   G   A "C3'" 1 
ATOM   155 O  "O3'" . G   A 1 8  ? 3.077   4.239   -14.362 1.00 54.20  ? 8   G   A "O3'" 1 
ATOM   156 C  "C2'" . G   A 1 8  ? 3.739   3.636   -12.061 1.00 52.63  ? 8   G   A "C2'" 1 
ATOM   157 O  "O2'" . G   A 1 8  ? 4.558   4.793   -12.079 1.00 47.72  ? 8   G   A "O2'" 1 
ATOM   158 C  "C1'" . G   A 1 8  ? 2.921   3.608   -10.758 1.00 53.01  ? 8   G   A "C1'" 1 
ATOM   159 N  N9    . G   A 1 8  ? 2.709   2.206   -10.362 1.00 49.47  ? 8   G   A N9    1 
ATOM   160 C  C8    . G   A 1 8  ? 1.679   1.358   -10.682 1.00 45.23  ? 8   G   A C8    1 
ATOM   161 N  N7    . G   A 1 8  ? 1.875   0.141   -10.238 1.00 47.12  ? 8   G   A N7    1 
ATOM   162 C  C5    . G   A 1 8  ? 3.120   0.190   -9.624  1.00 45.67  ? 8   G   A C5    1 
ATOM   163 C  C6    . G   A 1 8  ? 3.881   -0.811  -8.967  1.00 44.97  ? 8   G   A C6    1 
ATOM   164 O  O6    . G   A 1 8  ? 3.587   -1.991  -8.791  1.00 49.86  ? 8   G   A O6    1 
ATOM   165 N  N1    . G   A 1 8  ? 5.099   -0.327  -8.495  1.00 39.93  ? 8   G   A N1    1 
ATOM   166 C  C2    . G   A 1 8  ? 5.531   0.967   -8.632  1.00 39.90  ? 8   G   A C2    1 
ATOM   167 N  N2    . G   A 1 8  ? 6.730   1.266   -8.113  1.00 43.51  ? 8   G   A N2    1 
ATOM   168 N  N3    . G   A 1 8  ? 4.828   1.907   -9.236  1.00 40.52  ? 8   G   A N3    1 
ATOM   169 C  C4    . G   A 1 8  ? 3.649   1.452   -9.705  1.00 44.02  ? 8   G   A C4    1 
ATOM   170 P  P     . C   A 1 9  ? 3.061   3.314   -15.682 1.00 58.10  ? 9   C   A P     1 
ATOM   171 O  OP1   . C   A 1 9  ? 3.437   4.178   -16.827 1.00 62.76  ? 9   C   A OP1   1 
ATOM   172 O  OP2   . C   A 1 9  ? 1.800   2.531   -15.746 1.00 60.81  ? 9   C   A OP2   1 
ATOM   173 O  "O5'" . C   A 1 9  ? 4.267   2.298   -15.460 1.00 58.60  ? 9   C   A "O5'" 1 
ATOM   174 C  "C5'" . C   A 1 9  ? 4.505   1.230   -16.362 1.00 51.25  ? 9   C   A "C5'" 1 
ATOM   175 C  "C4'" . C   A 1 9  ? 5.926   0.737   -16.257 1.00 50.98  ? 9   C   A "C4'" 1 
ATOM   176 O  "O4'" . C   A 1 9  ? 6.826   1.744   -16.781 1.00 57.09  ? 9   C   A "O4'" 1 
ATOM   177 C  "C3'" . C   A 1 9  ? 6.449   0.476   -14.852 1.00 52.46  ? 9   C   A "C3'" 1 
ATOM   178 O  "O3'" . C   A 1 9  ? 6.047   -0.780  -14.333 1.00 58.74  ? 9   C   A "O3'" 1 
ATOM   179 C  "C2'" . C   A 1 9  ? 7.952   0.598   -15.037 1.00 48.99  ? 9   C   A "C2'" 1 
ATOM   180 O  "O2'" . C   A 1 9  ? 8.467   -0.574  -15.654 1.00 52.01  ? 9   C   A "O2'" 1 
ATOM   181 C  "C1'" . C   A 1 9  ? 8.036   1.735   -16.054 1.00 55.08  ? 9   C   A "C1'" 1 
ATOM   182 N  N1    . C   A 1 9  ? 8.209   3.064   -15.426 1.00 49.45  ? 9   C   A N1    1 
ATOM   183 C  C2    . C   A 1 9  ? 9.417   3.408   -14.814 1.00 48.70  ? 9   C   A C2    1 
ATOM   184 O  O2    . C   A 1 9  ? 10.338  2.580   -14.778 1.00 48.76  ? 9   C   A O2    1 
ATOM   185 N  N3    . C   A 1 9  ? 9.552   4.638   -14.267 1.00 48.16  ? 9   C   A N3    1 
ATOM   186 C  C4    . C   A 1 9  ? 8.536   5.506   -14.321 1.00 48.96  ? 9   C   A C4    1 
ATOM   187 N  N4    . C   A 1 9  ? 8.701   6.709   -13.763 1.00 48.00  ? 9   C   A N4    1 
ATOM   188 C  C5    . C   A 1 9  ? 7.297   5.181   -14.942 1.00 48.99  ? 9   C   A C5    1 
ATOM   189 C  C6    . C   A 1 9  ? 7.184   3.967   -15.483 1.00 49.57  ? 9   C   A C6    1 
ATOM   190 P  P     . A   A 1 10 ? 5.585   -0.927  -12.800 1.00 49.46  ? 10  A   A P     1 
ATOM   191 O  OP1   . A   A 1 10 ? 5.245   -2.352  -12.570 1.00 57.11  ? 10  A   A OP1   1 
ATOM   192 O  OP2   . A   A 1 10 ? 4.558   0.102   -12.524 1.00 45.29  ? 10  A   A OP2   1 
ATOM   193 O  "O5'" . A   A 1 10 ? 6.889   -0.584  -11.949 1.00 51.73  ? 10  A   A "O5'" 1 
ATOM   194 C  "C5'" . A   A 1 10 ? 8.015   -1.447  -11.949 1.00 47.09  ? 10  A   A "C5'" 1 
ATOM   195 C  "C4'" . A   A 1 10 ? 9.232   -0.757  -11.386 1.00 47.69  ? 10  A   A "C4'" 1 
ATOM   196 O  "O4'" . A   A 1 10 ? 9.422   0.502   -12.071 1.00 49.73  ? 10  A   A "O4'" 1 
ATOM   197 C  "C3'" . A   A 1 10 ? 9.165   -0.383  -9.912  1.00 47.13  ? 10  A   A "C3'" 1 
ATOM   198 O  "O3'" . A   A 1 10 ? 9.556   -1.458  -9.077  1.00 45.93  ? 10  A   A "O3'" 1 
ATOM   199 C  "C2'" . A   A 1 10 ? 10.101  0.822   -9.819  1.00 48.34  ? 10  A   A "C2'" 1 
ATOM   200 O  "O2'" . A   A 1 10 ? 11.459  0.414   -9.749  1.00 50.44  ? 10  A   A "O2'" 1 
ATOM   201 C  "C1'" . A   A 1 10 ? 9.901   1.478   -11.177 1.00 43.80  ? 10  A   A "C1'" 1 
ATOM   202 N  N9    . A   A 1 10 ? 8.954   2.602   -11.172 1.00 43.56  ? 10  A   A N9    1 
ATOM   203 C  C8    . A   A 1 10 ? 7.653   2.603   -11.617 1.00 43.89  ? 10  A   A C8    1 
ATOM   204 N  N7    . A   A 1 10 ? 7.076   3.776   -11.535 1.00 43.82  ? 10  A   A N7    1 
ATOM   205 C  C5    . A   A 1 10 ? 8.071   4.595   -11.020 1.00 43.50  ? 10  A   A C5    1 
ATOM   206 C  C6    . A   A 1 10 ? 8.103   5.959   -10.701 1.00 43.56  ? 10  A   A C6    1 
ATOM   207 N  N6    . A   A 1 10 ? 7.065   6.776   -10.853 1.00 43.89  ? 10  A   A N6    1 
ATOM   208 N  N1    . A   A 1 10 ? 9.252   6.466   -10.201 1.00 50.49  ? 10  A   A N1    1 
ATOM   209 C  C2    . A   A 1 10 ? 10.300  5.649   -10.038 1.00 43.33  ? 10  A   A C2    1 
ATOM   210 N  N3    . A   A 1 10 ? 10.393  4.350   -10.307 1.00 45.18  ? 10  A   A N3    1 
ATOM   211 C  C4    . A   A 1 10 ? 9.233   3.885   -10.798 1.00 43.34  ? 10  A   A C4    1 
ATOM   212 P  P     . G   A 1 11 ? 8.587   -2.032  -7.930  1.00 44.92  ? 11  G   A P     1 
ATOM   213 O  OP1   . G   A 1 11 ? 9.323   -3.174  -7.336  1.00 43.19  ? 11  G   A OP1   1 
ATOM   214 O  OP2   . G   A 1 11 ? 7.196   -2.225  -8.407  1.00 40.70  ? 11  G   A OP2   1 
ATOM   215 O  "O5'" . G   A 1 11 ? 8.560   -0.872  -6.848  1.00 39.45  ? 11  G   A "O5'" 1 
ATOM   216 C  "C5'" . G   A 1 11 ? 9.768   -0.350  -6.307  1.00 47.32  ? 11  G   A "C5'" 1 
ATOM   217 C  "C4'" . G   A 1 11 ? 9.570   0.135   -4.897  1.00 42.14  ? 11  G   A "C4'" 1 
ATOM   218 O  "O4'" . G   A 1 11 ? 8.506   1.127   -4.885  1.00 40.81  ? 11  G   A "O4'" 1 
ATOM   219 C  "C3'" . G   A 1 11 ? 9.156   -0.945  -3.903  1.00 36.37  ? 11  G   A "C3'" 1 
ATOM   220 O  "O3'" . G   A 1 11 ? 9.639   -0.596  -2.608  1.00 46.24  ? 11  G   A "O3'" 1 
ATOM   221 C  "C2'" . G   A 1 11 ? 7.634   -0.811  -3.898  1.00 36.17  ? 11  G   A "C2'" 1 
ATOM   222 O  "O2'" . G   A 1 11 ? 7.021   -1.295  -2.729  1.00 34.72  ? 11  G   A "O2'" 1 
ATOM   223 C  "C1'" . G   A 1 11 ? 7.460   0.703   -4.027  1.00 41.01  ? 11  G   A "C1'" 1 
ATOM   224 N  N9    . G   A 1 11 ? 6.196   1.139   -4.637  1.00 35.75  ? 11  G   A N9    1 
ATOM   225 C  C8    . G   A 1 11 ? 5.199   0.379   -5.220  1.00 36.17  ? 11  G   A C8    1 
ATOM   226 N  N7    . G   A 1 11 ? 4.218   1.098   -5.699  1.00 36.44  ? 11  G   A N7    1 
ATOM   227 C  C5    . G   A 1 11 ? 4.585   2.409   -5.424  1.00 36.19  ? 11  G   A C5    1 
ATOM   228 C  C6    . G   A 1 11 ? 3.933   3.643   -5.691  1.00 41.34  ? 11  G   A C6    1 
ATOM   229 O  O6    . G   A 1 11 ? 2.865   3.851   -6.266  1.00 37.08  ? 11  G   A O6    1 
ATOM   230 N  N1    . G   A 1 11 ? 4.661   4.732   -5.237  1.00 36.44  ? 11  G   A N1    1 
ATOM   231 C  C2    . G   A 1 11 ? 5.868   4.661   -4.600  1.00 41.72  ? 11  G   A C2    1 
ATOM   232 N  N2    . G   A 1 11 ? 6.415   5.833   -4.237  1.00 36.38  ? 11  G   A N2    1 
ATOM   233 N  N3    . G   A 1 11 ? 6.489   3.525   -4.338  1.00 35.75  ? 11  G   A N3    1 
ATOM   234 C  C4    . G   A 1 11 ? 5.797   2.448   -4.770  1.00 35.80  ? 11  G   A C4    1 
ATOM   235 P  P     . U   A 1 12 ? 11.164  -0.831  -2.157  1.00 58.73  ? 12  U   A P     1 
ATOM   236 O  OP1   . U   A 1 12 ? 11.298  -0.219  -0.814  1.00 60.04  ? 12  U   A OP1   1 
ATOM   237 O  OP2   . U   A 1 12 ? 12.117  -0.389  -3.199  1.00 57.74  ? 12  U   A OP2   1 
ATOM   238 O  "O5'" . U   A 1 12 ? 11.235  -2.388  -1.900  1.00 55.62  ? 12  U   A "O5'" 1 
ATOM   239 C  "C5'" . U   A 1 12 ? 10.400  -2.970  -0.904  1.00 39.43  ? 12  U   A "C5'" 1 
ATOM   240 C  "C4'" . U   A 1 12 ? 11.203  -3.612  0.193   1.00 39.42  ? 12  U   A "C4'" 1 
ATOM   241 O  "O4'" . U   A 1 12 ? 12.306  -4.349  -0.405  1.00 38.40  ? 12  U   A "O4'" 1 
ATOM   242 C  "C3'" . U   A 1 12 ? 11.829  -2.651  1.210   1.00 39.31  ? 12  U   A "C3'" 1 
ATOM   243 O  "O3'" . U   A 1 12 ? 11.762  -3.210  2.529   1.00 46.07  ? 12  U   A "O3'" 1 
ATOM   244 C  "C2'" . U   A 1 12 ? 13.279  -2.570  0.748   1.00 36.86  ? 12  U   A "C2'" 1 
ATOM   245 O  "O2'" . U   A 1 12 ? 14.209  -2.214  1.745   1.00 41.06  ? 12  U   A "O2'" 1 
ATOM   246 C  "C1'" . U   A 1 12 ? 13.512  -3.984  0.230   1.00 37.99  ? 12  U   A "C1'" 1 
ATOM   247 N  N1    . U   A 1 12 ? 14.620  -4.071  -0.733  1.00 35.11  ? 12  U   A N1    1 
ATOM   248 C  C2    . U   A 1 12 ? 15.747  -4.764  -0.345  1.00 33.91  ? 12  U   A C2    1 
ATOM   249 O  O2    . U   A 1 12 ? 15.830  -5.340  0.724   1.00 38.55  ? 12  U   A O2    1 
ATOM   250 N  N3    . U   A 1 12 ? 16.766  -4.780  -1.257  1.00 32.68  ? 12  U   A N3    1 
ATOM   251 C  C4    . U   A 1 12 ? 16.769  -4.161  -2.486  1.00 35.10  ? 12  U   A C4    1 
ATOM   252 O  O4    . U   A 1 12 ? 17.763  -4.255  -3.197  1.00 35.45  ? 12  U   A O4    1 
ATOM   253 C  C5    . U   A 1 12 ? 15.573  -3.455  -2.816  1.00 34.40  ? 12  U   A C5    1 
ATOM   254 C  C6    . U   A 1 12 ? 14.563  -3.428  -1.945  1.00 35.62  ? 12  U   A C6    1 
ATOM   255 P  P     . N   A 1 13 ? 11.640  -2.233  3.808   1.00 50.94  ? 13  N   A P     1 
ATOM   256 O  OP1   . N   A 1 13 ? 11.521  -0.803  3.337   0.68 56.02  ? 13  N   A OP1   1 
ATOM   257 O  OP2   . N   A 1 13 ? 12.707  -2.562  4.816   0.80 48.07  ? 13  N   A OP2   1 
ATOM   258 O  "O5'" . N   A 1 13 ? 10.244  -2.622  4.448   1.00 64.65  ? 13  N   A "O5'" 1 
ATOM   259 C  "C5'" . N   A 1 13 ? 9.041   -2.391  3.739   1.00 62.91  ? 13  N   A "C5'" 1 
ATOM   260 C  "C4'" . N   A 1 13 ? 8.124   -3.574  3.860   1.00 64.09  ? 13  N   A "C4'" 1 
ATOM   261 O  "O4'" . N   A 1 13 ? 7.784   -3.798  5.256   1.00 72.03  ? 13  N   A "O4'" 1 
ATOM   262 C  "C3'" . N   A 1 13 ? 6.779   -3.447  3.170   0.72 60.82  ? 13  N   A "C3'" 1 
ATOM   263 O  "O3'" . N   A 1 13 ? 6.862   -3.678  1.770   1.00 49.52  ? 13  N   A "O3'" 1 
ATOM   264 C  "C2'" . N   A 1 13 ? 5.931   -4.460  3.932   0.54 69.74  ? 13  N   A "C2'" 1 
ATOM   265 O  "O2'" . N   A 1 13 ? 6.237   -5.783  3.520   1.00 72.13  ? 13  N   A "O2'" 1 
ATOM   266 C  "C1'" . N   A 1 13 ? 6.457   -4.269  5.356   1.00 73.96  ? 13  N   A "C1'" 1 
ATOM   267 P  P     . N   A 1 14 ? 5.592   -3.441  0.811   0.75 48.86  ? 14  N   A P     1 
ATOM   268 O  OP1   . N   A 1 14 ? 4.358   -3.161  1.653   0.74 51.96  ? 14  N   A OP1   1 
ATOM   269 O  OP2   . N   A 1 14 ? 5.550   -4.594  -0.162  0.53 48.87  ? 14  N   A OP2   1 
ATOM   270 O  "O5'" . N   A 1 14 ? 5.954   -2.111  0.014   0.78 46.47  ? 14  N   A "O5'" 1 
ATOM   271 C  "C5'" . N   A 1 14 ? 5.918   -0.849  0.663   0.85 49.79  ? 14  N   A "C5'" 1 
ATOM   272 C  "C4'" . N   A 1 14 ? 7.298   -0.261  0.816   1.00 44.94  ? 14  N   A "C4'" 1 
ATOM   273 O  "O4'" . N   A 1 14 ? 7.836   0.085   -0.484  0.72 42.82  ? 14  N   A "O4'" 1 
ATOM   274 C  "C3'" . N   A 1 14 ? 7.383   1.039   1.604   0.78 46.05  ? 14  N   A "C3'" 1 
ATOM   275 O  "O3'" . N   A 1 14 ? 7.359   0.840   3.005   0.94 48.28  ? 14  N   A "O3'" 1 
ATOM   276 C  "C2'" . N   A 1 14 ? 8.685   1.642   1.091   0.82 47.23  ? 14  N   A "C2'" 1 
ATOM   277 O  "O2'" . N   A 1 14 ? 9.797   0.955   1.644   0.77 43.02  ? 14  N   A "O2'" 1 
ATOM   278 C  "C1'" . N   A 1 14 ? 8.601   1.279   -0.386  1.00 42.24  ? 14  N   A "C1'" 1 
ATOM   279 P  P     . N   A 1 15 ? 6.093   1.325   3.869   0.96 51.82  ? 15  N   A P     1 
ATOM   280 O  OP1   . N   A 1 15 ? 6.360   0.949   5.313   1.00 54.49  ? 15  N   A OP1   1 
ATOM   281 O  OP2   . N   A 1 15 ? 4.846   0.769   3.218   0.90 61.37  ? 15  N   A OP2   1 
ATOM   282 O  "O5'" . N   A 1 15 ? 6.065   2.916   3.681   0.47 52.15  ? 15  N   A "O5'" 1 
ATOM   283 C  "C5'" . N   A 1 15 ? 6.616   3.812   4.646   1.00 60.53  ? 15  N   A "C5'" 1 
ATOM   284 C  "C4'" . N   A 1 15 ? 7.091   5.094   3.995   1.00 56.10  ? 15  N   A "C4'" 1 
ATOM   285 O  "O4'" . N   A 1 15 ? 7.905   4.759   2.843   1.00 49.92  ? 15  N   A "O4'" 1 
ATOM   286 C  "C3'" . N   A 1 15 ? 6.012   6.048   3.465   1.00 54.57  ? 15  N   A "C3'" 1 
ATOM   287 O  "O3'" . N   A 1 15 ? 5.648   7.040   4.404   1.00 62.75  ? 15  N   A "O3'" 1 
ATOM   288 C  "C2'" . N   A 1 15 ? 6.638   6.648   2.213   1.00 54.60  ? 15  N   A "C2'" 1 
ATOM   289 O  "O2'" . N   A 1 15 ? 7.479   7.738   2.551   0.84 65.93  ? 15  N   A "O2'" 1 
ATOM   290 C  "C1'" . N   A 1 15 ? 7.505   5.502   1.720   0.48 51.69  ? 15  N   A "C1'" 1 
ATOM   291 P  P     . C   A 1 16 ? 4.136   7.177   4.915   1.00 49.00  ? 16  C   A P     1 
ATOM   292 O  OP1   . C   A 1 16 ? 3.991   8.509   5.551   1.00 57.29  ? 16  C   A OP1   1 
ATOM   293 O  OP2   . C   A 1 16 ? 3.828   5.937   5.664   1.00 43.94  ? 16  C   A OP2   1 
ATOM   294 O  "O5'" . C   A 1 16 ? 3.251   7.131   3.585   1.00 45.04  ? 16  C   A "O5'" 1 
ATOM   295 C  "C5'" . C   A 1 16 ? 2.958   8.306   2.834   1.00 38.31  ? 16  C   A "C5'" 1 
ATOM   296 C  "C4'" . C   A 1 16 ? 1.858   8.042   1.832   1.00 37.25  ? 16  C   A "C4'" 1 
ATOM   297 O  "O4'" . C   A 1 16 ? 2.323   7.119   0.812   1.00 33.88  ? 16  C   A "O4'" 1 
ATOM   298 C  "C3'" . C   A 1 16 ? 0.605   7.376   2.386   1.00 32.50  ? 16  C   A "C3'" 1 
ATOM   299 O  "O3'" . C   A 1 16 ? -0.272  8.305   2.989   1.00 34.71  ? 16  C   A "O3'" 1 
ATOM   300 C  "C2'" . C   A 1 16 ? 0.016   6.708   1.155   1.00 37.24  ? 16  C   A "C2'" 1 
ATOM   301 O  "O2'" . C   A 1 16 ? -0.608  7.681   0.328   1.00 40.49  ? 16  C   A "O2'" 1 
ATOM   302 C  "C1'" . C   A 1 16 ? 1.278   6.251   0.434   1.00 36.33  ? 16  C   A "C1'" 1 
ATOM   303 N  N1    . C   A 1 16 ? 1.686   4.860   0.744   1.00 28.28  ? 16  C   A N1    1 
ATOM   304 C  C2    . C   A 1 16 ? 0.975   3.786   0.199   1.00 28.60  ? 16  C   A C2    1 
ATOM   305 O  O2    . C   A 1 16 ? -0.043  3.998   -0.484  1.00 30.00  ? 16  C   A O2    1 
ATOM   306 N  N3    . C   A 1 16 ? 1.380   2.518   0.443   1.00 32.46  ? 16  C   A N3    1 
ATOM   307 C  C4    . C   A 1 16 ? 2.468   2.296   1.179   1.00 27.74  ? 16  C   A C4    1 
ATOM   308 N  N4    . C   A 1 16 ? 2.823   1.019   1.384   1.00 29.36  ? 16  C   A N4    1 
ATOM   309 C  C5    . C   A 1 16 ? 3.217   3.370   1.737   1.00 26.86  ? 16  C   A C5    1 
ATOM   310 C  C6    . C   A 1 16 ? 2.804   4.620   1.489   1.00 32.39  ? 16  C   A C6    1 
ATOM   311 P  P     . C   A 1 17 ? -1.235  7.853   4.183   1.00 39.09  ? 17  C   A P     1 
ATOM   312 O  OP1   . C   A 1 17 ? -1.909  9.084   4.646   1.00 40.99  ? 17  C   A OP1   1 
ATOM   313 O  OP2   . C   A 1 17 ? -0.477  6.995   5.127   1.00 33.68  ? 17  C   A OP2   1 
ATOM   314 O  "O5'" . C   A 1 17 ? -2.299  6.889   3.488   1.00 34.91  ? 17  C   A "O5'" 1 
ATOM   315 C  "C5'" . C   A 1 17 ? -3.241  7.370   2.540   1.00 34.28  ? 17  C   A "C5'" 1 
ATOM   316 C  "C4'" . C   A 1 17 ? -4.165  6.264   2.096   1.00 34.22  ? 17  C   A "C4'" 1 
ATOM   317 O  "O4'" . C   A 1 17 ? -3.422  5.275   1.337   1.00 33.62  ? 17  C   A "O4'" 1 
ATOM   318 C  "C3'" . C   A 1 17 ? -4.805  5.453   3.213   1.00 35.80  ? 17  C   A "C3'" 1 
ATOM   319 O  "O3'" . C   A 1 17 ? -5.930  6.089   3.778   1.00 36.38  ? 17  C   A "O3'" 1 
ATOM   320 C  "C2'" . C   A 1 17 ? -5.137  4.142   2.518   1.00 36.26  ? 17  C   A "C2'" 1 
ATOM   321 O  "O2'" . C   A 1 17 ? -6.261  4.320   1.671   1.00 40.79  ? 17  C   A "O2'" 1 
ATOM   322 C  "C1'" . C   A 1 17 ? -3.926  3.981   1.611   1.00 33.28  ? 17  C   A "C1'" 1 
ATOM   323 N  N1    . C   A 1 17 ? -2.832  3.174   2.190   1.00 30.51  ? 17  C   A N1    1 
ATOM   324 C  C2    . C   A 1 17 ? -2.889  1.781   2.124   1.00 30.23  ? 17  C   A C2    1 
ATOM   325 O  O2    . C   A 1 17 ? -3.905  1.255   1.635   1.00 31.51  ? 17  C   A O2    1 
ATOM   326 N  N3    . C   A 1 17 ? -1.848  1.056   2.594   1.00 25.37  ? 17  C   A N3    1 
ATOM   327 C  C4    . C   A 1 17 ? -0.776  1.678   3.096   1.00 26.72  ? 17  C   A C4    1 
ATOM   328 N  N4    . C   A 1 17 ? 0.245   0.951   3.562   1.00 29.20  ? 17  C   A N4    1 
ATOM   329 C  C5    . C   A 1 17 ? -0.704  3.093   3.183   1.00 28.54  ? 17  C   A C5    1 
ATOM   330 C  C6    . C   A 1 17 ? -1.731  3.794   2.701   1.00 29.24  ? 17  C   A C6    1 
ATOM   331 P  P     . C   A 1 18 ? -6.334  5.785   5.295   1.00 38.38  ? 18  C   A P     1 
ATOM   332 O  OP1   . C   A 1 18 ? -7.440  6.709   5.636   1.00 39.41  ? 18  C   A OP1   1 
ATOM   333 O  OP2   . C   A 1 18 ? -5.103  5.741   6.120   1.00 35.80  ? 18  C   A OP2   1 
ATOM   334 O  "O5'" . C   A 1 18 ? -6.897  4.293   5.257   1.00 38.16  ? 18  C   A "O5'" 1 
ATOM   335 C  "C5'" . C   A 1 18 ? -8.088  3.984   4.551   1.00 36.77  ? 18  C   A "C5'" 1 
ATOM   336 C  "C4'" . C   A 1 18 ? -8.332  2.499   4.487   1.00 30.73  ? 18  C   A "C4'" 1 
ATOM   337 O  "O4'" . C   A 1 18 ? -7.276  1.845   3.731   1.00 33.63  ? 18  C   A "O4'" 1 
ATOM   338 C  "C3'" . C   A 1 18 ? -8.330  1.752   5.808   1.00 32.33  ? 18  C   A "C3'" 1 
ATOM   339 O  "O3'" . C   A 1 18 ? -9.522  1.901   6.557   1.00 37.76  ? 18  C   A "O3'" 1 
ATOM   340 C  "C2'" . C   A 1 18 ? -8.074  0.325   5.357   1.00 32.14  ? 18  C   A "C2'" 1 
ATOM   341 O  "O2'" . C   A 1 18 ? -9.236  -0.212  4.737   1.00 38.65  ? 18  C   A "O2'" 1 
ATOM   342 C  "C1'" . C   A 1 18 ? -7.037  0.557   4.268   1.00 31.92  ? 18  C   A "C1'" 1 
ATOM   343 N  N1    . C   A 1 18 ? -5.655  0.509   4.791   1.00 28.27  ? 18  C   A N1    1 
ATOM   344 C  C2    . C   A 1 18 ? -5.046  -0.738  4.970   1.00 27.38  ? 18  C   A C2    1 
ATOM   345 O  O2    . C   A 1 18 ? -5.701  -1.763  4.713   1.00 31.04  ? 18  C   A O2    1 
ATOM   346 N  N3    . C   A 1 18 ? -3.763  -0.793  5.417   1.00 26.01  ? 18  C   A N3    1 
ATOM   347 C  C4    . C   A 1 18 ? -3.097  0.337   5.679   1.00 32.23  ? 18  C   A C4    1 
ATOM   348 N  N4    . C   A 1 18 ? -1.837  0.244   6.119   1.00 28.54  ? 18  C   A N4    1 
ATOM   349 C  C5    . C   A 1 18 ? -3.690  1.623   5.507   1.00 29.47  ? 18  C   A C5    1 
ATOM   350 C  C6    . C   A 1 18 ? -4.954  1.660   5.059   1.00 34.44  ? 18  C   A C6    1 
ATOM   351 P  P     . A   A 1 19 ? -9.451  1.886   8.164   1.00 39.60  ? 19  A   A P     1 
ATOM   352 O  OP1   . A   A 1 19 ? -10.798 2.304   8.606   1.00 41.50  ? 19  A   A OP1   1 
ATOM   353 O  OP2   . A   A 1 19 ? -8.236  2.610   8.626   1.00 39.20  ? 19  A   A OP2   1 
ATOM   354 O  "O5'" . A   A 1 19 ? -9.148  0.369   8.555   1.00 38.76  ? 19  A   A "O5'" 1 
ATOM   355 C  "C5'" . A   A 1 19 ? -10.148 -0.626  8.527   1.00 30.43  ? 19  A   A "C5'" 1 
ATOM   356 C  "C4'" . A   A 1 19 ? -9.543  -2.003  8.393   1.00 31.22  ? 19  A   A "C4'" 1 
ATOM   357 O  "O4'" . A   A 1 19 ? -8.358  -1.940  7.552   1.00 27.59  ? 19  A   A "O4'" 1 
ATOM   358 C  "C3'" . A   A 1 19 ? -9.043  -2.668  9.667   1.00 27.25  ? 19  A   A "C3'" 1 
ATOM   359 O  "O3'" . A   A 1 19 ? -10.082 -3.278  10.416  1.00 26.28  ? 19  A   A "O3'" 1 
ATOM   360 C  "C2'" . A   A 1 19 ? -8.061  -3.689  9.127   1.00 23.46  ? 19  A   A "C2'" 1 
ATOM   361 O  "O2'" . A   A 1 19 ? -8.778  -4.769  8.528   1.00 28.04  ? 19  A   A "O2'" 1 
ATOM   362 C  "C1'" . A   A 1 19 ? -7.423  -2.906  7.987   1.00 23.71  ? 19  A   A "C1'" 1 
ATOM   363 N  N9    . A   A 1 19 ? -6.171  -2.215  8.344   1.00 25.37  ? 19  A   A N9    1 
ATOM   364 C  C8    . A   A 1 19 ? -5.975  -0.863  8.294   1.00 27.82  ? 19  A   A C8    1 
ATOM   365 N  N7    . A   A 1 19 ? -4.747  -0.505  8.585   1.00 28.40  ? 19  A   A N7    1 
ATOM   366 C  C5    . A   A 1 19 ? -4.091  -1.705  8.826   1.00 25.28  ? 19  A   A C5    1 
ATOM   367 C  C6    . A   A 1 19 ? -2.761  -1.994  9.190   1.00 27.72  ? 19  A   A C6    1 
ATOM   368 N  N6    . A   A 1 19 ? -1.822  -1.047  9.344   1.00 26.88  ? 19  A   A N6    1 
ATOM   369 N  N1    . A   A 1 19 ? -2.417  -3.290  9.356   1.00 24.83  ? 19  A   A N1    1 
ATOM   370 C  C2    . A   A 1 19 ? -3.366  -4.232  9.179   1.00 30.23  ? 19  A   A C2    1 
ATOM   371 N  N3    . A   A 1 19 ? -4.645  -4.073  8.836   1.00 22.67  ? 19  A   A N3    1 
ATOM   372 C  C4    . A   A 1 19 ? -4.952  -2.774  8.666   1.00 25.69  ? 19  A   A C4    1 
ATOM   373 P  P     . G   A 1 20 ? -9.914  -3.523  11.994  1.00 28.05  ? 20  G   A P     1 
ATOM   374 O  OP1   . G   A 1 20 ? -11.233 -4.063  12.451  1.00 28.75  ? 20  G   A OP1   1 
ATOM   375 O  OP2   . G   A 1 20 ? -9.331  -2.310  12.618  1.00 29.50  ? 20  G   A OP2   1 
ATOM   376 O  "O5'" . G   A 1 20 ? -8.833  -4.684  12.128  1.00 27.10  ? 20  G   A "O5'" 1 
ATOM   377 C  "C5'" . G   A 1 20 ? -9.086  -6.024  11.694  1.00 25.73  ? 20  G   A "C5'" 1 
ATOM   378 C  "C4'" . G   A 1 20 ? -7.964  -6.940  12.126  1.00 30.20  ? 20  G   A "C4'" 1 
ATOM   379 O  "O4'" . G   A 1 20 ? -6.703  -6.351  11.706  1.00 29.05  ? 20  G   A "O4'" 1 
ATOM   380 C  "C3'" . G   A 1 20 ? -7.845  -7.149  13.634  1.00 26.12  ? 20  G   A "C3'" 1 
ATOM   381 O  "O3'" . G   A 1 20 ? -7.237  -8.411  13.881  1.00 33.69  ? 20  G   A "O3'" 1 
ATOM   382 C  "C2'" . G   A 1 20 ? -6.843  -6.071  14.038  1.00 31.28  ? 20  G   A "C2'" 1 
ATOM   383 O  "O2'" . G   A 1 20 ? -6.159  -6.341  15.242  1.00 35.69  ? 20  G   A "O2'" 1 
ATOM   384 C  "C1'" . G   A 1 20 ? -5.894  -6.081  12.845  1.00 28.79  ? 20  G   A "C1'" 1 
ATOM   385 N  N9    . G   A 1 20 ? -5.195  -4.810  12.632  1.00 26.66  ? 20  G   A N9    1 
ATOM   386 C  C8    . G   A 1 20 ? -5.747  -3.631  12.188  1.00 25.25  ? 20  G   A C8    1 
ATOM   387 N  N7    . G   A 1 20 ? -4.874  -2.651  12.101  1.00 28.53  ? 20  G   A N7    1 
ATOM   388 C  C5    . G   A 1 20 ? -3.684  -3.224  12.506  1.00 25.79  ? 20  G   A C5    1 
ATOM   389 C  C6    . G   A 1 20 ? -2.391  -2.643  12.615  1.00 30.69  ? 20  G   A C6    1 
ATOM   390 O  O6    . G   A 1 20 ? -2.057  -1.481  12.358  1.00 30.97  ? 20  G   A O6    1 
ATOM   391 N  N1    . G   A 1 20 ? -1.456  -3.559  13.072  1.00 32.09  ? 20  G   A N1    1 
ATOM   392 C  C2    . G   A 1 20 ? -1.721  -4.861  13.382  1.00 33.30  ? 20  G   A C2    1 
ATOM   393 N  N2    . G   A 1 20 ? -0.671  -5.574  13.801  1.00 34.46  ? 20  G   A N2    1 
ATOM   394 N  N3    . G   A 1 20 ? -2.920  -5.418  13.285  1.00 31.02  ? 20  G   A N3    1 
ATOM   395 C  C4    . G   A 1 20 ? -3.853  -4.546  12.844  1.00 26.55  ? 20  G   A C4    1 
ATOM   396 P  P     . U   A 1 21 ? -8.100  -9.668  14.365  1.00 37.74  ? 21  U   A P     1 
ATOM   397 O  OP1   . U   A 1 21 ? -9.444  -9.528  13.782  1.00 32.67  ? 21  U   A OP1   1 
ATOM   398 O  OP2   . U   A 1 21 ? -7.959  -9.864  15.822  1.00 39.39  ? 21  U   A OP2   1 
ATOM   399 O  "O5'" . U   A 1 21 ? -7.347  -10.884 13.677  1.00 32.04  ? 21  U   A "O5'" 1 
ATOM   400 C  "C5'" . U   A 1 21 ? -7.271  -11.022 12.263  1.00 30.13  ? 21  U   A "C5'" 1 
ATOM   401 C  "C4'" . U   A 1 21 ? -6.309  -12.122 11.897  1.00 33.99  ? 21  U   A "C4'" 1 
ATOM   402 O  "O4'" . U   A 1 21 ? -4.986  -11.540 11.829  1.00 36.70  ? 21  U   A "O4'" 1 
ATOM   403 C  "C3'" . U   A 1 21 ? -6.218  -13.263 12.911  1.00 36.97  ? 21  U   A "C3'" 1 
ATOM   404 O  "O3'" . U   A 1 21 ? -5.899  -14.488 12.237  1.00 45.84  ? 21  U   A "O3'" 1 
ATOM   405 C  "C2'" . U   A 1 21 ? -5.044  -12.829 13.795  1.00 39.95  ? 21  U   A "C2'" 1 
ATOM   406 O  "O2'" . U   A 1 21 ? -4.378  -13.879 14.461  1.00 47.30  ? 21  U   A "O2'" 1 
ATOM   407 C  "C1'" . U   A 1 21 ? -4.135  -12.145 12.786  1.00 41.05  ? 21  U   A "C1'" 1 
ATOM   408 N  N1    . U   A 1 21 ? -3.290  -11.085 13.368  1.00 44.60  ? 21  U   A N1    1 
ATOM   409 C  C2    . U   A 1 21 ? -1.930  -11.281 13.349  1.00 51.57  ? 21  U   A C2    1 
ATOM   410 O  O2    . U   A 1 21 ? -1.429  -12.282 12.870  1.00 47.51  ? 21  U   A O2    1 
ATOM   411 N  N3    . U   A 1 21 ? -1.190  -10.255 13.893  1.00 51.14  ? 21  U   A N3    1 
ATOM   412 C  C4    . U   A 1 21 ? -1.672  -9.090  14.452  1.00 53.50  ? 21  U   A C4    1 
ATOM   413 O  O4    . U   A 1 21 ? -0.883  -8.259  14.907  1.00 59.76  ? 21  U   A O4    1 
ATOM   414 C  C5    . U   A 1 21 ? -3.095  -8.964  14.436  1.00 45.02  ? 21  U   A C5    1 
ATOM   415 C  C6    . U   A 1 21 ? -3.836  -9.943  13.905  1.00 43.87  ? 21  U   A C6    1 
ATOM   416 P  P     . U   A 1 22 ? -6.974  -15.689 12.199  1.00 44.11  ? 22  U   A P     1 
ATOM   417 O  OP1   . U   A 1 22 ? -7.544  -15.764 13.551  1.00 37.17  ? 22  U   A OP1   1 
ATOM   418 O  OP2   . U   A 1 22 ? -6.367  -16.893 11.571  1.00 53.18  ? 22  U   A OP2   1 
ATOM   419 O  "O5'" . U   A 1 22 ? -8.094  -15.137 11.210  1.00 41.81  ? 22  U   A "O5'" 1 
ATOM   420 C  "C5'" . U   A 1 22 ? -8.024  -15.360 9.806   1.00 35.27  ? 22  U   A "C5'" 1 
ATOM   421 C  "C4'" . U   A 1 22 ? -9.185  -14.711 9.094   1.00 38.11  ? 22  U   A "C4'" 1 
ATOM   422 O  "O4'" . U   A 1 22 ? -10.437 -15.324 9.537   1.00 39.35  ? 22  U   A "O4'" 1 
ATOM   423 C  "C3'" . U   A 1 22 ? -9.333  -13.221 9.342   1.00 32.28  ? 22  U   A "C3'" 1 
ATOM   424 O  "O3'" . U   A 1 22 ? -9.832  -12.614 8.157   1.00 37.87  ? 22  U   A "O3'" 1 
ATOM   425 C  "C2'" . U   A 1 22 ? -10.381 -13.149 10.456  1.00 31.75  ? 22  U   A "C2'" 1 
ATOM   426 O  "O2'" . U   A 1 22 ? -11.134 -11.952 10.448  1.00 31.02  ? 22  U   A "O2'" 1 
ATOM   427 C  "C1'" . U   A 1 22 ? -11.273 -14.353 10.140  1.00 34.66  ? 22  U   A "C1'" 1 
ATOM   428 N  N1    . U   A 1 22 ? -11.858 -15.053 11.282  1.00 35.28  ? 22  U   A N1    1 
ATOM   429 C  C2    . U   A 1 22 ? -13.242 -15.217 11.292  1.00 38.30  ? 22  U   A C2    1 
ATOM   430 O  O2    . U   A 1 22 ? -13.967 -14.696 10.467  1.00 38.78  ? 22  U   A O2    1 
ATOM   431 N  N3    . U   A 1 22 ? -13.744 -15.982 12.317  1.00 37.41  ? 22  U   A N3    1 
ATOM   432 C  C4    . U   A 1 22 ? -13.012 -16.619 13.294  1.00 38.26  ? 22  U   A C4    1 
ATOM   433 O  O4    . U   A 1 22 ? -13.606 -17.290 14.134  1.00 38.44  ? 22  U   A O4    1 
ATOM   434 C  C5    . U   A 1 22 ? -11.592 -16.440 13.197  1.00 36.11  ? 22  U   A C5    1 
ATOM   435 C  C6    . U   A 1 22 ? -11.074 -15.692 12.212  1.00 35.15  ? 22  U   A C6    1 
ATOM   436 P  P     . A   A 1 23 ? -8.812  -12.033 7.059   1.00 38.30  ? 23  A   A P     1 
ATOM   437 O  OP1   . A   A 1 23 ? -9.573  -11.651 5.842   1.00 40.08  ? 23  A   A OP1   1 
ATOM   438 O  OP2   . A   A 1 23 ? -7.666  -12.968 6.950   1.00 41.02  ? 23  A   A OP2   1 
ATOM   439 O  "O5'" . A   A 1 23 ? -8.256  -10.703 7.721   1.00 31.03  ? 23  A   A "O5'" 1 
ATOM   440 C  "C5'" . A   A 1 23 ? -9.107  -9.624  8.065   1.00 28.34  ? 23  A   A "C5'" 1 
ATOM   441 C  "C4'" . A   A 1 23 ? -8.269  -8.403  8.322   1.00 26.41  ? 23  A   A "C4'" 1 
ATOM   442 O  "O4'" . A   A 1 23 ? -7.315  -8.712  9.352   1.00 32.59  ? 23  A   A "O4'" 1 
ATOM   443 C  "C3'" . A   A 1 23 ? -7.441  -7.968  7.129   1.00 26.54  ? 23  A   A "C3'" 1 
ATOM   444 O  "O3'" . A   A 1 23 ? -8.183  -7.050  6.352   1.00 29.67  ? 23  A   A "O3'" 1 
ATOM   445 C  "C2'" . A   A 1 23 ? -6.195  -7.345  7.755   1.00 25.01  ? 23  A   A "C2'" 1 
ATOM   446 O  "O2'" . A   A 1 23 ? -6.450  -5.992  8.066   1.00 27.17  ? 23  A   A "O2'" 1 
ATOM   447 C  "C1'" . A   A 1 23 ? -6.071  -8.113  9.073   1.00 34.97  ? 23  A   A "C1'" 1 
ATOM   448 N  N9    . A   A 1 23 ? -5.065  -9.188  9.046   1.00 35.47  ? 23  A   A N9    1 
ATOM   449 C  C8    . A   A 1 23 ? -5.117  -10.396 8.392   1.00 41.30  ? 23  A   A C8    1 
ATOM   450 N  N7    . A   A 1 23 ? -4.064  -11.148 8.607   1.00 41.58  ? 23  A   A N7    1 
ATOM   451 C  C5    . A   A 1 23 ? -3.282  -10.385 9.471   1.00 38.73  ? 23  A   A C5    1 
ATOM   452 C  C6    . A   A 1 23 ? -2.034  -10.612 10.072  1.00 41.10  ? 23  A   A C6    1 
ATOM   453 N  N6    . A   A 1 23 ? -1.317  -11.726 9.897   1.00 41.54  ? 23  A   A N6    1 
ATOM   454 N  N1    . A   A 1 23 ? -1.539  -9.644  10.871  1.00 38.95  ? 23  A   A N1    1 
ATOM   455 C  C2    . A   A 1 23 ? -2.250  -8.526  11.058  1.00 35.72  ? 23  A   A C2    1 
ATOM   456 N  N3    . A   A 1 23 ? -3.425  -8.186  10.537  1.00 34.10  ? 23  A   A N3    1 
ATOM   457 C  C4    . A   A 1 23 ? -3.889  -9.180  9.750   1.00 38.96  ? 23  A   A C4    1 
ATOM   458 P  P     . A   A 1 24 ? -7.914  -6.836  4.795   1.00 35.98  ? 24  A   A P     1 
ATOM   459 O  OP1   . A   A 1 24 ? -7.451  -8.121  4.237   1.00 31.96  ? 24  A   A OP1   1 
ATOM   460 O  OP2   . A   A 1 24 ? -7.144  -5.571  4.578   1.00 33.86  ? 24  A   A OP2   1 
ATOM   461 O  "O5'" . A   A 1 24 ? -9.377  -6.597  4.228   1.00 37.36  ? 24  A   A "O5'" 1 
ATOM   462 C  "C5'" . A   A 1 24 ? -10.397 -7.550  4.492   1.00 38.18  ? 24  A   A "C5'" 1 
ATOM   463 C  "C4'" . A   A 1 24 ? -11.760 -6.987  4.203   1.00 36.30  ? 24  A   A "C4'" 1 
ATOM   464 O  "O4'" . A   A 1 24 ? -12.143 -6.034  5.217   1.00 33.39  ? 24  A   A "O4'" 1 
ATOM   465 C  "C3'" . A   A 1 24 ? -11.915 -6.206  2.919   1.00 42.26  ? 24  A   A "C3'" 1 
ATOM   466 O  "O3'" . A   A 1 24 ? -11.996 -7.041  1.787   1.00 45.32  ? 24  A   A "O3'" 1 
ATOM   467 C  "C2'" . A   A 1 24 ? -13.189 -5.419  3.177   1.00 39.53  ? 24  A   A "C2'" 1 
ATOM   468 O  "O2'" . A   A 1 24 ? -14.313 -6.259  3.003   1.00 46.66  ? 24  A   A "O2'" 1 
ATOM   469 C  "C1'" . A   A 1 24 ? -13.052 -5.104  4.667   1.00 33.02  ? 24  A   A "C1'" 1 
ATOM   470 N  N9    . A   A 1 24 ? -12.544 -3.748  4.899   1.00 33.32  ? 24  A   A N9    1 
ATOM   471 C  C8    . A   A 1 24 ? -11.238 -3.382  5.130   1.00 35.77  ? 24  A   A C8    1 
ATOM   472 N  N7    . A   A 1 24 ? -11.097 -2.093  5.281   1.00 29.77  ? 24  A   A N7    1 
ATOM   473 C  C5    . A   A 1 24 ? -12.377 -1.578  5.136   1.00 36.20  ? 24  A   A C5    1 
ATOM   474 C  C6    . A   A 1 24 ? -12.873 -0.269  5.188   1.00 41.17  ? 24  A   A C6    1 
ATOM   475 N  N6    . A   A 1 24 ? -12.093 0.797   5.417   1.00 38.90  ? 24  A   A N6    1 
ATOM   476 N  N1    . A   A 1 24 ? -14.203 -0.099  4.992   1.00 42.89  ? 24  A   A N1    1 
ATOM   477 C  C2    . A   A 1 24 ? -14.969 -1.177  4.765   1.00 46.95  ? 24  A   A C2    1 
ATOM   478 N  N3    . A   A 1 24 ? -14.613 -2.460  4.692   1.00 44.28  ? 24  A   A N3    1 
ATOM   479 C  C4    . A   A 1 24 ? -13.287 -2.591  4.892   1.00 37.31  ? 24  A   A C4    1 
ATOM   480 P  P     . C   A 1 25 ? -11.456 -6.516  0.369   1.00 45.80  ? 25  C   A P     1 
ATOM   481 O  OP1   . C   A 1 25 ? -11.480 -7.671  -0.562  1.00 40.44  ? 25  C   A OP1   1 
ATOM   482 O  OP2   . C   A 1 25 ? -10.182 -5.776  0.603   1.00 39.89  ? 25  C   A OP2   1 
ATOM   483 O  "O5'" . C   A 1 25 ? -12.552 -5.453  -0.079  1.00 45.65  ? 25  C   A "O5'" 1 
ATOM   484 C  "C5'" . C   A 1 25 ? -13.916 -5.821  -0.203  1.00 48.87  ? 25  C   A "C5'" 1 
ATOM   485 C  "C4'" . C   A 1 25 ? -14.790 -4.616  -0.436  1.00 53.31  ? 25  C   A "C4'" 1 
ATOM   486 O  "O4'" . C   A 1 25 ? -14.828 -3.771  0.742   1.00 50.57  ? 25  C   A "O4'" 1 
ATOM   487 C  "C3'" . C   A 1 25 ? -14.336 -3.679  -1.538  1.00 51.50  ? 25  C   A "C3'" 1 
ATOM   488 O  "O3'" . C   A 1 25 ? -14.655 -4.171  -2.824  1.00 58.48  ? 25  C   A "O3'" 1 
ATOM   489 C  "C2'" . C   A 1 25 ? -15.046 -2.379  -1.176  1.00 54.83  ? 25  C   A "C2'" 1 
ATOM   490 O  "O2'" . C   A 1 25 ? -16.408 -2.430  -1.573  1.00 63.35  ? 25  C   A "O2'" 1 
ATOM   491 C  "C1'" . C   A 1 25 ? -14.989 -2.420  0.354   1.00 54.99  ? 25  C   A "C1'" 1 
ATOM   492 N  N1    . C   A 1 25 ? -13.865 -1.622  0.904   1.00 51.06  ? 25  C   A N1    1 
ATOM   493 C  C2    . C   A 1 25 ? -14.073 -0.256  1.128   1.00 54.23  ? 25  C   A C2    1 
ATOM   494 O  O2    . C   A 1 25 ? -15.181 0.229   0.854   1.00 65.07  ? 25  C   A O2    1 
ATOM   495 N  N3    . C   A 1 25 ? -13.076 0.501   1.635   1.00 49.23  ? 25  C   A N3    1 
ATOM   496 C  C4    . C   A 1 25 ? -11.902 -0.063  1.919   1.00 41.91  ? 25  C   A C4    1 
ATOM   497 N  N4    . C   A 1 25 ? -10.943 0.716   2.416   1.00 46.60  ? 25  C   A N4    1 
ATOM   498 C  C5    . C   A 1 25 ? -11.658 -1.450  1.702   1.00 39.97  ? 25  C   A C5    1 
ATOM   499 C  C6    . C   A 1 25 ? -12.659 -2.192  1.200   1.00 43.79  ? 25  C   A C6    1 
ATOM   500 P  P     . A   A 1 26 ? -13.738 -3.780  -4.080  1.00 63.88  ? 26  A   A P     1 
ATOM   501 O  OP1   . A   A 1 26 ? -14.366 -4.380  -5.290  1.00 68.40  ? 26  A   A OP1   1 
ATOM   502 O  OP2   . A   A 1 26 ? -12.309 -4.073  -3.785  1.00 53.37  ? 26  A   A OP2   1 
ATOM   503 O  "O5'" . A   A 1 26 ? -13.939 -2.206  -4.173  1.00 74.18  ? 26  A   A "O5'" 1 
ATOM   504 C  "C5'" . A   A 1 26 ? -12.842 -1.326  -4.342  1.00 63.56  ? 26  A   A "C5'" 1 
ATOM   505 C  "C4'" . A   A 1 26 ? -13.097 -0.024  -3.634  1.00 57.53  ? 26  A   A "C4'" 1 
ATOM   506 O  "O4'" . A   A 1 26 ? -12.740 -0.165  -2.240  1.00 58.08  ? 26  A   A "O4'" 1 
ATOM   507 C  "C3'" . A   A 1 26 ? -12.284 1.160   -4.127  1.00 56.59  ? 26  A   A "C3'" 1 
ATOM   508 O  "O3'" . A   A 1 26 ? -12.920 1.806   -5.217  1.00 61.86  ? 26  A   A "O3'" 1 
ATOM   509 C  "C2'" . A   A 1 26 ? -12.166 2.043   -2.889  1.00 54.74  ? 26  A   A "C2'" 1 
ATOM   510 O  "O2'" . A   A 1 26 ? -13.332 2.832   -2.727  1.00 54.91  ? 26  A   A "O2'" 1 
ATOM   511 C  "C1'" . A   A 1 26 ? -12.132 1.011   -1.769  1.00 52.19  ? 26  A   A "C1'" 1 
ATOM   512 N  N9    . A   A 1 26 ? -10.770 0.667   -1.320  1.00 45.98  ? 26  A   A N9    1 
ATOM   513 C  C8    . A   A 1 26 ? -10.170 -0.568  -1.386  1.00 42.62  ? 26  A   A C8    1 
ATOM   514 N  N7    . A   A 1 26 ? -8.966  -0.604  -0.879  1.00 40.20  ? 26  A   A N7    1 
ATOM   515 C  C5    . A   A 1 26 ? -8.768  0.699   -0.443  1.00 41.10  ? 26  A   A C5    1 
ATOM   516 C  C6    . A   A 1 26 ? -7.683  1.321   0.194   1.00 34.50  ? 26  A   A C6    1 
ATOM   517 N  N6    . A   A 1 26 ? -6.560  0.674   0.512   1.00 29.98  ? 26  A   A N6    1 
ATOM   518 N  N1    . A   A 1 26 ? -7.801  2.633   0.501   1.00 37.04  ? 26  A   A N1    1 
ATOM   519 C  C2    . A   A 1 26 ? -8.936  3.270   0.185   1.00 41.10  ? 26  A   A C2    1 
ATOM   520 N  N3    . A   A 1 26 ? -10.028 2.795   -0.412  1.00 49.63  ? 26  A   A N3    1 
ATOM   521 C  C4    . A   A 1 26 ? -9.875  1.491   -0.699  1.00 44.53  ? 26  A   A C4    1 
ATOM   522 P  P     . A   A 1 27 ? -12.077 2.299   -6.491  1.00 69.26  ? 27  A   A P     1 
ATOM   523 O  OP1   . A   A 1 27 ? -13.063 2.811   -7.478  1.00 71.56  ? 27  A   A OP1   1 
ATOM   524 O  OP2   . A   A 1 27 ? -11.106 1.239   -6.891  1.00 59.03  ? 27  A   A OP2   1 
ATOM   525 O  "O5'" . A   A 1 27 ? -11.233 3.526   -5.930  1.00 71.36  ? 27  A   A "O5'" 1 
ATOM   526 C  "C5'" . A   A 1 27 ? -11.856 4.599   -5.239  1.00 64.49  ? 27  A   A "C5'" 1 
ATOM   527 C  "C4'" . A   A 1 27 ? -10.819 5.496   -4.617  1.00 59.55  ? 27  A   A "C4'" 1 
ATOM   528 O  "O4'" . A   A 1 27 ? -10.245 4.848   -3.459  1.00 60.04  ? 27  A   A "O4'" 1 
ATOM   529 C  "C3'" . A   A 1 27 ? -9.629  5.805   -5.508  1.00 63.59  ? 27  A   A "C3'" 1 
ATOM   530 O  "O3'" . A   A 1 27 ? -9.905  6.890   -6.366  1.00 68.19  ? 27  A   A "O3'" 1 
ATOM   531 C  "C2'" . A   A 1 27 ? -8.508  6.081   -4.515  1.00 59.67  ? 27  A   A "C2'" 1 
ATOM   532 O  "O2'" . A   A 1 27 ? -8.593  7.408   -4.022  1.00 62.85  ? 27  A   A "O2'" 1 
ATOM   533 C  "C1'" . A   A 1 27 ? -8.870  5.142   -3.367  1.00 54.89  ? 27  A   A "C1'" 1 
ATOM   534 N  N9    . A   A 1 27 ? -8.130  3.871   -3.366  1.00 47.97  ? 27  A   A N9    1 
ATOM   535 C  C8    . A   A 1 27 ? -8.539  2.660   -3.865  1.00 46.79  ? 27  A   A C8    1 
ATOM   536 N  N7    . A   A 1 27 ? -7.680  1.691   -3.664  1.00 44.04  ? 27  A   A N7    1 
ATOM   537 C  C5    . A   A 1 27 ? -6.654  2.307   -2.962  1.00 44.14  ? 27  A   A C5    1 
ATOM   538 C  C6    . A   A 1 27 ? -5.445  1.820   -2.440  1.00 37.61  ? 27  A   A C6    1 
ATOM   539 N  N6    . A   A 1 27 ? -5.060  0.545   -2.555  1.00 35.48  ? 27  A   A N6    1 
ATOM   540 N  N1    . A   A 1 27 ? -4.643  2.692   -1.792  1.00 35.01  ? 27  A   A N1    1 
ATOM   541 C  C2    . A   A 1 27 ? -5.038  3.969   -1.678  1.00 35.95  ? 27  A   A C2    1 
ATOM   542 N  N3    . A   A 1 27 ? -6.150  4.547   -2.124  1.00 43.26  ? 27  A   A N3    1 
ATOM   543 C  C4    . A   A 1 27 ? -6.920  3.649   -2.765  1.00 43.99  ? 27  A   A C4    1 
ATOM   544 P  P     . A   A 1 28 ? -9.239  6.973   -7.819  1.00 69.61  ? 28  A   A P     1 
ATOM   545 O  OP1   . A   A 1 28 ? -10.283 7.413   -8.772  1.00 70.86  ? 28  A   A OP1   1 
ATOM   546 O  OP2   . A   A 1 28 ? -8.494  5.711   -8.068  1.00 70.05  ? 28  A   A OP2   1 
ATOM   547 O  "O5'" . A   A 1 28 ? -8.202  8.166   -7.653  1.00 81.87  ? 28  A   A "O5'" 1 
ATOM   548 C  "C5'" . A   A 1 28 ? -8.359  9.106   -6.593  1.00 79.74  ? 28  A   A "C5'" 1 
ATOM   549 C  "C4'" . A   A 1 28 ? -7.081  9.855   -6.319  1.00 71.61  ? 28  A   A "C4'" 1 
ATOM   550 O  "O4'" . A   A 1 28 ? -6.299  9.166   -5.295  1.00 63.99  ? 28  A   A "O4'" 1 
ATOM   551 C  "C3'" . A   A 1 28 ? -6.154  10.006  -7.527  1.00 69.16  ? 28  A   A "C3'" 1 
ATOM   552 O  "O3'" . A   A 1 28 ? -5.499  11.267  -7.454  1.00 85.38  ? 28  A   A "O3'" 1 
ATOM   553 C  "C2'" . A   A 1 28 ? -5.133  8.908   -7.288  1.00 58.28  ? 28  A   A "C2'" 1 
ATOM   554 O  "O2'" . A   A 1 28 ? -3.901  9.084   -7.955  1.00 65.38  ? 28  A   A "O2'" 1 
ATOM   555 C  "C1'" . A   A 1 28 ? -4.990  8.988   -5.776  1.00 56.28  ? 28  A   A "C1'" 1 
ATOM   556 N  N9    . A   A 1 28 ? -4.350  7.823   -5.170  1.00 51.31  ? 28  A   A N9    1 
ATOM   557 C  C8    . A   A 1 28 ? -4.249  6.560   -5.690  1.00 48.76  ? 28  A   A C8    1 
ATOM   558 N  N7    . A   A 1 28 ? -3.556  5.742   -4.943  1.00 43.31  ? 28  A   A N7    1 
ATOM   559 C  C5    . A   A 1 28 ? -3.151  6.526   -3.877  1.00 41.69  ? 28  A   A C5    1 
ATOM   560 C  C6    . A   A 1 28 ? -2.379  6.243   -2.742  1.00 33.78  ? 28  A   A C6    1 
ATOM   561 N  N6    . A   A 1 28 ? -1.856  5.043   -2.494  1.00 32.06  ? 28  A   A N6    1 
ATOM   562 N  N1    . A   A 1 28 ? -2.160  7.244   -1.864  1.00 38.31  ? 28  A   A N1    1 
ATOM   563 C  C2    . A   A 1 28 ? -2.680  8.450   -2.128  1.00 44.02  ? 28  A   A C2    1 
ATOM   564 N  N3    . A   A 1 28 ? -3.419  8.839   -3.164  1.00 46.67  ? 28  A   A N3    1 
ATOM   565 C  C4    . A   A 1 28 ? -3.626  7.815   -4.006  1.00 41.79  ? 28  A   A C4    1 
ATOM   566 P  P     . A   A 1 29 ? -4.944  11.981  -8.784  1.00 86.61  ? 29  A   A P     1 
ATOM   567 O  OP1   . A   A 1 29 ? -5.967  12.979  -9.201  1.00 82.76  ? 29  A   A OP1   1 
ATOM   568 O  OP2   . A   A 1 29 ? -4.452  10.947  -9.740  1.00 80.75  ? 29  A   A OP2   1 
ATOM   569 O  "O5'" . A   A 1 29 ? -3.654  12.756  -8.274  1.00 74.88  ? 29  A   A "O5'" 1 
ATOM   570 C  "C5'" . A   A 1 29 ? -2.454  12.054  -8.009  1.00 63.58  ? 29  A   A "C5'" 1 
ATOM   571 C  "C4'" . A   A 1 29 ? -1.828  12.497  -6.714  1.00 52.21  ? 29  A   A "C4'" 1 
ATOM   572 O  "O4'" . A   A 1 29 ? -2.251  11.609  -5.644  1.00 53.15  ? 29  A   A "O4'" 1 
ATOM   573 C  "C3'" . A   A 1 29 ? -0.309  12.432  -6.687  1.00 48.32  ? 29  A   A "C3'" 1 
ATOM   574 O  "O3'" . A   A 1 29 ? 0.281   13.600  -7.223  1.00 59.89  ? 29  A   A "O3'" 1 
ATOM   575 C  "C2'" . A   A 1 29 ? -0.005  12.218  -5.216  1.00 49.61  ? 29  A   A "C2'" 1 
ATOM   576 O  "O2'" . A   A 1 29 ? -0.123  13.442  -4.507  1.00 56.58  ? 29  A   A "O2'" 1 
ATOM   577 C  "C1'" . A   A 1 29 ? -1.158  11.302  -4.810  1.00 48.23  ? 29  A   A "C1'" 1 
ATOM   578 N  N9    . A   A 1 29 ? -0.833  9.879   -5.031  1.00 43.61  ? 29  A   A N9    1 
ATOM   579 C  C8    . A   A 1 29 ? -1.237  9.102   -6.090  1.00 44.86  ? 29  A   A C8    1 
ATOM   580 N  N7    . A   A 1 29 ? -0.811  7.860   -6.039  1.00 43.29  ? 29  A   A N7    1 
ATOM   581 C  C5    . A   A 1 29 ? -0.070  7.813   -4.866  1.00 40.24  ? 29  A   A C5    1 
ATOM   582 C  C6    . A   A 1 29 ? 0.641   6.771   -4.238  1.00 33.85  ? 29  A   A C6    1 
ATOM   583 N  N6    . A   A 1 29 ? 0.742   5.529   -4.723  1.00 33.04  ? 29  A   A N6    1 
ATOM   584 N  N1    . A   A 1 29 ? 1.277   7.060   -3.085  1.00 39.55  ? 29  A   A N1    1 
ATOM   585 C  C2    . A   A 1 29 ? 1.175   8.303   -2.594  1.00 40.55  ? 29  A   A C2    1 
ATOM   586 N  N3    . A   A 1 29 ? 0.531   9.358   -3.084  1.00 40.09  ? 29  A   A N3    1 
ATOM   587 C  C4    . A   A 1 29 ? -0.076  9.047   -4.237  1.00 40.75  ? 29  A   A C4    1 
ATOM   588 P  P     . C   A 1 30 ? 1.482   13.500  -8.283  1.00 61.44  ? 30  C   A P     1 
ATOM   589 O  OP1   . C   A 1 30 ? 1.761   14.878  -8.745  1.00 65.54  ? 30  C   A OP1   1 
ATOM   590 O  OP2   . C   A 1 30 ? 1.203   12.435  -9.278  1.00 60.19  ? 30  C   A OP2   1 
ATOM   591 O  "O5'" . C   A 1 30 ? 2.723   13.034  -7.403  1.00 64.07  ? 30  C   A "O5'" 1 
ATOM   592 C  "C5'" . C   A 1 30 ? 3.100   13.758  -6.241  1.00 54.34  ? 30  C   A "C5'" 1 
ATOM   593 C  "C4'" . C   A 1 30 ? 3.930   12.911  -5.311  1.00 49.78  ? 30  C   A "C4'" 1 
ATOM   594 O  "O4'" . C   A 1 30 ? 3.138   11.801  -4.809  1.00 52.70  ? 30  C   A "O4'" 1 
ATOM   595 C  "C3'" . C   A 1 30 ? 5.146   12.241  -5.929  1.00 48.67  ? 30  C   A "C3'" 1 
ATOM   596 O  "O3'" . C   A 1 30 ? 6.252   13.119  -6.055  1.00 52.51  ? 30  C   A "O3'" 1 
ATOM   597 C  "C2'" . C   A 1 30 ? 5.396   11.080  -4.980  1.00 45.81  ? 30  C   A "C2'" 1 
ATOM   598 O  "O2'" . C   A 1 30 ? 6.041   11.533  -3.801  1.00 42.90  ? 30  C   A "O2'" 1 
ATOM   599 C  "C1'" . C   A 1 30 ? 3.963   10.671  -4.620  1.00 47.70  ? 30  C   A "C1'" 1 
ATOM   600 N  N1    . C   A 1 30 ? 3.471   9.566   -5.474  1.00 44.01  ? 30  C   A N1    1 
ATOM   601 C  C2    . C   A 1 30 ? 3.908   8.279   -5.164  1.00 40.33  ? 30  C   A C2    1 
ATOM   602 O  O2    . C   A 1 30 ? 4.671   8.134   -4.202  1.00 37.95  ? 30  C   A O2    1 
ATOM   603 N  N3    . C   A 1 30 ? 3.491   7.224   -5.905  1.00 42.51  ? 30  C   A N3    1 
ATOM   604 C  C4    . C   A 1 30 ? 2.665   7.423   -6.927  1.00 43.98  ? 30  C   A C4    1 
ATOM   605 N  N4    . C   A 1 30 ? 2.286   6.346   -7.620  1.00 40.18  ? 30  C   A N4    1 
ATOM   606 C  C5    . C   A 1 30 ? 2.200   8.730   -7.276  1.00 49.43  ? 30  C   A C5    1 
ATOM   607 C  C6    . C   A 1 30 ? 2.624   9.766   -6.532  1.00 46.75  ? 30  C   A C6    1 
ATOM   608 P  P     . A   A 1 31 ? 7.356   12.892  -7.197  1.00 53.62  ? 31  A   A P     1 
ATOM   609 O  OP1   . A   A 1 31 ? 8.234   14.090  -7.158  1.00 55.24  ? 31  A   A OP1   1 
ATOM   610 O  OP2   . A   A 1 31 ? 6.723   12.496  -8.480  1.00 54.53  ? 31  A   A OP2   1 
ATOM   611 O  "O5'" . A   A 1 31 ? 8.199   11.647  -6.678  1.00 51.08  ? 31  A   A "O5'" 1 
ATOM   612 C  "C5'" . A   A 1 31 ? 8.952   11.721  -5.477  1.00 46.10  ? 31  A   A "C5'" 1 
ATOM   613 C  "C4'" . A   A 1 31 ? 9.865   10.532  -5.347  1.00 44.55  ? 31  A   A "C4'" 1 
ATOM   614 O  "O4'" . A   A 1 31 ? 9.080   9.371   -4.990  1.00 43.35  ? 31  A   A "O4'" 1 
ATOM   615 C  "C3'" . A   A 1 31 ? 10.608  10.128  -6.618  1.00 42.39  ? 31  A   A "C3'" 1 
ATOM   616 O  "O3'" . A   A 1 31 ? 11.825  10.857  -6.757  1.00 48.60  ? 31  A   A "O3'" 1 
ATOM   617 C  "C2'" . A   A 1 31 ? 10.813  8.630   -6.438  1.00 39.56  ? 31  A   A "C2'" 1 
ATOM   618 O  "O2'" . A   A 1 31 ? 11.946  8.387   -5.622  1.00 46.34  ? 31  A   A "O2'" 1 
ATOM   619 C  "C1'" . A   A 1 31 ? 9.570   8.227   -5.642  1.00 39.16  ? 31  A   A "C1'" 1 
ATOM   620 N  N9    . A   A 1 31 ? 8.475   7.671   -6.457  1.00 38.77  ? 31  A   A N9    1 
ATOM   621 C  C8    . A   A 1 31 ? 7.401   8.346   -6.986  1.00 39.96  ? 31  A   A C8    1 
ATOM   622 N  N7    . A   A 1 31 ? 6.555   7.579   -7.635  1.00 39.71  ? 31  A   A N7    1 
ATOM   623 C  C5    . A   A 1 31 ? 7.102   6.307   -7.508  1.00 40.81  ? 31  A   A C5    1 
ATOM   624 C  C6    . A   A 1 31 ? 6.680   5.044   -7.967  1.00 37.10  ? 31  A   A C6    1 
ATOM   625 N  N6    . A   A 1 31 ? 5.573   4.844   -8.688  1.00 35.28  ? 31  A   A N6    1 
ATOM   626 N  N1    . A   A 1 31 ? 7.460   3.982   -7.670  1.00 37.91  ? 31  A   A N1    1 
ATOM   627 C  C2    . A   A 1 31 ? 8.578   4.177   -6.958  1.00 34.10  ? 31  A   A C2    1 
ATOM   628 N  N3    . A   A 1 31 ? 9.078   5.312   -6.461  1.00 38.52  ? 31  A   A N3    1 
ATOM   629 C  C4    . A   A 1 31 ? 8.282   6.350   -6.779  1.00 39.99  ? 31  A   A C4    1 
ATOM   630 P  P     . A   A 1 32 ? 12.723  10.790  -8.087  1.00 49.84  ? 32  A   A P     1 
ATOM   631 O  OP1   . A   A 1 32 ? 13.196  12.171  -8.343  1.00 58.66  ? 32  A   A OP1   1 
ATOM   632 O  OP2   . A   A 1 32 ? 12.047  10.051  -9.178  1.00 48.33  ? 32  A   A OP2   1 
ATOM   633 O  "O5'" . A   A 1 32 ? 13.996  9.941   -7.649  1.00 57.73  ? 32  A   A "O5'" 1 
ATOM   634 C  "C5'" . A   A 1 32 ? 14.865  10.401  -6.624  1.00 55.28  ? 32  A   A "C5'" 1 
ATOM   635 C  "C4'" . A   A 1 32 ? 15.873  9.344   -6.247  1.00 51.56  ? 32  A   A "C4'" 1 
ATOM   636 O  "O4'" . A   A 1 32 ? 15.179  8.173   -5.736  1.00 53.42  ? 32  A   A "O4'" 1 
ATOM   637 C  "C3'" . A   A 1 32 ? 16.716  8.800   -7.387  1.00 46.74  ? 32  A   A "C3'" 1 
ATOM   638 O  "O3'" . A   A 1 32 ? 17.819  9.622   -7.707  1.00 58.06  ? 32  A   A "O3'" 1 
ATOM   639 C  "C2'" . A   A 1 32 ? 17.113  7.426   -6.878  1.00 49.38  ? 32  A   A "C2'" 1 
ATOM   640 O  "O2'" . A   A 1 32 ? 18.126  7.531   -5.889  1.00 55.59  ? 32  A   A "O2'" 1 
ATOM   641 C  "C1'" . A   A 1 32 ? 15.832  7.001   -6.180  1.00 49.27  ? 32  A   A "C1'" 1 
ATOM   642 N  N9    . A   A 1 32 ? 14.922  6.274   -7.082  1.00 42.36  ? 32  A   A N9    1 
ATOM   643 C  C8    . A   A 1 32 ? 13.746  6.718   -7.626  1.00 39.66  ? 32  A   A C8    1 
ATOM   644 N  N7    . A   A 1 32 ? 13.151  5.821   -8.375  1.00 40.83  ? 32  A   A N7    1 
ATOM   645 C  C5    . A   A 1 32 ? 13.985  4.717   -8.309  1.00 43.88  ? 32  A   A C5    1 
ATOM   646 C  C6    . A   A 1 32 ? 13.906  3.435   -8.880  1.00 45.70  ? 32  A   A C6    1 
ATOM   647 N  N6    . A   A 1 32 ? 12.902  3.042   -9.662  1.00 39.10  ? 32  A   A N6    1 
ATOM   648 N  N1    . A   A 1 32 ? 14.910  2.567   -8.618  1.00 41.47  ? 32  A   A N1    1 
ATOM   649 C  C2    . A   A 1 32 ? 15.914  2.966   -7.829  1.00 41.36  ? 32  A   A C2    1 
ATOM   650 N  N3    . A   A 1 32 ? 16.101  4.143   -7.232  1.00 47.57  ? 32  A   A N3    1 
ATOM   651 C  C4    . A   A 1 32 ? 15.085  4.981   -7.517  1.00 44.49  ? 32  A   A C4    1 
ATOM   652 P  P     . G   A 1 33 ? 18.073  10.045  -9.229  1.00 58.81  ? 33  G   A P     1 
ATOM   653 O  OP1   . G   A 1 33 ? 19.464  10.553  -9.327  1.00 56.99  ? 33  G   A OP1   1 
ATOM   654 O  OP2   . G   A 1 33 ? 16.909  10.865  -9.652  1.00 63.49  ? 33  G   A OP2   1 
ATOM   655 O  "O5'" . G   A 1 33 ? 18.005  8.677   -10.038 1.00 61.11  ? 33  G   A "O5'" 1 
ATOM   656 C  "C5'" . G   A 1 33 ? 19.050  7.722   -9.946  1.00 58.28  ? 33  G   A "C5'" 1 
ATOM   657 C  "C4'" . G   A 1 33 ? 18.635  6.411   -10.561 1.00 51.87  ? 33  G   A "C4'" 1 
ATOM   658 O  "O4'" . G   A 1 33 ? 17.346  6.017   -10.036 1.00 58.68  ? 33  G   A "O4'" 1 
ATOM   659 C  "C3'" . G   A 1 33 ? 18.428  6.420   -12.064 1.00 53.57  ? 33  G   A "C3'" 1 
ATOM   660 O  "O3'" . G   A 1 33 ? 19.642  6.311   -12.779 1.00 54.31  ? 33  G   A "O3'" 1 
ATOM   661 C  "C2'" . G   A 1 33 ? 17.488  5.242   -12.273 1.00 56.61  ? 33  G   A "C2'" 1 
ATOM   662 O  "O2'" . G   A 1 33 ? 18.196  4.017   -12.215 1.00 63.28  ? 33  G   A "O2'" 1 
ATOM   663 C  "C1'" . G   A 1 33 ? 16.608  5.339   -11.029 1.00 51.07  ? 33  G   A "C1'" 1 
ATOM   664 N  N9    . G   A 1 33 ? 15.380  6.101   -11.303 1.00 45.27  ? 33  G   A N9    1 
ATOM   665 C  C8    . G   A 1 33 ? 15.112  7.415   -11.005 1.00 48.18  ? 33  G   A C8    1 
ATOM   666 N  N7    . G   A 1 33 ? 13.923  7.794   -11.393 1.00 46.64  ? 33  G   A N7    1 
ATOM   667 C  C5    . G   A 1 33 ? 13.392  6.662   -11.991 1.00 40.75  ? 33  G   A C5    1 
ATOM   668 C  C6    . G   A 1 33 ? 12.137  6.457   -12.606 1.00 40.66  ? 33  G   A C6    1 
ATOM   669 O  O6    . G   A 1 33 ? 11.226  7.274   -12.749 1.00 47.36  ? 33  G   A O6    1 
ATOM   670 N  N1    . G   A 1 33 ? 11.998  5.150   -13.078 1.00 41.12  ? 33  G   A N1    1 
ATOM   671 C  C2    . G   A 1 33 ? 12.957  4.170   -12.969 1.00 42.09  ? 33  G   A C2    1 
ATOM   672 N  N2    . G   A 1 33 ? 12.648  2.974   -13.484 1.00 46.83  ? 33  G   A N2    1 
ATOM   673 N  N3    . G   A 1 33 ? 14.139  4.349   -12.406 1.00 45.45  ? 33  G   A N3    1 
ATOM   674 C  C4    . G   A 1 33 ? 14.279  5.609   -11.945 1.00 40.69  ? 33  G   A C4    1 
HETATM 675 O  O1    . MES B 2 .  ? 14.913  9.784   -2.751  1.00 103.36 ? 101 MES A O1    1 
HETATM 676 C  C2    . MES B 2 .  ? 14.966  9.334   -1.393  1.00 104.54 ? 101 MES A C2    1 
HETATM 677 C  C3    . MES B 2 .  ? 13.606  9.425   -0.699  1.00 110.37 ? 101 MES A C3    1 
HETATM 678 N  N4    . MES B 2 .  ? 12.652  8.921   -1.677  1.00 112.42 ? 101 MES A N4    1 
HETATM 679 C  C5    . MES B 2 .  ? 12.502  9.631   -2.940  1.00 109.99 ? 101 MES A C5    1 
HETATM 680 C  C6    . MES B 2 .  ? 13.734  10.521  -3.086  1.00 105.17 ? 101 MES A C6    1 
HETATM 681 C  C7    . MES B 2 .  ? 11.784  7.781   -1.368  1.00 107.58 ? 101 MES A C7    1 
HETATM 682 C  C8    . MES B 2 .  ? 10.342  8.262   -1.526  1.00 104.60 ? 101 MES A C8    1 
HETATM 683 S  S     . MES B 2 .  ? 9.225   7.023   -1.389  1.00 91.77  ? 101 MES A S     1 
HETATM 684 O  O1S   . MES B 2 .  ? 9.763   5.919   -0.557  1.00 97.28  ? 101 MES A O1S   1 
HETATM 685 O  O2S   . MES B 2 .  ? 8.859   6.508   -2.730  1.00 80.30  ? 101 MES A O2S   1 
HETATM 686 O  O3S   . MES B 2 .  ? 8.001   7.571   -0.766  1.00 96.91  ? 101 MES A O3S   1 
HETATM 687 C  C1    . HLV C 3 .  ? 3.226   1.717   -2.274  1.00 22.95  ? 102 HLV A C1    1 
HETATM 688 C  C2    . HLV C 3 .  ? 4.052   2.688   -1.844  1.00 27.24  ? 102 HLV A C2    1 
HETATM 689 C  C3    . HLV C 3 .  ? 2.154   2.306   -2.797  1.00 24.10  ? 102 HLV A C3    1 
HETATM 690 C  C4    . HLV C 3 .  ? 3.484   3.879   -2.082  1.00 26.60  ? 102 HLV A C4    1 
HETATM 691 C  C5    . HLV C 3 .  ? 3.328   0.378   -2.279  1.00 29.60  ? 102 HLV A C5    1 
HETATM 692 C  C6    . HLV C 3 .  ? 2.300   -0.402  -2.818  1.00 30.86  ? 102 HLV A C6    1 
HETATM 693 O  O2    . HLV C 3 .  ? 2.339   -1.773  -2.852  1.00 37.21  ? 102 HLV A O2    1 
HETATM 694 C  C10   . HLV C 3 .  ? 4.081   5.031   -1.753  1.00 27.48  ? 102 HLV A C10   1 
HETATM 695 C  C11   . HLV C 3 .  ? 5.923   3.792   -0.876  1.00 29.45  ? 102 HLV A C11   1 
HETATM 696 C  C12   . HLV C 3 .  ? 5.321   5.019   -1.129  1.00 23.99  ? 102 HLV A C12   1 
HETATM 697 C  C13   . HLV C 3 .  ? 3.464   -2.321  -2.163  1.00 36.52  ? 102 HLV A C13   1 
HETATM 698 C  C14   . HLV C 3 .  ? 3.577   -3.808  -2.509  1.00 46.45  ? 102 HLV A C14   1 
HETATM 699 C  C7    . HLV C 3 .  ? 1.147   1.606   -3.317  1.00 24.63  ? 102 HLV A C7    1 
HETATM 700 C  C8    . HLV C 3 .  ? 5.247   2.629   -1.249  1.00 26.08  ? 102 HLV A C8    1 
HETATM 701 C  C9    . HLV C 3 .  ? 1.185   0.221   -3.349  1.00 26.31  ? 102 HLV A C9    1 
HETATM 702 N  N1    . HLV C 3 .  ? 2.369   -4.537  -2.108  1.00 48.45  ? 102 HLV A N1    1 
HETATM 703 O  O1    . HLV C 3 .  ? 2.326   3.657   -2.669  1.00 28.19  ? 102 HLV A O1    1 
HETATM 704 MG MG    . MG  D 4 .  ? 2.462   -0.020  -13.848 1.00 70.67  ? 103 MG  A MG    1 
HETATM 705 MG MG    . MG  E 4 .  ? 0.111   -6.389  -0.706  1.00 76.30  ? 104 MG  A MG    1 
HETATM 706 MG MG    . MG  F 4 .  ? -2.447  -2.256  -8.757  1.00 74.05  ? 105 MG  A MG    1 
HETATM 707 MG MG    . MG  G 4 .  ? -6.099  5.435   -8.362  1.00 81.12  ? 106 MG  A MG    1 
HETATM 708 O  O     . HOH H 5 .  ? 5.710   1.679   7.534   1.00 51.41  ? 201 HOH A O     1 
HETATM 709 O  O     . HOH H 5 .  ? 15.737  12.838  -8.813  1.00 58.98  ? 202 HOH A O     1 
HETATM 710 O  O     . HOH H 5 .  ? -1.002  -2.938  -4.610  1.00 41.41  ? 203 HOH A O     1 
HETATM 711 O  O     . HOH H 5 .  ? 13.418  -1.464  -4.983  1.00 41.38  ? 204 HOH A O     1 
HETATM 712 O  O     . HOH H 5 .  ? -3.228  0.628   11.822  1.00 42.93  ? 205 HOH A O     1 
HETATM 713 O  O     . HOH H 5 .  ? 2.095   -3.893  0.877   1.00 48.92  ? 206 HOH A O     1 
HETATM 714 O  O     . HOH H 5 .  ? -11.358 -5.441  14.538  1.00 52.44  ? 207 HOH A O     1 
HETATM 715 O  O     . HOH H 5 .  ? 2.783   -2.140  3.393   1.00 40.43  ? 208 HOH A O     1 
HETATM 716 O  O     . HOH H 5 .  ? -5.316  -9.463  4.702   1.00 34.81  ? 209 HOH A O     1 
HETATM 717 O  O     . HOH H 5 .  ? 1.763   -1.309  6.344   1.00 33.59  ? 210 HOH A O     1 
HETATM 718 O  O     . HOH H 5 .  ? 0.807   7.716   7.271   1.00 60.22  ? 211 HOH A O     1 
HETATM 719 O  O     . HOH H 5 .  ? 11.864  9.721   -12.112 1.00 45.15  ? 212 HOH A O     1 
HETATM 720 O  O     . HOH H 5 .  ? -13.287 1.521   8.739   1.00 47.40  ? 213 HOH A O     1 
HETATM 721 O  O     . HOH H 5 .  ? 8.816   0.644   6.161   1.00 57.94  ? 214 HOH A O     1 
HETATM 722 O  O     . HOH H 5 .  ? 2.500   -0.003  8.883   1.00 43.35  ? 215 HOH A O     1 
HETATM 723 O  O     . HOH H 5 .  ? -15.404 2.188   4.550   1.00 54.45  ? 216 HOH A O     1 
HETATM 724 O  O     . HOH H 5 .  ? -11.840 -10.340 5.694   1.00 36.31  ? 217 HOH A O     1 
HETATM 725 O  O     . HOH H 5 .  ? -6.188  -4.842  1.932   1.00 40.94  ? 218 HOH A O     1 
HETATM 726 O  O     . HOH H 5 .  ? -8.399  -10.516 3.663   1.00 45.02  ? 219 HOH A O     1 
HETATM 727 O  O     . HOH H 5 .  ? -9.457  0.328   12.513  1.00 42.77  ? 220 HOH A O     1 
HETATM 728 O  O     . HOH H 5 .  ? 3.323   -7.795  4.752   1.00 47.45  ? 221 HOH A O     1 
HETATM 729 O  O     . HOH H 5 .  ? 6.905   -3.943  -2.709  1.00 38.28  ? 222 HOH A O     1 
HETATM 730 O  O     . HOH H 5 .  ? -8.147  -3.128  4.329   1.00 31.66  ? 223 HOH A O     1 
HETATM 731 O  O     . HOH H 5 .  ? 0.504   -2.128  -10.401 1.00 54.94  ? 224 HOH A O     1 
HETATM 732 O  O     . HOH H 5 .  ? 12.164  1.841   0.802   1.00 53.28  ? 225 HOH A O     1 
HETATM 733 O  O     . HOH H 5 .  ? -16.387 -4.786  3.796   1.00 42.79  ? 226 HOH A O     1 
HETATM 734 O  O     . HOH H 5 .  ? 9.555   9.174   -9.559  1.00 47.79  ? 227 HOH A O     1 
HETATM 735 O  O     . HOH H 5 .  ? -9.117  -14.170 15.014  1.00 40.76  ? 228 HOH A O     1 
HETATM 736 O  O     . HOH H 5 .  ? 1.225   -2.473  -6.321  1.00 40.63  ? 229 HOH A O     1 
HETATM 737 O  O     . HOH H 5 .  ? -3.688  1.872   9.251   1.00 41.03  ? 230 HOH A O     1 
HETATM 738 O  O     . HOH H 5 .  ? -12.298 -19.041 15.723  1.00 42.20  ? 231 HOH A O     1 
HETATM 739 O  O     . HOH H 5 .  ? -7.260  1.625   10.948  1.00 57.98  ? 232 HOH A O     1 
HETATM 740 O  O     . HOH H 5 .  ? 0.335   11.665  -1.685  1.00 60.22  ? 233 HOH A O     1 
HETATM 741 O  O     . HOH H 5 .  ? 14.402  10.477  -11.302 1.00 54.10  ? 234 HOH A O     1 
HETATM 742 O  O     . HOH H 5 .  ? -7.764  6.556   1.206   1.00 59.75  ? 235 HOH A O     1 
HETATM 743 O  O     . HOH H 5 .  ? -6.301  -9.349  -0.242  1.00 43.37  ? 236 HOH A O     1 
HETATM 744 O  O     . HOH H 5 .  ? 16.345  -1.527  0.121   1.00 37.75  ? 237 HOH A O     1 
HETATM 745 O  O     . HOH H 5 .  ? -0.616  7.090   -8.724  1.00 56.20  ? 238 HOH A O     1 
HETATM 746 O  O     . HOH H 5 .  ? -6.376  7.318   -1.880  1.00 48.17  ? 239 HOH A O     1 
HETATM 747 O  O     . HOH H 5 .  ? 2.525   1.629   5.023   1.00 39.02  ? 240 HOH A O     1 
HETATM 748 O  O     . HOH H 5 .  ? 2.758   -3.920  6.287   1.00 32.68  ? 241 HOH A O     1 
HETATM 749 O  O     . HOH H 5 .  ? -5.743  0.003   11.975  1.00 54.26  ? 242 HOH A O     1 
HETATM 750 O  O     . HOH H 5 .  ? -2.904  -12.614 5.735   1.00 41.14  ? 243 HOH A O     1 
HETATM 751 O  O     . HOH H 5 .  ? -14.561 -8.948  2.229   1.00 43.06  ? 244 HOH A O     1 
HETATM 752 O  O     . HOH H 5 .  ? 12.851  -1.111  -7.830  1.00 44.94  ? 245 HOH A O     1 
HETATM 753 O  O     . HOH H 5 .  ? -7.590  -12.462 16.858  1.00 48.46  ? 246 HOH A O     1 
HETATM 754 O  O     . HOH H 5 .  ? -1.029  10.427  0.836   1.00 40.02  ? 247 HOH A O     1 
HETATM 755 O  O     . HOH H 5 .  ? -11.449 3.456   2.900   1.00 60.27  ? 248 HOH A O     1 
HETATM 756 O  O     . HOH H 5 .  ? -7.628  -4.454  16.752  1.00 45.20  ? 249 HOH A O     1 
HETATM 757 O  O     . HOH H 5 .  ? -0.545  2.680   6.750   1.00 33.24  ? 250 HOH A O     1 
HETATM 758 O  O     . HOH H 5 .  ? 1.400   4.484   5.301   1.00 56.72  ? 251 HOH A O     1 
HETATM 759 O  O     . HOH H 5 .  ? -5.445  3.965   8.341   1.00 48.89  ? 252 HOH A O     1 
HETATM 760 O  O     . HOH H 5 .  ? -10.655 -9.149  11.200  1.00 44.27  ? 253 HOH A O     1 
HETATM 761 O  O     . HOH H 5 .  ? -7.871  -2.412  15.098  1.00 42.30  ? 254 HOH A O     1 
HETATM 762 O  O     . HOH H 5 .  ? -2.323  4.932   6.287   1.00 38.97  ? 255 HOH A O     1 
HETATM 763 O  O     . HOH H 5 .  ? -6.901  -2.273  0.314   1.00 39.66  ? 256 HOH A O     1 
HETATM 764 O  O     . HOH H 5 .  ? -4.524  8.438   7.090   1.00 62.43  ? 257 HOH A O     1 
HETATM 765 O  O     . HOH H 5 .  ? 9.008   3.533   -2.846  1.00 38.50  ? 258 HOH A O     1 
HETATM 766 O  O     . HOH H 5 .  ? -10.502 -12.255 13.635  1.00 51.36  ? 259 HOH A O     1 
HETATM 767 O  O     . HOH H 5 .  ? -4.885  -13.931 8.207   1.00 46.65  ? 260 HOH A O     1 
HETATM 768 O  O     . HOH H 5 .  ? 4.303   -5.420  7.444   1.00 48.43  ? 261 HOH A O     1 
HETATM 769 O  O     . HOH H 5 .  ? -12.663 3.701   5.571   1.00 50.45  ? 262 HOH A O     1 
HETATM 770 O  O     . HOH H 5 .  ? -6.671  -15.698 6.356   1.00 56.42  ? 263 HOH A O     1 
HETATM 771 O  O     . HOH H 5 .  ? 2.629   -5.180  3.692   1.00 44.04  ? 264 HOH A O     1 
HETATM 772 O  O     . HOH H 5 .  ? -9.522  -0.485  -4.612  1.00 53.75  ? 265 HOH A O     1 
HETATM 773 O  O     . HOH H 5 .  ? 0.939   2.159   11.138  1.00 34.45  ? 266 HOH A O     1 
HETATM 774 O  O     . HOH H 5 .  ? 18.273  7.922   -2.900  1.00 55.44  ? 267 HOH A O     1 
HETATM 775 O  O     . HOH H 5 .  ? -8.210  -8.051  1.287   1.00 53.67  ? 268 HOH A O     1 
HETATM 776 O  O     . HOH H 5 .  ? 4.577   -1.507  5.776   1.00 47.42  ? 269 HOH A O     1 
HETATM 777 O  O     . HOH H 5 .  ? 12.936  -0.218  -12.390 1.00 50.53  ? 270 HOH A O     1 
HETATM 778 O  O     . HOH H 5 .  ? -5.501  -12.306 4.807   1.00 46.75  ? 271 HOH A O     1 
HETATM 779 O  O     . HOH H 5 .  ? -9.110  -3.149  1.913   1.00 50.29  ? 272 HOH A O     1 
HETATM 780 O  O     . HOH H 5 .  ? 18.778  4.222   -5.564  1.00 56.77  ? 273 HOH A O     1 
HETATM 781 O  O     . HOH H 5 .  ? 1.692   -6.762  1.341   1.00 34.85  ? 274 HOH A O     1 
HETATM 782 O  O     . HOH H 5 .  ? 4.986   -2.974  -5.960  1.00 47.42  ? 275 HOH A O     1 
HETATM 783 O  O     . HOH H 5 .  ? -0.933  2.135   9.021   1.00 49.45  ? 276 HOH A O     1 
HETATM 784 O  O     . HOH H 5 .  ? 6.625   9.299   -13.964 1.00 57.72  ? 277 HOH A O     1 
HETATM 785 O  O     . HOH H 5 .  ? -10.401 -10.249 1.339   1.00 50.65  ? 278 HOH A O     1 
HETATM 786 O  O     . HOH H 5 .  ? 8.768   -1.410  7.562   1.00 48.32  ? 279 HOH A O     1 
HETATM 787 O  O     . HOH H 5 .  ? -13.648 -12.054 12.849  1.00 44.19  ? 280 HOH A O     1 
HETATM 788 O  O     . HOH H 5 .  ? -5.445  8.949   -0.035  1.00 58.27  ? 281 HOH A O     1 
HETATM 789 O  O     . HOH H 5 .  ? -12.985 -10.533 3.209   1.00 50.19  ? 282 HOH A O     1 
HETATM 790 O  O     . HOH H 5 .  ? -3.666  11.012  0.788   1.00 58.80  ? 283 HOH A O     1 
# 
loop_
_atom_site_anisotrop.id 
_atom_site_anisotrop.type_symbol 
_atom_site_anisotrop.pdbx_label_atom_id 
_atom_site_anisotrop.pdbx_label_alt_id 
_atom_site_anisotrop.pdbx_label_comp_id 
_atom_site_anisotrop.pdbx_label_asym_id 
_atom_site_anisotrop.pdbx_label_seq_id 
_atom_site_anisotrop.pdbx_PDB_ins_code 
_atom_site_anisotrop.U[1][1] 
_atom_site_anisotrop.U[2][2] 
_atom_site_anisotrop.U[3][3] 
_atom_site_anisotrop.U[1][2] 
_atom_site_anisotrop.U[1][3] 
_atom_site_anisotrop.U[2][3] 
_atom_site_anisotrop.pdbx_auth_seq_id 
_atom_site_anisotrop.pdbx_auth_comp_id 
_atom_site_anisotrop.pdbx_auth_asym_id 
_atom_site_anisotrop.pdbx_auth_atom_id 
1   O "O5'" . C A 1  ? 0.7071 1.0428 0.8490 -0.0822 0.1247  -0.0010 1  C A "O5'" 
2   C "C5'" . C A 1  ? 0.6481 0.9481 0.7755 -0.0805 0.1396  0.0111  1  C A "C5'" 
3   C "C4'" . C A 1  ? 0.5720 0.8753 0.6999 -0.0707 0.1397  0.0233  1  C A "C4'" 
4   O "O4'" . C A 1  ? 0.5493 0.8755 0.6797 -0.0723 0.1208  0.0163  1  C A "O4'" 
5   C "C3'" . C A 1  ? 0.5335 0.7960 0.6406 -0.0758 0.1514  0.0302  1  C A "C3'" 
6   O "O3'" . C A 1  ? 0.3556 0.5961 0.4602 -0.0683 0.1729  0.0423  1  C A "O3'" 
7   C "C2'" . C A 1  ? 0.5412 0.8176 0.6523 -0.0717 0.1424  0.0358  1  C A "C2'" 
8   O "O2'" . C A 1  ? 0.6097 0.9017 0.7362 -0.0563 0.1497  0.0486  1  C A "O2'" 
9   C "C1'" . C A 1  ? 0.4546 0.7657 0.5747 -0.0733 0.1208  0.0234  1  C A "C1'" 
10  N N1    . C A 1  ? 0.3075 0.6037 0.4107 -0.0887 0.1114  0.0105  1  C A N1    
11  C C2    . C A 1  ? 0.3939 0.6825 0.4861 -0.0936 0.1052  0.0133  1  C A C2    
12  O O2    . C A 1  ? 0.4127 0.7069 0.5114 -0.0854 0.1079  0.0268  1  C A O2    
13  N N3    . C A 1  ? 0.3419 0.6180 0.4177 -0.1070 0.0968  0.0020  1  C A N3    
14  C C4    . C A 1  ? 0.2286 0.4920 0.2980 -0.1138 0.0960  -0.0112 1  C A C4    
15  N N4    . C A 1  ? 0.2862 0.5268 0.3366 -0.1200 0.0860  -0.0189 1  C A N4    
16  C C5    . C A 1  ? 0.2966 0.5679 0.3792 -0.1117 0.1039  -0.0154 1  C A C5    
17  C C6    . C A 1  ? 0.3025 0.5902 0.4005 -0.0990 0.1099  -0.0043 1  C A C6    
18  P P     . U A 2  ? 0.5456 0.7343 0.6187 -0.0781 0.1842  0.0417  2  U A P     
19  O OP1   . U A 2  ? 0.5849 0.7658 0.6565 -0.0675 0.1989  0.0525  2  U A OP1   
20  O OP2   . U A 2  ? 0.4401 0.6033 0.4953 -0.0929 0.1782  0.0244  2  U A OP2   
21  O "O5'" . U A 2  ? 0.5110 0.6759 0.5712 -0.0848 0.1834  0.0423  2  U A "O5'" 
22  C "C5'" . U A 2  ? 0.4283 0.6074 0.5014 -0.0743 0.1892  0.0578  2  U A "C5'" 
23  C "C4'" . U A 2  ? 0.3336 0.4908 0.3969 -0.0848 0.1862  0.0558  2  U A "C4'" 
24  O "O4'" . U A 2  ? 0.5216 0.7145 0.5915 -0.0901 0.1631  0.0479  2  U A "O4'" 
25  C "C3'" . U A 2  ? 0.4593 0.5555 0.4878 -0.1006 0.1867  0.0419  2  U A "C3'" 
26  O "O3'" . U A 2  ? 0.5053 0.5561 0.5219 -0.0990 0.2085  0.0463  2  U A "O3'" 
27  C "C2'" . U A 2  ? 0.4510 0.5538 0.4748 -0.1107 0.1672  0.0367  2  U A "C2'" 
28  O "O2'" . U A 2  ? 0.4352 0.5388 0.4710 -0.1076 0.1739  0.0493  2  U A "O2'" 
29  C "C1'" . U A 2  ? 0.5060 0.6660 0.5520 -0.1044 0.1512  0.0372  2  U A "C1'" 
30  N N1    . U A 2  ? 0.4181 0.5745 0.4501 -0.1128 0.1379  0.0215  2  U A N1    
31  C C2    . U A 2  ? 0.3930 0.5386 0.4077 -0.1230 0.1220  0.0132  2  U A C2    
32  O O2    . U A 2  ? 0.3787 0.5194 0.3892 -0.1274 0.1175  0.0168  2  U A O2    
33  N N3    . U A 2  ? 0.3038 0.4457 0.3073 -0.1278 0.1129  0.0019  2  U A N3    
34  C C4    . U A 2  ? 0.3509 0.4965 0.3602 -0.1255 0.1180  -0.0033 2  U A C4    
35  O O4    . U A 2  ? 0.3123 0.4501 0.3113 -0.1303 0.1108  -0.0122 2  U A O4    
36  C C5    . U A 2  ? 0.3456 0.5049 0.3735 -0.1173 0.1331  0.0041  2  U A C5    
37  C C6    . U A 2  ? 0.4016 0.5676 0.4398 -0.1101 0.1421  0.0168  2  U A C6    
38  P P     . G A 3  ? 0.5934 0.5867 0.5735 -0.1107 0.2159  0.0307  3  G A P     
39  O OP1   . G A 3  ? 0.7209 0.6745 0.6953 -0.1041 0.2381  0.0362  3  G A OP1   
40  O OP2   . G A 3  ? 0.5865 0.5890 0.5611 -0.1108 0.2103  0.0234  3  G A OP2   
41  O "O5'" . G A 3  ? 0.6645 0.6396 0.6224 -0.1293 0.1981  0.0165  3  G A "O5'" 
42  C "C5'" . G A 3  ? 0.5886 0.5445 0.5443 -0.1370 0.2016  0.0174  3  G A "C5'" 
43  C "C4'" . G A 3  ? 0.4678 0.4201 0.4037 -0.1550 0.1811  0.0036  3  G A "C4'" 
44  O "O4'" . G A 3  ? 0.5031 0.5029 0.4535 -0.1519 0.1591  0.0069  3  G A "O4'" 
45  C "C3'" . G A 3  ? 0.5309 0.4554 0.4316 -0.1665 0.1769  -0.0137 3  G A "C3'" 
46  O "O3'" . G A 3  ? 0.6238 0.5003 0.5008 -0.1760 0.1930  -0.0241 3  G A "O3'" 
47  C "C2'" . G A 3  ? 0.4953 0.4438 0.3893 -0.1771 0.1523  -0.0194 3  G A "C2'" 
48  O "O2'" . G A 3  ? 0.5602 0.4992 0.4512 -0.1907 0.1505  -0.0224 3  G A "O2'" 
49  C "C1'" . G A 3  ? 0.4692 0.4652 0.3954 -0.1640 0.1423  -0.0063 3  G A "C1'" 
50  N N9    . G A 3  ? 0.4865 0.5001 0.4132 -0.1571 0.1350  -0.0084 3  G A N9    
51  C C8    . G A 3  ? 0.3880 0.4113 0.3300 -0.1453 0.1448  -0.0036 3  G A C8    
52  N N7    . G A 3  ? 0.4110 0.4457 0.3508 -0.1444 0.1363  -0.0085 3  G A N7    
53  C C5    . G A 3  ? 0.4236 0.4564 0.3448 -0.1533 0.1208  -0.0151 3  G A C5    
54  C C6    . G A 3  ? 0.4968 0.5367 0.4083 -0.1542 0.1092  -0.0200 3  G A C6    
55  O O6    . G A 3  ? 0.3626 0.4082 0.2811 -0.1491 0.1108  -0.0213 3  G A O6    
56  N N1    . G A 3  ? 0.3788 0.4187 0.2714 -0.1621 0.0962  -0.0230 3  G A N1    
57  C C2    . G A 3  ? 0.3905 0.4259 0.2760 -0.1711 0.0934  -0.0235 3  G A C2    
58  N N2    . G A 3  ? 0.3961 0.4393 0.2642 -0.1790 0.0795  -0.0264 3  G A N2    
59  N N3    . G A 3  ? 0.3986 0.4228 0.2944 -0.1722 0.1051  -0.0204 3  G A N3    
60  C C4    . G A 3  ? 0.5164 0.5393 0.4292 -0.1617 0.1188  -0.0154 3  G A C4    
61  P P     . G A 4  ? 0.7423 0.5878 0.5876 -0.1778 0.2016  -0.0367 4  G A P     
62  O OP1   . G A 4  ? 0.7502 0.5481 0.5796 -0.1841 0.2231  -0.0452 4  G A OP1   
63  O OP2   . G A 4  ? 0.6399 0.5035 0.4970 -0.1621 0.2044  -0.0277 4  G A OP2   
64  O "O5'" . G A 4  ? 0.6182 0.4733 0.4373 -0.1917 0.1801  -0.0500 4  G A "O5'" 
65  C "C5'" . G A 4  ? 0.7161 0.5651 0.5192 -0.2104 0.1713  -0.0617 4  G A "C5'" 
66  C "C4'" . G A 4  ? 0.6392 0.5208 0.4319 -0.2162 0.1469  -0.0645 4  G A "C4'" 
67  O "O4'" . G A 4  ? 0.5969 0.5163 0.4176 -0.2037 0.1350  -0.0499 4  G A "O4'" 
68  C "C3'" . G A 4  ? 0.6425 0.5222 0.4072 -0.2148 0.1436  -0.0711 4  G A "C3'" 
69  O "O3'" . G A 4  ? 0.7595 0.6171 0.4901 -0.2292 0.1475  -0.0882 4  G A "O3'" 
70  C "C2'" . G A 4  ? 0.6250 0.5448 0.3956 -0.2122 0.1218  -0.0642 4  G A "C2'" 
71  O "O2'" . G A 4  ? 0.6337 0.5687 0.3937 -0.2275 0.1078  -0.0707 4  G A "O2'" 
72  C "C1'" . G A 4  ? 0.4985 0.4376 0.3069 -0.2013 0.1207  -0.0507 4  G A "C1'" 
73  N N9    . G A 4  ? 0.5408 0.4847 0.3629 -0.1859 0.1264  -0.0431 4  G A N9    
74  C C8    . G A 4  ? 0.5462 0.4809 0.3862 -0.1759 0.1425  -0.0372 4  G A C8    
75  N N7    . G A 4  ? 0.5811 0.5283 0.4315 -0.1661 0.1428  -0.0326 4  G A N7    
76  C C5    . G A 4  ? 0.5203 0.4809 0.3591 -0.1686 0.1277  -0.0348 4  G A C5    
77  C C6    . G A 4  ? 0.4956 0.4686 0.3394 -0.1618 0.1234  -0.0320 4  G A C6    
78  O O6    . G A 4  ? 0.4625 0.4383 0.3230 -0.1547 0.1315  -0.0288 4  G A O6    
79  N N1    . G A 4  ? 0.4406 0.4240 0.2687 -0.1645 0.1098  -0.0329 4  G A N1    
80  C C2    . G A 4  ? 0.4530 0.4407 0.2628 -0.1737 0.0993  -0.0364 4  G A C2    
81  N N2    . G A 4  ? 0.4489 0.4527 0.2451 -0.1731 0.0872  -0.0344 4  G A N2    
82  N N3    . G A 4  ? 0.4673 0.4448 0.2734 -0.1831 0.1021  -0.0413 4  G A N3    
83  C C4    . G A 4  ? 0.4624 0.4242 0.2835 -0.1795 0.1171  -0.0401 4  G A C4    
84  P P     . G A 5  ? 0.8071 0.6494 0.5068 -0.2246 0.1555  -0.0950 5  G A P     
85  O OP1   . G A 5  ? 0.7662 0.5901 0.4330 -0.2424 0.1590  -0.1156 5  G A OP1   
86  O OP2   . G A 5  ? 0.7317 0.5567 0.4461 -0.2080 0.1730  -0.0852 5  G A OP2   
87  O "O5'" . G A 5  ? 0.7325 0.6111 0.4266 -0.2186 0.1373  -0.0871 5  G A "O5'" 
88  C "C5'" . G A 5  ? 0.6901 0.5969 0.3703 -0.2298 0.1190  -0.0915 5  G A "C5'" 
89  C "C4'" . G A 5  ? 0.6002 0.5368 0.2778 -0.2179 0.1072  -0.0795 5  G A "C4'" 
90  O "O4'" . G A 5  ? 0.6289 0.5758 0.3401 -0.2048 0.1048  -0.0650 5  G A "O4'" 
91  C "C3'" . G A 5  ? 0.6103 0.5376 0.2668 -0.2076 0.1170  -0.0775 5  G A "C3'" 
92  O "O3'" . G A 5  ? 0.7818 0.7173 0.4020 -0.2167 0.1137  -0.0883 5  G A "O3'" 
93  C "C2'" . G A 5  ? 0.6219 0.5700 0.2949 -0.1922 0.1104  -0.0603 5  G A "C2'" 
94  O "O2'" . G A 5  ? 0.6108 0.5921 0.2706 -0.1933 0.0948  -0.0563 5  G A "O2'" 
95  C "C1'" . G A 5  ? 0.5872 0.5389 0.2971 -0.1907 0.1070  -0.0554 5  G A "C1'" 
96  N N9    . G A 5  ? 0.5800 0.5134 0.3123 -0.1811 0.1213  -0.0505 5  G A N9    
97  C C8    . G A 5  ? 0.5976 0.5093 0.3400 -0.1829 0.1343  -0.0545 5  G A C8    
98  N N7    . G A 5  ? 0.5865 0.4938 0.3500 -0.1724 0.1447  -0.0472 5  G A N7    
99  C C5    . G A 5  ? 0.5404 0.4636 0.3090 -0.1652 0.1385  -0.0400 5  G A C5    
100 C C6    . G A 5  ? 0.5246 0.4513 0.3152 -0.1558 0.1450  -0.0327 5  G A C6    
101 O O6    . G A 5  ? 0.5358 0.4583 0.3463 -0.1516 0.1563  -0.0304 5  G A O6    
102 N N1    . G A 5  ? 0.5059 0.4442 0.2948 -0.1512 0.1382  -0.0275 5  G A N1    
103 C C2    . G A 5  ? 0.4948 0.4443 0.2632 -0.1527 0.1264  -0.0266 5  G A C2    
104 N N2    . G A 5  ? 0.4909 0.4488 0.2619 -0.1447 0.1243  -0.0186 5  G A N2    
105 N N3    . G A 5  ? 0.5079 0.4612 0.2556 -0.1617 0.1183  -0.0329 5  G A N3    
106 C C4    . G A 5  ? 0.5150 0.4529 0.2642 -0.1688 0.1250  -0.0407 5  G A C4    
107 P P     . U A 6  ? 0.8591 0.7795 0.4497 -0.2100 0.1277  -0.0918 6  U A P     
108 O OP1   . U A 6  ? 0.9308 0.8436 0.4949 -0.2265 0.1290  -0.1133 6  U A OP1   
109 O OP2   . U A 6  ? 0.7329 0.6262 0.3430 -0.1960 0.1442  -0.0827 6  U A OP2   
110 O "O5'" . U A 6  ? 0.8960 0.8528 0.4768 -0.1978 0.1169  -0.0776 6  U A "O5'" 
111 C "C5'" . U A 6  ? 0.7521 0.7467 0.3267 -0.2029 0.0979  -0.0790 6  U A "C5'" 
112 C "C4'" . U A 6  ? 0.7536 0.7792 0.3305 -0.1842 0.0908  -0.0585 6  U A "C4'" 
113 O "O4'" . U A 6  ? 0.7776 0.8028 0.3779 -0.1780 0.0897  -0.0454 6  U A "O4'" 
114 C "C3'" . U A 6  ? 0.7546 0.7727 0.3194 -0.1662 0.1045  -0.0473 6  U A "C3'" 
115 O "O3'" . U A 6  ? 0.8292 0.8605 0.3692 -0.1646 0.1042  -0.0539 6  U A "O3'" 
116 C "C2'" . U A 6  ? 0.7913 0.8297 0.3678 -0.1496 0.1010  -0.0249 6  U A "C2'" 
117 O "O2'" . U A 6  ? 0.8433 0.9228 0.4120 -0.1440 0.0861  -0.0189 6  U A "O2'" 
118 C "C1'" . U A 6  ? 0.7547 0.7852 0.3558 -0.1586 0.0960  -0.0266 6  U A "C1'" 
119 N N1    . U A 6  ? 0.7113 0.7097 0.3336 -0.1527 0.1110  -0.0218 6  U A N1    
120 C C2    . U A 6  ? 0.7350 0.7360 0.3709 -0.1363 0.1158  -0.0042 6  U A C2    
121 O O2    . U A 6  ? 0.7074 0.7335 0.3329 -0.1270 0.1107  0.0083  6  U A O2    
122 N N3    . U A 6  ? 0.6649 0.6395 0.3279 -0.1313 0.1280  -0.0013 6  U A N3    
123 C C4    . U A 6  ? 0.6607 0.6119 0.3376 -0.1386 0.1353  -0.0117 6  U A C4    
124 O O4    . U A 6  ? 0.6507 0.5872 0.3527 -0.1333 0.1455  -0.0072 6  U A O4    
125 C C5    . U A 6  ? 0.6652 0.6130 0.3260 -0.1524 0.1313  -0.0270 6  U A C5    
126 C C6    . U A 6  ? 0.6893 0.6580 0.3239 -0.1600 0.1198  -0.0328 6  U A C6    
127 P P     . C A 7  ? 0.8890 0.8953 0.4129 -0.1560 0.1231  -0.0553 7  C A P     
128 O OP1   . C A 7  ? 0.8840 0.9202 0.3824 -0.1505 0.1181  -0.0580 7  C A OP1   
129 O OP2   . C A 7  ? 0.9435 0.9085 0.4716 -0.1689 0.1346  -0.0714 7  C A OP2   
130 O "O5'" . C A 7  ? 0.8732 0.8712 0.4106 -0.1365 0.1355  -0.0309 7  C A "O5'" 
131 C "C5'" . C A 7  ? 0.8525 0.8794 0.3879 -0.1191 0.1327  -0.0097 7  C A "C5'" 
132 C "C4'" . C A 7  ? 0.8161 0.8245 0.3703 -0.1068 0.1474  0.0099  7  C A "C4'" 
133 O "O4'" . C A 7  ? 0.7615 0.7488 0.3414 -0.1181 0.1464  0.0045  7  C A "O4'" 
134 C "C3'" . C A 7  ? 0.8473 0.8293 0.4013 -0.0984 0.1682  0.0158  7  C A "C3'" 
135 O "O3'" . C A 7  ? 0.8908 0.8925 0.4248 -0.0816 0.1748  0.0293  7  C A "O3'" 
136 C "C2'" . C A 7  ? 0.7683 0.7272 0.3526 -0.0957 0.1787  0.0276  7  C A "C2'" 
137 O "O2'" . C A 7  ? 0.8374 0.8102 0.4244 -0.0809 0.1824  0.0494  7  C A "O2'" 
138 C "C1'" . C A 7  ? 0.7524 0.7114 0.3531 -0.1108 0.1636  0.0140  7  C A "C1'" 
139 N N1    . C A 7  ? 0.7254 0.6571 0.3419 -0.1213 0.1687  -0.0005 7  C A N1    
140 C C2    . C A 7  ? 0.7741 0.6854 0.4224 -0.1165 0.1804  0.0060  7  C A C2    
141 O O2    . C A 7  ? 0.8004 0.7126 0.4635 -0.1061 0.1861  0.0209  7  C A O2    
142 N N3    . C A 7  ? 0.6742 0.5663 0.3375 -0.1233 0.1863  -0.0039 7  C A N3    
143 C C4    . C A 7  ? 0.7053 0.5914 0.3533 -0.1334 0.1834  -0.0190 7  C A C4    
144 N N4    . C A 7  ? 0.6453 0.5126 0.3100 -0.1366 0.1922  -0.0248 7  C A N4    
145 C C5    . C A 7  ? 0.6574 0.5580 0.2734 -0.1409 0.1724  -0.0285 7  C A C5    
146 C C6    . C A 7  ? 0.6937 0.6200 0.2947 -0.1351 0.1645  -0.0192 7  C A C6    
147 P P     . G A 8  ? 0.9078 0.9024 0.4217 -0.0792 0.1845  0.0206  8  G A P     
148 O OP1   . G A 8  ? 0.9088 0.9346 0.4022 -0.0590 0.1894  0.0382  8  G A OP1   
149 O OP2   . G A 8  ? 0.9488 0.9355 0.4520 -0.0981 0.1747  -0.0074 8  G A OP2   
150 O "O5'" . G A 8  ? 0.9676 0.9238 0.5050 -0.0770 0.2037  0.0267  8  G A "O5'" 
151 C "C5'" . G A 8  ? 0.8926 0.8424 0.4520 -0.0645 0.2160  0.0499  8  G A "C5'" 
152 C "C4'" . G A 8  ? 0.8209 0.7360 0.4083 -0.0668 0.2300  0.0497  8  G A "C4'" 
153 O "O4'" . G A 8  ? 0.8562 0.7548 0.4648 -0.0815 0.2236  0.0370  8  G A "O4'" 
154 C "C3'" . G A 8  ? 0.7824 0.6844 0.3600 -0.0674 0.2382  0.0397  8  G A "C3'" 
155 O "O3'" . G A 8  ? 0.8597 0.7731 0.4263 -0.0523 0.2491  0.0540  8  G A "O3'" 
156 C "C2'" . G A 8  ? 0.8379 0.7117 0.4499 -0.0739 0.2457  0.0367  8  G A "C2'" 
157 O "O2'" . G A 8  ? 0.7689 0.6365 0.4076 -0.0643 0.2586  0.0552  8  G A "O2'" 
158 C "C1'" . G A 8  ? 0.8380 0.7134 0.4627 -0.0859 0.2329  0.0293  8  G A "C1'" 
159 N N9    . G A 8  ? 0.7987 0.6677 0.4133 -0.0995 0.2244  0.0081  8  G A N9    
160 C C8    . G A 8  ? 0.7501 0.6312 0.3372 -0.1078 0.2116  -0.0062 8  G A C8    
161 N N7    . G A 8  ? 0.7795 0.6444 0.3665 -0.1195 0.2106  -0.0233 8  G A N7    
162 C C5    . G A 8  ? 0.7584 0.6036 0.3735 -0.1163 0.2233  -0.0182 8  G A C5    
163 C C6    . G A 8  ? 0.7514 0.5768 0.3806 -0.1217 0.2300  -0.0271 8  G A C6    
164 O O6    . G A 8  ? 0.8205 0.6352 0.4387 -0.1314 0.2282  -0.0422 8  G A O6    
165 N N1    . G A 8  ? 0.6788 0.4985 0.3399 -0.1142 0.2405  -0.0160 8  G A N1    
166 C C2    . G A 8  ? 0.6702 0.4979 0.3481 -0.1055 0.2448  -0.0004 8  G A C2    
167 N N2    . G A 8  ? 0.7058 0.5306 0.4167 -0.1016 0.2534  0.0065  8  G A N2    
168 N N3    . G A 8  ? 0.6785 0.5179 0.3432 -0.1007 0.2415  0.0084  8  G A N3    
169 C C4    . G A 8  ? 0.7301 0.5793 0.3631 -0.1052 0.2306  -0.0001 8  G A C4    
170 P P     . C A 9  ? 0.9165 0.8449 0.4463 -0.0492 0.2489  0.0429  9  C A P     
171 O OP1   . C A 9  ? 0.9708 0.9179 0.4960 -0.0325 0.2600  0.0636  9  C A OP1   
172 O OP2   . C A 9  ? 0.9529 0.9014 0.4563 -0.0587 0.2318  0.0250  9  C A OP2   
173 O "O5'" . C A 9  ? 0.9311 0.8268 0.4685 -0.0558 0.2577  0.0284  9  C A "O5'" 
174 C "C5'" . C A 9  ? 0.8477 0.7423 0.3572 -0.0560 0.2603  0.0127  9  C A "C5'" 
175 C "C4'" . C A 9  ? 0.8491 0.7145 0.3735 -0.0541 0.2748  0.0110  9  C A "C4'" 
176 O "O4'" . C A 9  ? 0.9194 0.7901 0.4595 -0.0396 0.2875  0.0337  9  C A "O4'" 
177 C "C3'" . C A 9  ? 0.8658 0.7050 0.4227 -0.0637 0.2758  0.0076  9  C A "C3'" 
178 O "O3'" . C A 9  ? 0.9536 0.7776 0.5007 -0.0774 0.2696  -0.0146 9  C A "O3'" 
179 C "C2'" . C A 9  ? 0.8195 0.6458 0.3961 -0.0540 0.2917  0.0181  9  C A "C2'" 
180 O "O2'" . C A 9  ? 0.8691 0.6817 0.4251 -0.0525 0.2991  0.0048  9  C A "O2'" 
181 C "C1'" . C A 9  ? 0.8910 0.7380 0.4636 -0.0404 0.2970  0.0380  9  C A "C1'" 
182 N N1    . C A 9  ? 0.8076 0.6570 0.4144 -0.0383 0.2987  0.0568  9  C A N1    
183 C C2    . C A 9  ? 0.7901 0.6267 0.4337 -0.0382 0.3076  0.0644  9  C A C2    
184 O O2    . C A 9  ? 0.7935 0.6187 0.4406 -0.0381 0.3138  0.0578  9  C A O2    
185 N N3    . C A 9  ? 0.7722 0.6101 0.4475 -0.0383 0.3095  0.0784  9  C A N3    
186 C C4    . C A 9  ? 0.7807 0.6285 0.4513 -0.0363 0.3045  0.0867  9  C A C4    
187 N N4    . C A 9  ? 0.7591 0.6030 0.4618 -0.0365 0.3086  0.0989  9  C A N4    
188 C C5    . C A 9  ? 0.7878 0.6521 0.4213 -0.0342 0.2952  0.0822  9  C A C5    
189 C C6    . C A 9  ? 0.8047 0.6712 0.4076 -0.0363 0.2920  0.0664  9  C A C6    
190 P P     . A A 10 ? 0.8307 0.6470 0.4016 -0.0910 0.2600  -0.0198 10 A A P     
191 O OP1   . A A 10 ? 0.9380 0.7375 0.4944 -0.1037 0.2576  -0.0419 10 A A OP1   
192 O OP2   . A A 10 ? 0.7692 0.6083 0.3434 -0.0920 0.2479  -0.0107 10 A A OP2   
193 O "O5'" . A A 10 ? 0.8501 0.6544 0.4610 -0.0861 0.2706  -0.0078 10 A A "O5'" 
194 C "C5'" . A A 10 ? 0.7953 0.5809 0.4129 -0.0825 0.2830  -0.0113 10 A A "C5'" 
195 C "C4'" . A A 10 ? 0.7890 0.5776 0.4454 -0.0755 0.2907  0.0044  10 A A "C4'" 
196 O "O4'" . A A 10 ? 0.8090 0.6109 0.4694 -0.0671 0.2937  0.0202  10 A A "O4'" 
197 C "C3'" . A A 10 ? 0.7674 0.5637 0.4595 -0.0832 0.2831  0.0065  10 A A "C3'" 
198 O "O3'" . A A 10 ? 0.7510 0.5389 0.4553 -0.0863 0.2850  -0.0010 10 A A "O3'" 
199 C "C2'" . A A 10 ? 0.7685 0.5761 0.4920 -0.0769 0.2886  0.0226  10 A A "C2'" 
200 O "O2'" . A A 10 ? 0.7894 0.5957 0.5313 -0.0706 0.2988  0.0268  10 A A "O2'" 
201 C "C1'" . A A 10 ? 0.7183 0.5279 0.4179 -0.0684 0.2933  0.0312  10 A A "C1'" 
202 N N9    . A A 10 ? 0.7122 0.5320 0.4110 -0.0699 0.2866  0.0383  10 A A N9    
203 C C8    . A A 10 ? 0.7240 0.5507 0.3927 -0.0712 0.2777  0.0344  10 A A C8    
204 N N7    . A A 10 ? 0.7173 0.5538 0.3937 -0.0689 0.2751  0.0460  10 A A N7    
205 C C5    . A A 10 ? 0.7022 0.5342 0.4163 -0.0678 0.2834  0.0558  10 A A C5    
206 C C6    . A A 10 ? 0.6940 0.5273 0.4338 -0.0662 0.2873  0.0685  10 A A C6    
207 N N6    . A A 10 ? 0.6992 0.5382 0.4302 -0.0624 0.2842  0.0767  10 A A N6    
208 N N1    . A A 10 ? 0.7708 0.6002 0.5473 -0.0686 0.2951  0.0722  10 A A N1    
209 C C2    . A A 10 ? 0.6772 0.5060 0.4630 -0.0702 0.2979  0.0662  10 A A C2    
210 N N3    . A A 10 ? 0.7088 0.5349 0.4728 -0.0692 0.2962  0.0569  10 A A N3    
211 C C4    . A A 10 ? 0.6977 0.5231 0.4260 -0.0688 0.2892  0.0510  10 A A C4    
212 P P     . G A 11 ? 0.7363 0.5253 0.4451 -0.0986 0.2738  -0.0117 11 G A P     
213 O OP1   . G A 11 ? 0.7134 0.4925 0.4352 -0.0959 0.2821  -0.0142 11 G A OP1   
214 O OP2   . G A 11 ? 0.6952 0.4813 0.3700 -0.1075 0.2644  -0.0227 11 G A OP2   
215 O "O5'" . G A 11 ? 0.6477 0.4592 0.3922 -0.1015 0.2649  -0.0030 11 G A "O5'" 
216 C "C5'" . G A 11 ? 0.7309 0.5553 0.5117 -0.0962 0.2699  0.0066  11 G A "C5'" 
217 C "C4'" . G A 11 ? 0.6476 0.4928 0.4607 -0.1032 0.2599  0.0062  11 G A "C4'" 
218 O "O4'" . G A 11 ? 0.6317 0.4804 0.4385 -0.1092 0.2512  0.0059  11 G A "O4'" 
219 C "C3'" . G A 11 ? 0.5714 0.4206 0.3896 -0.1074 0.2541  -0.0010 11 G A "C3'" 
220 O "O3'" . G A 11 ? 0.6745 0.5510 0.5313 -0.1085 0.2490  0.0020  11 G A "O3'" 
221 C "C2'" . G A 11 ? 0.5774 0.4231 0.3738 -0.1170 0.2428  -0.0083 11 G A "C2'" 
222 O "O2'" . G A 11 ? 0.5506 0.4086 0.3598 -0.1235 0.2335  -0.0130 11 G A "O2'" 
223 C "C1'" . G A 11 ? 0.6329 0.4879 0.4376 -0.1175 0.2396  -0.0021 11 G A "C1'" 
224 N N9    . G A 11 ? 0.5773 0.4281 0.3529 -0.1210 0.2329  -0.0035 11 G A N9    
225 C C8    . G A 11 ? 0.5970 0.4400 0.3373 -0.1252 0.2278  -0.0113 11 G A C8    
226 N N7    . G A 11 ? 0.6036 0.4539 0.3271 -0.1247 0.2192  -0.0087 11 G A N7    
227 C C5    . G A 11 ? 0.5906 0.4469 0.3377 -0.1201 0.2227  0.0021  11 G A C5    
228 C C6    . G A 11 ? 0.6542 0.5172 0.3994 -0.1152 0.2196  0.0114  11 G A C6    
229 O O6    . G A 11 ? 0.6058 0.4764 0.3266 -0.1124 0.2119  0.0140  11 G A O6    
230 N N1    . G A 11 ? 0.5823 0.4435 0.3587 -0.1132 0.2284  0.0190  11 G A N1    
231 C C2    . G A 11 ? 0.6395 0.5000 0.4457 -0.1167 0.2367  0.0170  11 G A C2    
232 N N2    . G A 11 ? 0.5618 0.4230 0.3975 -0.1168 0.2433  0.0221  11 G A N2    
233 N N3    . G A 11 ? 0.5621 0.4239 0.3722 -0.1184 0.2363  0.0102  11 G A N3    
234 C C4    . G A 11 ? 0.5750 0.4311 0.3540 -0.1199 0.2313  0.0037  11 G A C4    
235 P P     . U A 12 ? 0.8173 0.7464 0.6678 -0.0182 0.1065  0.0203  12 U A P     
236 O OP1   . U A 12 ? 0.8305 0.7600 0.6908 -0.0276 0.1255  -0.0016 12 U A OP1   
237 O OP2   . U A 12 ? 0.8011 0.7103 0.6825 0.0221  0.1166  0.0217  12 U A OP2   
238 O "O5'" . U A 12 ? 0.8084 0.7046 0.6005 -0.0561 0.0523  0.0208  12 U A "O5'" 
239 C "C5'" . U A 12 ? 0.6021 0.5229 0.3732 -0.0954 0.0400  0.0334  12 U A "C5'" 
240 C "C4'" . U A 12 ? 0.6277 0.5062 0.3638 -0.1207 0.0172  0.0224  12 U A "C4'" 
241 O "O4'" . U A 12 ? 0.6427 0.4546 0.3619 -0.1177 -0.0186 0.0087  12 U A "O4'" 
242 C "C3'" . U A 12 ? 0.6253 0.5023 0.3659 -0.1065 0.0481  -0.0053 12 U A "C3'" 
243 O "O3'" . U A 12 ? 0.7172 0.6107 0.4227 -0.1336 0.0356  -0.0007 12 U A "O3'" 
244 C "C2'" . U A 12 ? 0.6171 0.4228 0.3607 -0.0865 0.0389  -0.0308 12 U A "C2'" 
245 O "O2'" . U A 12 ? 0.6807 0.4594 0.4199 -0.0820 0.0437  -0.0623 12 U A "O2'" 
246 C "C1'" . U A 12 ? 0.6559 0.4226 0.3647 -0.1092 -0.0107 -0.0177 12 U A "C1'" 
247 N N1    . U A 12 ? 0.6360 0.3504 0.3475 -0.0843 -0.0237 -0.0330 12 U A N1    
248 C C2    . U A 12 ? 0.6516 0.3034 0.3334 -0.0963 -0.0541 -0.0500 12 U A C2    
249 O O2    . U A 12 ? 0.7235 0.3634 0.3778 -0.1269 -0.0714 -0.0499 12 U A O2    
250 N N3    . U A 12 ? 0.6479 0.2597 0.3340 -0.0689 -0.0630 -0.0627 12 U A N3    
251 C C4    . U A 12 ? 0.6591 0.2972 0.3770 -0.0278 -0.0422 -0.0547 12 U A C4    
252 O O4    . U A 12 ? 0.6729 0.2830 0.3912 -0.0016 -0.0511 -0.0620 12 U A O4    
253 C C5    . U A 12 ? 0.6176 0.3229 0.3664 -0.0169 -0.0105 -0.0342 12 U A C5    
254 C C6    . U A 12 ? 0.6244 0.3603 0.3688 -0.0463 -0.0032 -0.0269 12 U A C6    
255 P P     . N A 13 ? 0.7597 0.7070 0.4690 -0.1178 0.0684  -0.0256 13 N A P     
256 O OP1   . N A 13 ? 0.7991 0.7620 0.5674 -0.0806 0.1068  -0.0514 13 N A OP1   
257 O OP2   . N A 13 ? 0.7442 0.6628 0.4195 -0.1205 0.0514  -0.0500 13 N A OP2   
258 O "O5'" . N A 13 ? 0.9091 0.9428 0.6043 -0.1405 0.0733  0.0150  13 N A "O5'" 
259 C "C5'" . N A 13 ? 0.8635 0.9397 0.5871 -0.1421 0.0884  0.0409  13 N A "C5'" 
260 C "C4'" . N A 13 ? 0.8710 0.9801 0.5841 -0.1806 0.0634  0.0950  13 N A "C4'" 
261 O "O4'" . N A 13 ? 0.9565 1.1350 0.6455 -0.1917 0.0698  0.1160  13 N A "O4'" 
262 C "C3'" . N A 13 ? 0.8026 0.9603 0.5480 -0.1851 0.0745  0.1237  13 N A "C3'" 
263 O "O3'" . N A 13 ? 0.6685 0.7787 0.4342 -0.1798 0.0558  0.1199  13 N A "O3'" 
264 C "C2'" . N A 13 ? 0.8976 1.1104 0.6417 -0.2219 0.0568  0.1788  13 N A "C2'" 
265 O "O2'" . N A 13 ? 0.9425 1.1015 0.6966 -0.2522 0.0068  0.2018  13 N A "O2'" 
266 C "C1'" . N A 13 ? 0.9518 1.1998 0.6587 -0.2148 0.0705  0.1705  13 N A "C1'" 
267 P P     . N A 14 ? 0.6331 0.7889 0.4345 -0.1746 0.0657  0.1394  14 N A P     
268 O OP1   . N A 14 ? 0.6408 0.8820 0.4516 -0.1872 0.0914  0.1686  14 N A OP1   
269 O OP2   . N A 14 ? 0.6408 0.7613 0.4549 -0.1892 0.0155  0.1496  14 N A OP2   
270 O "O5'" . N A 14 ? 0.5987 0.7469 0.4199 -0.1294 0.1029  0.1082  14 N A "O5'" 
271 C "C5'" . N A 14 ? 0.6243 0.8059 0.4617 -0.1073 0.1475  0.0890  14 N A "C5'" 
272 C "C4'" . N A 14 ? 0.5792 0.7066 0.4218 -0.0833 0.1551  0.0510  14 N A "C4'" 
273 O "O4'" . N A 14 ? 0.5540 0.6469 0.4259 -0.0552 0.1590  0.0483  14 N A "O4'" 
274 C "C3'" . N A 14 ? 0.5713 0.7297 0.4488 -0.0576 0.1921  0.0186  14 N A "C3'" 
275 O "O3'" . N A 14 ? 0.6000 0.7906 0.4438 -0.0696 0.1881  0.0058  14 N A "O3'" 
276 C "C2'" . N A 14 ? 0.5946 0.6902 0.5097 -0.0289 0.1971  -0.0087 14 N A "C2'" 
277 O "O2'" . N A 14 ? 0.5734 0.6132 0.4479 -0.0410 0.1688  -0.0270 14 N A "O2'" 
278 C "C1'" . N A 14 ? 0.5354 0.6136 0.4560 -0.0226 0.1893  0.0217  14 N A "C1'" 
279 P P     . N A 15 ? 0.6101 0.9013 0.4577 -0.0675 0.2130  0.0115  15 N A P     
280 O OP1   . N A 15 ? 0.6466 0.9754 0.4483 -0.0726 0.2033  -0.0004 15 N A OP1   
281 O OP2   . N A 15 ? 0.7201 1.0462 0.5655 -0.0909 0.2109  0.0626  15 N A OP2   
282 O "O5'" . N A 15 ? 0.5832 0.8924 0.5057 -0.0259 0.2487  -0.0291 15 N A "O5'" 
283 C "C5'" . N A 15 ? 0.6737 1.0005 0.6257 0.0041  0.2583  -0.0868 15 N A "C5'" 
284 C "C4'" . N A 15 ? 0.5947 0.8903 0.6464 0.0391  0.2787  -0.1182 15 N A "C4'" 
285 O "O4'" . N A 15 ? 0.5397 0.7551 0.6020 0.0346  0.2697  -0.0939 15 N A "O4'" 
286 C "C3'" . N A 15 ? 0.5355 0.8836 0.6544 0.0554  0.3101  -0.1074 15 N A "C3'" 
287 O "O3'" . N A 15 ? 0.6048 1.0103 0.7689 0.0835  0.3201  -0.1541 15 N A "O3'" 
288 C "C2'" . N A 15 ? 0.5280 0.8188 0.7277 0.0741  0.3221  -0.0942 15 N A "C2'" 
289 O "O2'" . N A 15 ? 0.6542 0.9163 0.9343 0.1048  0.3108  -0.1354 15 N A "O2'" 
290 C "C1'" . N A 15 ? 0.5363 0.7579 0.6699 0.0527  0.2949  -0.0703 15 N A "C1'" 
291 P P     . C A 16 ? 0.6642 0.6050 0.5927 -0.1624 0.1927  -0.0677 16 C A P     
292 O OP1   . C A 16 ? 0.7851 0.6857 0.7061 -0.1835 0.2185  -0.0817 16 C A OP1   
293 O OP2   . C A 16 ? 0.5860 0.5625 0.5209 -0.1581 0.1727  -0.0707 16 C A OP2   
294 O "O5'" . C A 16 ? 0.6211 0.5412 0.5490 -0.1291 0.1907  -0.0492 16 C A "O5'" 
295 C "C5'" . C A 16 ? 0.5499 0.4310 0.4745 -0.1198 0.2118  -0.0384 16 C A "C5'" 
296 C "C4'" . C A 16 ? 0.5351 0.4189 0.4614 -0.0882 0.2043  -0.0185 16 C A "C4'" 
297 O "O4'" . C A 16 ? 0.4846 0.3972 0.4054 -0.0798 0.1866  -0.0103 16 C A "O4'" 
298 C "C3'" . C A 16 ? 0.4683 0.3667 0.3999 -0.0777 0.1907  -0.0202 16 C A "C3'" 
299 O "O3'" . C A 16 ? 0.5043 0.3736 0.4410 -0.0722 0.2106  -0.0185 16 C A "O3'" 
300 C "C2'" . C A 16 ? 0.5208 0.4450 0.4491 -0.0573 0.1748  -0.0028 16 C A "C2'" 
301 O "O2'" . C A 16 ? 0.5647 0.4782 0.4956 -0.0373 0.1903  0.0205  16 C A "O2'" 
302 C "C1'" . C A 16 ? 0.5093 0.4428 0.4283 -0.0642 0.1692  -0.0044 16 C A "C1'" 
303 N N1    . C A 16 ? 0.4012 0.3577 0.3157 -0.0719 0.1515  -0.0166 16 C A N1    
304 C C2    . C A 16 ? 0.4025 0.3763 0.3078 -0.0640 0.1362  -0.0153 16 C A C2    
305 O O2    . C A 16 ? 0.4186 0.4007 0.3208 -0.0532 0.1331  -0.0038 16 C A O2    
306 N N3    . C A 16 ? 0.4506 0.4336 0.3494 -0.0693 0.1276  -0.0253 16 C A N3    
307 C C4    . C A 16 ? 0.3874 0.3739 0.2929 -0.0776 0.1317  -0.0308 16 C A C4    
308 N N4    . C A 16 ? 0.4066 0.4015 0.3074 -0.0769 0.1281  -0.0346 16 C A N4    
309 C C5    . C A 16 ? 0.3735 0.3572 0.2897 -0.0884 0.1424  -0.0313 16 C A C5    
310 C C6    . C A 16 ? 0.4498 0.4130 0.3679 -0.0874 0.1529  -0.0269 16 C A C6    
311 P P     . C A 17 ? 0.5548 0.4328 0.4978 -0.0736 0.2034  -0.0293 17 C A P     
312 O OP1   . C A 17 ? 0.5922 0.4282 0.5370 -0.0663 0.2345  -0.0255 17 C A OP1   
313 O OP2   . C A 17 ? 0.4797 0.3794 0.4207 -0.0973 0.1879  -0.0508 17 C A OP2   
314 O "O5'" . C A 17 ? 0.4873 0.4041 0.4351 -0.0530 0.1801  -0.0134 17 C A "O5'" 
315 C "C5'" . C A 17 ? 0.4748 0.3999 0.4275 -0.0278 0.1861  0.0137  17 C A "C5'" 
316 C "C4'" . C A 17 ? 0.4577 0.4314 0.4111 -0.0215 0.1599  0.0212  17 C A "C4'" 
317 O "O4'" . C A 17 ? 0.4492 0.4401 0.3883 -0.0324 0.1414  0.0132  17 C A "O4'" 
318 C "C3'" . C A 17 ? 0.4713 0.4586 0.4304 -0.0305 0.1470  0.0065  17 C A "C3'" 
319 O "O3'" . C A 17 ? 0.4742 0.4612 0.4470 -0.0158 0.1597  0.0188  17 C A "O3'" 
320 C "C2'" . C A 17 ? 0.4669 0.4937 0.4171 -0.0362 0.1213  0.0059  17 C A "C2'" 
321 O "O2'" . C A 17 ? 0.5105 0.5752 0.4642 -0.0218 0.1172  0.0304  17 C A "O2'" 
322 C "C1'" . C A 17 ? 0.4376 0.4544 0.3728 -0.0418 0.1205  0.0021  17 C A "C1'" 
323 N N1    . C A 17 ? 0.4092 0.4123 0.3379 -0.0580 0.1158  -0.0193 17 C A N1    
324 C C2    . C A 17 ? 0.4048 0.4211 0.3229 -0.0670 0.1015  -0.0296 17 C A C2    
325 O O2    . C A 17 ? 0.4155 0.4543 0.3273 -0.0675 0.0909  -0.0256 17 C A O2    
326 N N3    . C A 17 ? 0.3477 0.3540 0.2623 -0.0753 0.1022  -0.0417 17 C A N3    
327 C C4    . C A 17 ? 0.3659 0.3617 0.2877 -0.0785 0.1121  -0.0438 17 C A C4    
328 N N4    . C A 17 ? 0.3960 0.3959 0.3175 -0.0845 0.1129  -0.0494 17 C A N4    
329 C C5    . C A 17 ? 0.3910 0.3731 0.3203 -0.0768 0.1249  -0.0387 17 C A C5    
330 C C6    . C A 17 ? 0.3995 0.3797 0.3315 -0.0646 0.1284  -0.0263 17 C A C6    
331 P P     . C A 18 ? 0.4996 0.4800 0.4788 -0.0256 0.1592  0.0007  18 C A P     
332 O OP1   . C A 18 ? 0.5106 0.4841 0.5028 -0.0041 0.1808  0.0193  18 C A OP1   
333 O OP2   . C A 18 ? 0.4789 0.4319 0.4495 -0.0485 0.1629  -0.0256 18 C A OP2   
334 O "O5'" . C A 18 ? 0.4820 0.5070 0.4609 -0.0341 0.1293  -0.0037 18 C A "O5'" 
335 C "C5'" . C A 18 ? 0.4477 0.5174 0.4320 -0.0235 0.1179  0.0168  18 C A "C5'" 
336 C "C4'" . C A 18 ? 0.3642 0.4631 0.3402 -0.0420 0.0931  0.0042  18 C A "C4'" 
337 O "O4'" . C A 18 ? 0.4112 0.4989 0.3678 -0.0548 0.0858  -0.0080 18 C A "O4'" 
338 C "C3'" . C A 18 ? 0.3865 0.4756 0.3664 -0.0548 0.0883  -0.0156 18 C A "C3'" 
339 O "O3'" . C A 18 ? 0.4431 0.5526 0.4390 -0.0476 0.0895  -0.0070 18 C A "O3'" 
340 C "C2'" . C A 18 ? 0.3861 0.4850 0.3499 -0.0733 0.0717  -0.0284 18 C A "C2'" 
341 O "O2'" . C A 18 ? 0.4556 0.5963 0.4167 -0.0791 0.0590  -0.0192 18 C A "O2'" 
342 C "C1'" . C A 18 ? 0.3935 0.4769 0.3423 -0.0722 0.0753  -0.0279 18 C A "C1'" 
343 N N1    . C A 18 ? 0.3592 0.4099 0.3049 -0.0765 0.0830  -0.0416 18 C A N1    
344 C C2    . C A 18 ? 0.3538 0.3972 0.2894 -0.0877 0.0785  -0.0546 18 C A C2    
345 O O2    . C A 18 ? 0.4000 0.4533 0.3260 -0.0967 0.0704  -0.0586 18 C A O2    
346 N N3    . C A 18 ? 0.3416 0.3691 0.2776 -0.0891 0.0859  -0.0605 18 C A N3    
347 C C4    . C A 18 ? 0.4206 0.4400 0.3638 -0.0865 0.0952  -0.0586 18 C A C4    
348 N N4    . C A 18 ? 0.3743 0.3917 0.3184 -0.0919 0.1007  -0.0628 18 C A N4    
349 C C5    . C A 18 ? 0.3853 0.3994 0.3350 -0.0786 0.1027  -0.0504 18 C A C5    
350 C C6    . C A 18 ? 0.4423 0.4720 0.3942 -0.0704 0.0972  -0.0398 18 C A C6    
351 P P     . A A 19 ? 0.4705 0.5595 0.4745 -0.0523 0.0967  -0.0227 19 A A P     
352 O OP1   . A A 19 ? 0.4814 0.5934 0.5020 -0.0379 0.1025  -0.0063 19 A A OP1   
353 O OP2   . A A 19 ? 0.4811 0.5295 0.4789 -0.0561 0.1123  -0.0362 19 A A OP2   
354 O "O5'" . A A 19 ? 0.4596 0.5563 0.4566 -0.0720 0.0797  -0.0397 19 A A "O5'" 
355 C "C5'" . A A 19 ? 0.3431 0.4707 0.3424 -0.0800 0.0658  -0.0370 19 A A "C5'" 
356 C "C4'" . A A 19 ? 0.3613 0.4791 0.3457 -0.0978 0.0576  -0.0518 19 A A "C4'" 
357 O "O4'" . A A 19 ? 0.3281 0.4231 0.2973 -0.0982 0.0612  -0.0562 19 A A "O4'" 
358 C "C3'" . A A 19 ? 0.3140 0.4179 0.3032 -0.1030 0.0606  -0.0632 19 A A "C3'" 
359 O "O3'" . A A 19 ? 0.2921 0.4154 0.2911 -0.1082 0.0556  -0.0622 19 A A "O3'" 
360 C "C2'" . A A 19 ? 0.2786 0.3622 0.2506 -0.1114 0.0617  -0.0712 19 A A "C2'" 
361 O "O2'" . A A 19 ? 0.3393 0.4273 0.2987 -0.1258 0.0561  -0.0745 19 A A "O2'" 
362 C "C1'" . A A 19 ? 0.2882 0.3629 0.2500 -0.1057 0.0640  -0.0678 19 A A "C1'" 
363 N N9    . A A 19 ? 0.3130 0.3725 0.2782 -0.0994 0.0731  -0.0694 19 A A N9    
364 C C8    . A A 19 ? 0.3440 0.3986 0.3145 -0.0922 0.0800  -0.0655 19 A A C8    
365 N N7    . A A 19 ? 0.3554 0.3992 0.3245 -0.0948 0.0877  -0.0701 19 A A N7    
366 C C5    . A A 19 ? 0.3156 0.3634 0.2813 -0.0992 0.0852  -0.0729 19 A A C5    
367 C C6    . A A 19 ? 0.3448 0.3975 0.3110 -0.1012 0.0908  -0.0725 19 A A C6    
368 N N6    . A A 19 ? 0.3324 0.3889 0.3002 -0.1059 0.0970  -0.0735 19 A A N6    
369 N N1    . A A 19 ? 0.3079 0.3631 0.2723 -0.0989 0.0925  -0.0689 19 A A N1    
370 C C2    . A A 19 ? 0.3816 0.4266 0.3406 -0.0996 0.0895  -0.0708 19 A A C2    
371 N N3    . A A 19 ? 0.2869 0.3310 0.2435 -0.1038 0.0814  -0.0745 19 A A N3    
372 C C4    . A A 19 ? 0.3215 0.3714 0.2833 -0.1012 0.0787  -0.0732 19 A A C4    
373 P P     . G A 20 ? 0.3108 0.4329 0.3219 -0.1076 0.0604  -0.0672 20 G A P     
374 O OP1   . G A 20 ? 0.3082 0.4547 0.3294 -0.1124 0.0543  -0.0626 20 G A OP1   
375 O OP2   . G A 20 ? 0.3305 0.4440 0.3463 -0.0993 0.0703  -0.0693 20 G A OP2   
376 O "O5'" . G A 20 ? 0.3078 0.4123 0.3095 -0.1142 0.0637  -0.0732 20 G A "O5'" 
377 C "C5'" . G A 20 ? 0.2975 0.3919 0.2882 -0.1251 0.0634  -0.0755 20 G A "C5'" 
378 C "C4'" . G A 20 ? 0.3616 0.4372 0.3489 -0.1221 0.0751  -0.0749 20 G A "C4'" 
379 O "O4'" . G A 20 ? 0.3509 0.4192 0.3336 -0.1139 0.0795  -0.0738 20 G A "O4'" 
380 C "C3'" . G A 20 ? 0.2980 0.3916 0.3028 -0.1166 0.0788  -0.0689 20 G A "C3'" 
381 O "O3'" . G A 20 ? 0.3999 0.4783 0.4017 -0.1136 0.0924  -0.0622 20 G A "O3'" 
382 C "C2'" . G A 20 ? 0.3567 0.4648 0.3669 -0.1096 0.0794  -0.0680 20 G A "C2'" 
383 O "O2'" . G A 20 ? 0.4011 0.5329 0.4220 -0.1060 0.0849  -0.0607 20 G A "O2'" 
384 C "C1'" . G A 20 ? 0.3369 0.4239 0.3330 -0.1072 0.0837  -0.0683 20 G A "C1'" 
385 N N9    . G A 20 ? 0.3080 0.4009 0.3040 -0.1058 0.0825  -0.0709 20 G A N9    
386 C C8    . G A 20 ? 0.2921 0.3805 0.2868 -0.1067 0.0785  -0.0759 20 G A C8    
387 N N7    . G A 20 ? 0.3347 0.4218 0.3274 -0.1074 0.0832  -0.0780 20 G A N7    
388 C C5    . G A 20 ? 0.2951 0.3959 0.2889 -0.1084 0.0873  -0.0737 20 G A C5    
389 C C6    . G A 20 ? 0.3527 0.4675 0.3458 -0.1133 0.0924  -0.0727 20 G A C6    
390 O O6    . G A 20 ? 0.3601 0.4677 0.3487 -0.1203 0.0959  -0.0793 20 G A O6    
391 N N1    . G A 20 ? 0.3597 0.5010 0.3586 -0.1097 0.0962  -0.0605 20 G A N1    
392 C C2    . G A 20 ? 0.3729 0.5158 0.3765 -0.1000 0.0991  -0.0504 20 G A C2    
393 N N2    . G A 20 ? 0.3754 0.5473 0.3867 -0.0920 0.1076  -0.0327 20 G A N2    
394 N N3    . G A 20 ? 0.3524 0.4725 0.3539 -0.0985 0.0961  -0.0549 20 G A N3    
395 C C4    . G A 20 ? 0.3023 0.4071 0.2993 -0.1042 0.0883  -0.0668 20 G A C4    
396 P P     . U A 21 ? 0.4542 0.5223 0.4573 -0.1209 0.0995  -0.0599 21 U A P     
397 O OP1   . U A 21 ? 0.3912 0.4615 0.3885 -0.1376 0.0877  -0.0701 21 U A OP1   
398 O OP2   . U A 21 ? 0.4594 0.5551 0.4821 -0.1115 0.1033  -0.0473 21 U A OP2   
399 O "O5'" . U A 21 ? 0.4030 0.4264 0.3878 -0.1190 0.1215  -0.0573 21 U A "O5'" 
400 C "C5'" . U A 21 ? 0.3986 0.3885 0.3578 -0.1294 0.1247  -0.0696 21 U A "C5'" 
401 C "C4'" . U A 21 ? 0.4678 0.4125 0.4112 -0.1208 0.1533  -0.0639 21 U A "C4'" 
402 O "O4'" . U A 21 ? 0.4946 0.4546 0.4454 -0.1005 0.1554  -0.0520 21 U A "O4'" 
403 C "C3'" . U A 21 ? 0.5067 0.4378 0.4600 -0.1107 0.1762  -0.0482 21 U A "C3'" 
404 O "O3'" . U A 21 ? 0.6492 0.5158 0.5767 -0.1124 0.2092  -0.0502 21 U A "O3'" 
405 C "C2'" . U A 21 ? 0.5219 0.4956 0.5002 -0.0836 0.1771  -0.0243 21 U A "C2'" 
406 O "O2'" . U A 21 ? 0.6150 0.5802 0.6021 -0.0628 0.2057  0.0008  21 U A "O2'" 
407 C "C1'" . U A 21 ? 0.5405 0.5114 0.5078 -0.0791 0.1736  -0.0285 21 U A "C1'" 
408 N N1    . U A 21 ? 0.5600 0.5867 0.5479 -0.0681 0.1596  -0.0174 21 U A N1    
409 C C2    . U A 21 ? 0.6424 0.6818 0.6354 -0.0486 0.1752  0.0031  21 U A C2    
410 O O2    . U A 21 ? 0.6073 0.6085 0.5895 -0.0354 0.2022  0.0138  21 U A O2    
411 N N3    . U A 21 ? 0.6120 0.7097 0.6216 -0.0468 0.1609  0.0105  21 U A N3    
412 C C4    . U A 21 ? 0.6279 0.7594 0.6453 -0.0621 0.1375  -0.0031 21 U A C4    
413 O O4    . U A 21 ? 0.6888 0.8666 0.7154 -0.0647 0.1305  0.0016  21 U A O4    
414 C C5    . U A 21 ? 0.5299 0.6388 0.5420 -0.0757 0.1261  -0.0218 21 U A C5    
415 C C6    . U A 21 ? 0.5343 0.5987 0.5339 -0.0784 0.1353  -0.0267 21 U A C6    
416 P P     . U A 22 ? 0.6500 0.4678 0.5581 -0.1376 0.2278  -0.0631 22 U A P     
417 O OP1   . U A 22 ? 0.5405 0.3941 0.4777 -0.1321 0.2207  -0.0489 22 U A OP1   
418 O OP2   . U A 22 ? 0.8004 0.5411 0.6790 -0.1350 0.2714  -0.0638 22 U A OP2   
419 O "O5'" . U A 22 ? 0.6242 0.4524 0.5123 -0.1740 0.2014  -0.0918 22 U A "O5'" 
420 C "C5'" . U A 22 ? 0.5672 0.3562 0.4167 -0.1948 0.2098  -0.1127 22 U A "C5'" 
421 C "C4'" . U A 22 ? 0.5936 0.4211 0.4334 -0.2269 0.1792  -0.1312 22 U A "C4'" 
422 O "O4'" . U A 22 ? 0.6077 0.4406 0.4469 -0.2553 0.1778  -0.1388 22 U A "O4'" 
423 C "C3'" . U A 22 ? 0.4864 0.3833 0.3568 -0.2111 0.1440  -0.1205 22 U A "C3'" 
424 O "O3'" . U A 22 ? 0.5554 0.4754 0.4079 -0.2308 0.1260  -0.1327 22 U A "O3'" 
425 C "C2'" . U A 22 ? 0.4581 0.3930 0.3554 -0.2151 0.1306  -0.1135 22 U A "C2'" 
426 O "O2'" . U A 22 ? 0.4227 0.4175 0.3384 -0.2148 0.1012  -0.1097 22 U A "O2'" 
427 C "C1'" . U A 22 ? 0.5138 0.4179 0.3852 -0.2519 0.1448  -0.1295 22 U A "C1'" 
428 N N1    . U A 22 ? 0.5169 0.4187 0.4047 -0.2547 0.1536  -0.1223 22 U A N1    
429 C C2    . U A 22 ? 0.5447 0.4803 0.4304 -0.2764 0.1376  -0.1273 22 U A C2    
430 O O2    . U A 22 ? 0.5406 0.5166 0.4164 -0.2901 0.1163  -0.1326 22 U A O2    
431 N N3    . U A 22 ? 0.5323 0.4591 0.4301 -0.2779 0.1481  -0.1208 22 U A N3    
432 C C4    . U A 22 ? 0.5510 0.4403 0.4624 -0.2596 0.1747  -0.1078 22 U A C4    
433 O O4    . U A 22 ? 0.5507 0.4375 0.4722 -0.2621 0.1823  -0.1012 22 U A O4    
434 C C5    . U A 22 ? 0.5322 0.3951 0.4446 -0.2320 0.1904  -0.0985 22 U A C5    
435 C C6    . U A 22 ? 0.5222 0.3914 0.4221 -0.2292 0.1783  -0.1067 22 U A C6    
436 P P     . A A 23 ? 0.5700 0.4793 0.4062 -0.2195 0.1270  -0.1347 23 A A P     
437 O OP1   . A A 23 ? 0.5903 0.5282 0.4044 -0.2460 0.1105  -0.1464 23 A A OP1   
438 O OP2   . A A 23 ? 0.6316 0.4774 0.4496 -0.2084 0.1600  -0.1357 23 A A OP2   
439 O "O5'" . A A 23 ? 0.4525 0.4014 0.3251 -0.1867 0.1104  -0.1158 23 A A "O5'" 
440 C "C5'" . A A 23 ? 0.3928 0.3949 0.2891 -0.1843 0.0864  -0.1084 23 A A "C5'" 
441 C "C4'" . A A 23 ? 0.3566 0.3741 0.2725 -0.1585 0.0806  -0.0971 23 A A "C4'" 
442 O "O4'" . A A 23 ? 0.4349 0.4390 0.3645 -0.1419 0.0931  -0.0897 23 A A "O4'" 
443 C "C3'" . A A 23 ? 0.3684 0.3733 0.2666 -0.1545 0.0829  -0.0992 23 A A "C3'" 
444 O "O3'" . A A 23 ? 0.3971 0.4354 0.2948 -0.1592 0.0672  -0.0964 23 A A "O3'" 
445 C "C2'" . A A 23 ? 0.3438 0.3470 0.2594 -0.1318 0.0883  -0.0894 23 A A "C2'" 
446 O "O2'" . A A 23 ? 0.3551 0.3877 0.2896 -0.1237 0.0762  -0.0833 23 A A "O2'" 
447 C "C1'" . A A 23 ? 0.4661 0.4663 0.3963 -0.1267 0.0972  -0.0846 23 A A "C1'" 
448 N N9    . A A 23 ? 0.4867 0.4544 0.4067 -0.1192 0.1194  -0.0804 23 A A N9    
449 C C8    . A A 23 ? 0.5839 0.5076 0.4777 -0.1287 0.1381  -0.0882 23 A A C8    
450 N N7    . A A 23 ? 0.5963 0.4949 0.4888 -0.1121 0.1624  -0.0771 23 A A N7    
451 C C5    . A A 23 ? 0.5367 0.4772 0.4577 -0.0933 0.1547  -0.0602 23 A A C5    
452 C C6    . A A 23 ? 0.5568 0.5120 0.4929 -0.0709 0.1698  -0.0384 23 A A C6    
453 N N6    . A A 23 ? 0.5764 0.4985 0.5035 -0.0557 0.2004  -0.0254 23 A A N6    
454 N N1    . A A 23 ? 0.5037 0.5121 0.4639 -0.0652 0.1553  -0.0286 23 A A N1    
455 C C2    . A A 23 ? 0.4533 0.4841 0.4197 -0.0785 0.1320  -0.0414 23 A A C2    
456 N N3    . A A 23 ? 0.4406 0.4578 0.3973 -0.0929 0.1190  -0.0578 23 A A N3    
457 C C4    . A A 23 ? 0.5224 0.5002 0.4575 -0.1004 0.1292  -0.0655 23 A A C4    
458 P P     . A A 24 ? 0.4864 0.5230 0.3576 -0.1662 0.0662  -0.1000 24 A A P     
459 O OP1   . A A 24 ? 0.4608 0.4541 0.2995 -0.1821 0.0826  -0.1156 24 A A OP1   
460 O OP2   . A A 24 ? 0.4531 0.4962 0.3370 -0.1445 0.0646  -0.0885 24 A A OP2   
461 O "O5'" . A A 24 ? 0.4879 0.5748 0.3566 -0.1838 0.0497  -0.0965 24 A A "O5'" 
462 C "C5'" . A A 24 ? 0.4973 0.5948 0.3588 -0.2093 0.0470  -0.1052 24 A A "C5'" 
463 C "C4'" . A A 24 ? 0.4468 0.6132 0.3193 -0.2183 0.0288  -0.0920 24 A A "C4'" 
464 O "O4'" . A A 24 ? 0.3894 0.5796 0.2997 -0.1920 0.0241  -0.0734 24 A A "O4'" 
465 C "C3'" . A A 24 ? 0.5115 0.7198 0.3744 -0.2177 0.0196  -0.0805 24 A A "C3'" 
466 O "O3'" . A A 24 ? 0.5632 0.7730 0.3857 -0.2519 0.0199  -0.0975 24 A A "O3'" 
467 C "C2'" . A A 24 ? 0.4434 0.7233 0.3353 -0.2094 0.0060  -0.0555 24 A A "C2'" 
468 O "O2'" . A A 24 ? 0.5229 0.8466 0.4034 -0.2447 -0.0037 -0.0610 24 A A "O2'" 
469 C "C1'" . A A 24 ? 0.3597 0.6124 0.2826 -0.1854 0.0127  -0.0517 24 A A "C1'" 
470 N N9    . A A 24 ? 0.3590 0.6036 0.3032 -0.1503 0.0190  -0.0352 24 A A N9    
471 C C8    . A A 24 ? 0.4079 0.6006 0.3507 -0.1350 0.0303  -0.0427 24 A A C8    
472 N N7    . A A 24 ? 0.3256 0.5194 0.2862 -0.1100 0.0371  -0.0270 24 A A N7    
473 C C5    . A A 24 ? 0.3838 0.6315 0.3601 -0.1027 0.0321  -0.0046 24 A A C5    
474 C C6    . A A 24 ? 0.4329 0.7004 0.4308 -0.0749 0.0418  0.0218  24 A A C6    
475 N N6    . A A 24 ? 0.4162 0.6419 0.4199 -0.0539 0.0594  0.0245  24 A A N6    
476 N N1    . A A 24 ? 0.4281 0.7605 0.4410 -0.0700 0.0359  0.0468  24 A A N1    
477 C C2    . A A 24 ? 0.4673 0.8446 0.4720 -0.0979 0.0184  0.0416  24 A A C2    
478 N N3    . A A 24 ? 0.4487 0.8046 0.4292 -0.1306 0.0093  0.0128  24 A A N3    
479 C C4    . A A 24 ? 0.3876 0.6748 0.3554 -0.1282 0.0185  -0.0082 24 A A C4    
480 P P     . C A 25 ? 0.5725 0.7954 0.3724 -0.2504 0.0186  -0.0938 25 C A P     
481 O OP1   . C A 25 ? 0.5246 0.7304 0.2818 -0.2886 0.0259  -0.1173 25 C A OP1   
482 O OP2   . C A 25 ? 0.5077 0.6857 0.3222 -0.2143 0.0289  -0.0870 25 C A OP2   
483 O "O5'" . C A 25 ? 0.5323 0.8482 0.3538 -0.2422 0.0003  -0.0623 25 C A "O5'" 
484 C "C5'" . C A 25 ? 0.5495 0.9373 0.3699 -0.2708 -0.0138 -0.0567 25 C A "C5'" 
485 C "C4'" . C A 25 ? 0.5658 1.0416 0.4182 -0.2469 -0.0258 -0.0157 25 C A "C4'" 
486 O "O4'" . C A 25 ? 0.5228 0.9807 0.4181 -0.2063 -0.0191 0.0031  25 C A "O4'" 
487 C "C3'" . C A 25 ? 0.5360 1.0363 0.3844 -0.2269 -0.0253 0.0050  25 C A "C3'" 
488 O "O3'" . C A 25 ? 0.6181 1.1721 0.4317 -0.2629 -0.0350 -0.0005 25 C A "O3'" 
489 C "C2'" . C A 25 ? 0.5448 1.0998 0.4386 -0.1860 -0.0255 0.0495  25 C A "C2'" 
490 O "O2'" . C A 25 ? 0.6142 1.2774 0.5154 -0.2019 -0.0408 0.0743  25 C A "O2'" 
491 C "C1'" . C A 25 ? 0.5573 1.0558 0.4766 -0.1702 -0.0168 0.0401  25 C A "C1'" 
492 N N1    . C A 25 ? 0.5284 0.9509 0.4607 -0.1357 0.0005  0.0383  25 C A N1    
493 C C2    . C A 25 ? 0.5543 0.9890 0.5175 -0.0958 0.0123  0.0712  25 C A C2    
494 O O2    . C A 25 ? 0.6600 1.1707 0.6418 -0.0844 0.0088  0.1052  25 C A O2    
495 N N3    . C A 25 ? 0.5113 0.8768 0.4825 -0.0716 0.0301  0.0666  25 C A N3    
496 C C4    . C A 25 ? 0.4464 0.7458 0.4000 -0.0841 0.0327  0.0347  25 C A C4    
497 N N4    . C A 25 ? 0.5218 0.7654 0.4833 -0.0650 0.0490  0.0313  25 C A N4    
498 C C5    . C A 25 ? 0.4349 0.7230 0.3609 -0.1175 0.0222  0.0064  25 C A C5    
499 C C6    . C A 25 ? 0.4686 0.8123 0.3829 -0.1434 0.0079  0.0070  25 C A C6    
500 P P     . A A 26 ? 0.6977 1.2406 0.4887 -0.2559 -0.0300 0.0008  26 A A P     
501 O OP1   . A A 26 ? 0.7411 1.3361 0.5219 -0.2912 -0.0346 -0.0031 26 A A OP1   
502 O OP2   . A A 26 ? 0.6061 1.0432 0.3785 -0.2471 -0.0136 -0.0275 26 A A OP2   
503 O "O5'" . A A 26 ? 0.7984 1.3935 0.6265 -0.2070 -0.0300 0.0506  26 A A "O5'" 
504 C "C5'" . A A 26 ? 0.6791 1.2203 0.5154 -0.1710 -0.0155 0.0593  26 A A "C5'" 
505 C "C4'" . A A 26 ? 0.5859 1.1307 0.4694 -0.1232 -0.0047 0.0960  26 A A "C4'" 
506 O "O4'" . A A 26 ? 0.6124 1.0820 0.5123 -0.1146 0.0046  0.0756  26 A A "O4'" 
507 C "C3'" . A A 26 ? 0.5791 1.0987 0.4726 -0.0868 0.0114  0.1185  26 A A "C3'" 
508 O "O3'" . A A 26 ? 0.6145 1.2236 0.5124 -0.0749 0.0078  0.1599  26 A A "O3'" 
509 C "C2'" . A A 26 ? 0.5613 1.0276 0.4909 -0.0519 0.0301  0.1282  26 A A "C2'" 
510 O "O2'" . A A 26 ? 0.5317 1.0617 0.4931 -0.0257 0.0350  0.1708  26 A A "O2'" 
511 C "C1'" . A A 26 ? 0.5452 0.9681 0.4699 -0.0757 0.0236  0.0910  26 A A "C1'" 
512 N N9    . A A 26 ? 0.5005 0.8351 0.4116 -0.0810 0.0321  0.0574  26 A A N9    
513 C C8    . A A 26 ? 0.4789 0.7796 0.3608 -0.1106 0.0262  0.0226  26 A A C8    
514 N N7    . A A 26 ? 0.4716 0.7041 0.3518 -0.1044 0.0375  0.0047  26 A A N7    
515 C C5    . A A 26 ? 0.4784 0.6976 0.3855 -0.0747 0.0502  0.0244  26 A A C5    
516 C C6    . A A 26 ? 0.4105 0.5734 0.3269 -0.0613 0.0654  0.0178  26 A A C6    
517 N N6    . A A 26 ? 0.3715 0.4917 0.2760 -0.0722 0.0678  -0.0058 26 A A N6    
518 N N1    . A A 26 ? 0.4382 0.5930 0.3762 -0.0375 0.0809  0.0379  26 A A N1    
519 C C2    . A A 26 ? 0.4694 0.6700 0.4222 -0.0208 0.0828  0.0679  26 A A C2    
520 N N3    . A A 26 ? 0.5557 0.8237 0.5062 -0.0273 0.0672  0.0824  26 A A N3    
521 C C4    . A A 26 ? 0.4975 0.7716 0.4230 -0.0583 0.0497  0.0566  26 A A C4    
522 P P     . A A 27 ? 0.7141 1.3245 0.5929 -0.0662 0.0136  0.1710  27 A A P     
523 O OP1   . A A 27 ? 0.7013 1.4296 0.5883 -0.0569 0.0065  0.2192  27 A A OP1   
524 O OP2   . A A 27 ? 0.6168 1.1743 0.4520 -0.1017 0.0080  0.1241  27 A A OP2   
525 O "O5'" . A A 27 ? 0.7579 1.2891 0.6644 -0.0223 0.0410  0.1845  27 A A "O5'" 
526 C "C5'" . A A 27 ? 0.6561 1.1917 0.6024 0.0161  0.0592  0.2199  27 A A "C5'" 
527 C "C4'" . A A 27 ? 0.6226 1.0595 0.5807 0.0405  0.0866  0.2134  27 A A "C4'" 
528 O "O4'" . A A 27 ? 0.6549 1.0193 0.6072 0.0207  0.0839  0.1687  27 A A "O4'" 
529 C "C3'" . A A 27 ? 0.6912 1.0939 0.6308 0.0419  0.0941  0.2094  27 A A "C3'" 
530 O "O3'" . A A 27 ? 0.7313 1.1743 0.6850 0.0746  0.1104  0.2584  27 A A "O3'" 
531 C "C2'" . A A 27 ? 0.6747 0.9750 0.6175 0.0426  0.1112  0.1794  27 A A "C2'" 
532 O "O2'" . A A 27 ? 0.7183 0.9829 0.6868 0.0753  0.1425  0.2048  27 A A "O2'" 
533 C "C1'" . A A 27 ? 0.6182 0.9059 0.5614 0.0211  0.0972  0.1482  27 A A "C1'" 
534 N N9    . A A 27 ? 0.5478 0.8116 0.4632 -0.0122 0.0800  0.1071  27 A A N9    
535 C C8    . A A 27 ? 0.5275 0.8314 0.4189 -0.0410 0.0586  0.0916  27 A A C8    
536 N N7    . A A 27 ? 0.5154 0.7728 0.3850 -0.0628 0.0551  0.0560  27 A A N7    
537 C C5    . A A 27 ? 0.5329 0.7281 0.4160 -0.0480 0.0711  0.0500  27 A A C5    
538 C C6    . A A 27 ? 0.4717 0.6107 0.3468 -0.0568 0.0763  0.0235  27 A A C6    
539 N N6    . A A 27 ? 0.4571 0.5827 0.3082 -0.0778 0.0698  -0.0011 27 A A N6    
540 N N1    . A A 27 ? 0.4465 0.5455 0.3383 -0.0439 0.0917  0.0248  27 A A N1    
541 C C2    . A A 27 ? 0.4513 0.5512 0.3632 -0.0236 0.1054  0.0480  27 A A C2    
542 N N3    . A A 27 ? 0.5266 0.6682 0.4490 -0.0077 0.1066  0.0768  27 A A N3    
543 C C4    . A A 27 ? 0.5223 0.7177 0.4312 -0.0207 0.0866  0.0778  27 A A C4    
544 P P     . A A 28 ? 0.7482 1.2176 0.6792 0.0722  0.1072  0.2693  28 A A P     
545 O OP1   . A A 28 ? 0.7243 1.3018 0.6662 0.0916  0.1049  0.3231  28 A A OP1   
546 O OP2   . A A 28 ? 0.7732 1.2217 0.6666 0.0309  0.0854  0.2206  28 A A OP2   
547 O "O5'" . A A 28 ? 0.9277 1.3117 0.8713 0.0995  0.1411  0.2776  28 A A "O5'" 
548 C "C5'" . A A 28 ? 0.9106 1.2371 0.8819 0.1244  0.1705  0.2875  28 A A "C5'" 
549 C "C4'" . A A 28 ? 0.8401 1.0714 0.8095 0.1280  0.1971  0.2722  28 A A "C4'" 
550 O "O4'" . A A 28 ? 0.7678 0.9378 0.7257 0.0972  0.1871  0.2200  28 A A "O4'" 
551 C "C3'" . A A 28 ? 0.8137 1.0481 0.7661 0.1267  0.1976  0.2790  28 A A "C3'" 
552 O "O3'" . A A 28 ? 1.0375 1.2050 1.0013 0.1475  0.2358  0.2945  28 A A "O3'" 
553 C "C2'" . A A 28 ? 0.6956 0.8965 0.6225 0.0890  0.1752  0.2268  28 A A "C2'" 
554 O "O2'" . A A 28 ? 0.8005 0.9708 0.7128 0.0840  0.1818  0.2198  28 A A "O2'" 
555 C "C1'" . A A 28 ? 0.6875 0.8244 0.6264 0.0813  0.1849  0.1993  28 A A "C1'" 
556 N N9    . A A 28 ? 0.6369 0.7528 0.5598 0.0493  0.1635  0.1539  28 A A N9    
557 C C8    . A A 28 ? 0.6016 0.7501 0.5012 0.0275  0.1370  0.1345  28 A A C8    
558 N N7    . A A 28 ? 0.5473 0.6601 0.4383 0.0063  0.1293  0.0990  28 A A N7    
559 C C5    . A A 28 ? 0.5374 0.6001 0.4465 0.0111  0.1480  0.0937  28 A A C5    
560 C C6    . A A 28 ? 0.4501 0.4719 0.3615 -0.0051 0.1498  0.0650  28 A A C6    
561 N N6    . A A 28 ? 0.4324 0.4547 0.3309 -0.0234 0.1342  0.0403  28 A A N6    
562 N N1    . A A 28 ? 0.5162 0.4975 0.4418 -0.0022 0.1715  0.0641  28 A A N1    
563 C C2    . A A 28 ? 0.5884 0.5590 0.5252 0.0190  0.1947  0.0907  28 A A C2    
564 N N3    . A A 28 ? 0.6092 0.6145 0.5494 0.0421  0.1978  0.1245  28 A A N3    
565 C C4    . A A 28 ? 0.5348 0.5921 0.4609 0.0354  0.1708  0.1242  28 A A C4    
566 P P     . A A 29 ? 1.0502 1.2302 1.0101 0.1658  0.2509  0.3277  29 A A P     
567 O OP1   . A A 29 ? 0.9795 1.1936 0.9713 0.2065  0.2659  0.3741  29 A A OP1   
568 O OP2   . A A 29 ? 0.9697 1.1969 0.9014 0.1414  0.2182  0.3105  29 A A OP2   
569 O "O5'" . A A 29 ? 0.9364 1.0134 0.8952 0.1587  0.2814  0.3068  29 A A "O5'" 
570 C "C5'" . A A 29 ? 0.8113 0.8535 0.7508 0.1237  0.2647  0.2605  29 A A "C5'" 
571 C "C4'" . A A 29 ? 0.6930 0.6532 0.6375 0.1075  0.2850  0.2299  29 A A "C4'" 
572 O "O4'" . A A 29 ? 0.7031 0.6693 0.6471 0.0891  0.2628  0.1987  29 A A "O4'" 
573 C "C3'" . A A 29 ? 0.6618 0.5808 0.5932 0.0808  0.2861  0.2011  29 A A "C3'" 
574 O "O3'" . A A 29 ? 0.8202 0.7003 0.7550 0.0917  0.3202  0.2228  29 A A "O3'" 
575 C "C2'" . A A 29 ? 0.6920 0.5688 0.6242 0.0543  0.2858  0.1620  29 A A "C2'" 
576 O "O2'" . A A 29 ? 0.7981 0.6122 0.7393 0.0588  0.3257  0.1664  29 A A "O2'" 
577 C "C1'" . A A 29 ? 0.6584 0.5800 0.5941 0.0583  0.2596  0.1581  29 A A "C1'" 
578 N N9    . A A 29 ? 0.5917 0.5529 0.5123 0.0393  0.2229  0.1351  29 A A N9    
579 C C8    . A A 29 ? 0.5926 0.6109 0.5009 0.0440  0.2003  0.1460  29 A A C8    
580 N N7    . A A 29 ? 0.5743 0.6046 0.4660 0.0231  0.1768  0.1183  29 A A N7    
581 C C5    . A A 29 ? 0.5479 0.5354 0.4456 0.0069  0.1820  0.0920  29 A A C5    
582 C C6    . A A 29 ? 0.4717 0.4530 0.3617 -0.0137 0.1684  0.0626  29 A A C6    
583 N N6    . A A 29 ? 0.4599 0.4640 0.3316 -0.0211 0.1503  0.0514  29 A A N6    
584 N N1    . A A 29 ? 0.5507 0.5013 0.4507 -0.0270 0.1775  0.0461  29 A A N1    
585 C C2    . A A 29 ? 0.5699 0.4887 0.4820 -0.0243 0.2005  0.0527  29 A A C2    
586 N N3    . A A 29 ? 0.5657 0.4733 0.4844 -0.0045 0.2199  0.0778  29 A A N3    
587 C C4    . A A 29 ? 0.5623 0.5101 0.4759 0.0131  0.2085  0.0998  29 A A C4    
588 P P     . C A 30 ? 0.8409 0.7304 0.7632 0.0834  0.3140  0.2234  30 C A P     
589 O OP1   . C A 30 ? 0.9014 0.7521 0.8369 0.0998  0.3425  0.2427  30 C A OP1   
590 O OP2   . C A 30 ? 0.8054 0.7676 0.7138 0.0879  0.2808  0.2304  30 C A OP2   
591 O "O5'" . C A 30 ? 0.8879 0.7448 0.8017 0.0448  0.3065  0.1793  30 C A "O5'" 
592 C "C5'" . C A 30 ? 0.7827 0.5796 0.7023 0.0250  0.3299  0.1584  30 C A "C5'" 
593 C "C4'" . C A 30 ? 0.7257 0.5268 0.6388 -0.0100 0.3097  0.1194  30 C A "C4'" 
594 O "O4'" . C A 30 ? 0.7509 0.5875 0.6639 -0.0079 0.2799  0.1066  30 C A "O4'" 
595 C "C3'" . C A 30 ? 0.7051 0.5348 0.6095 -0.0231 0.2925  0.1122  30 C A "C3'" 
596 O "O3'" . C A 30 ? 0.7627 0.5639 0.6686 -0.0389 0.3121  0.1108  30 C A "O3'" 
597 C "C2'" . C A 30 ? 0.6618 0.5148 0.5641 -0.0431 0.2661  0.0824  30 C A "C2'" 
598 O "O2'" . C A 30 ? 0.6322 0.4594 0.5385 -0.0733 0.2787  0.0603  30 C A "O2'" 
599 C "C1'" . C A 30 ? 0.6809 0.5451 0.5864 -0.0274 0.2542  0.0838  30 C A "C1'" 
600 N N1    . C A 30 ? 0.6220 0.5324 0.5177 -0.0130 0.2280  0.0907  30 C A N1    
601 C C2    . C A 30 ? 0.5710 0.5027 0.4585 -0.0262 0.2058  0.0693  30 C A C2    
602 O O2    . C A 30 ? 0.5426 0.4641 0.4355 -0.0454 0.2068  0.0507  30 C A O2    
603 N N3    . C A 30 ? 0.5932 0.5565 0.4654 -0.0191 0.1867  0.0699  30 C A N3    
604 C C4    . C A 30 ? 0.6063 0.5929 0.4716 -0.0027 0.1847  0.0909  30 C A C4    
605 N N4    . C A 30 ? 0.5544 0.5732 0.3991 -0.0042 0.1667  0.0861  30 C A N4    
606 C C5    . C A 30 ? 0.6739 0.6526 0.5517 0.0148  0.2042  0.1187  30 C A C5    
607 C C6    . C A 30 ? 0.6498 0.5840 0.5426 0.0107  0.2276  0.1179  30 C A C6    
608 P P     . A A 31 ? 0.7697 0.5978 0.6699 -0.0381 0.3050  0.1213  31 A A P     
609 O OP1   . A A 31 ? 0.7995 0.5930 0.7063 -0.0536 0.3247  0.1185  31 A A OP1   
610 O OP2   . A A 31 ? 0.7731 0.6335 0.6653 -0.0074 0.2970  0.1484  31 A A OP2   
611 O "O5'" . A A 31 ? 0.7278 0.5906 0.6225 -0.0593 0.2836  0.0991  31 A A "O5'" 
612 C "C5'" . A A 31 ? 0.6633 0.5232 0.5652 -0.0910 0.2818  0.0743  31 A A "C5'" 
613 C "C4'" . A A 31 ? 0.6288 0.5350 0.5290 -0.1001 0.2627  0.0662  31 A A "C4'" 
614 O "O4'" . A A 31 ? 0.6089 0.5330 0.5053 -0.0883 0.2421  0.0578  31 A A "O4'" 
615 C "C3'" . A A 31 ? 0.5955 0.5261 0.4891 -0.0856 0.2598  0.0833  31 A A "C3'" 
616 O "O3'" . A A 31 ? 0.6693 0.6056 0.5719 -0.1022 0.2671  0.0864  31 A A "O3'" 
617 C "C2'" . A A 31 ? 0.5494 0.5160 0.4377 -0.0796 0.2400  0.0755  31 A A "C2'" 
618 O "O2'" . A A 31 ? 0.6213 0.6177 0.5217 -0.1006 0.2376  0.0683  31 A A "O2'" 
619 C "C1'" . A A 31 ? 0.5479 0.5041 0.4361 -0.0763 0.2281  0.0619  31 A A "C1'" 
620 N N9    . A A 31 ? 0.5475 0.5038 0.4218 -0.0525 0.2173  0.0677  31 A A N9    
621 C C8    . A A 31 ? 0.5679 0.5104 0.4400 -0.0384 0.2218  0.0804  31 A A C8    
622 N N7    . A A 31 ? 0.5634 0.5241 0.4212 -0.0240 0.2074  0.0832  31 A A N7    
623 C C5    . A A 31 ? 0.5761 0.5510 0.4235 -0.0293 0.1961  0.0681  31 A A C5    
624 C C6    . A A 31 ? 0.5320 0.5200 0.3575 -0.0247 0.1835  0.0594  31 A A C6    
625 N N6    . A A 31 ? 0.5099 0.5112 0.3194 -0.0183 0.1748  0.0634  31 A A N6    
626 N N1    . A A 31 ? 0.5441 0.5330 0.3635 -0.0285 0.1831  0.0476  31 A A N1    
627 C C2    . A A 31 ? 0.4889 0.4805 0.3263 -0.0354 0.1907  0.0484  31 A A C2    
628 N N3    . A A 31 ? 0.5386 0.5286 0.3964 -0.0460 0.1987  0.0542  31 A A N3    
629 C C4    . A A 31 ? 0.5617 0.5360 0.4216 -0.0430 0.2025  0.0619  31 A A C4    
630 P P     . A A 32 ? 0.6794 0.6364 0.5778 -0.0896 0.2687  0.1058  32 A A P     
631 O OP1   . A A 32 ? 0.7966 0.7293 0.7028 -0.1018 0.2856  0.1125  32 A A OP1   
632 O OP2   . A A 32 ? 0.6642 0.6271 0.5453 -0.0594 0.2629  0.1178  32 A A OP2   
633 O "O5'" . A A 32 ? 0.7600 0.7670 0.6663 -0.1024 0.2578  0.1016  32 A A "O5'" 
634 C "C5'" . A A 32 ? 0.7168 0.7439 0.6396 -0.1327 0.2573  0.0929  32 A A "C5'" 
635 C "C4'" . A A 32 ? 0.6463 0.7333 0.5795 -0.1327 0.2459  0.0979  32 A A "C4'" 
636 O "O4'" . A A 32 ? 0.6701 0.7622 0.5975 -0.1190 0.2354  0.0899  32 A A "O4'" 
637 C "C3'" . A A 32 ? 0.5766 0.6934 0.5059 -0.1142 0.2472  0.1176  32 A A "C3'" 
638 O "O3'" . A A 32 ? 0.7089 0.8464 0.6509 -0.1283 0.2549  0.1303  32 A A "O3'" 
639 C "C2'" . A A 32 ? 0.5942 0.7540 0.5278 -0.1028 0.2373  0.1196  32 A A "C2'" 
640 O "O2'" . A A 32 ? 0.6590 0.8378 0.6152 -0.1163 0.2430  0.1190  32 A A "O2'" 
641 C "C1'" . A A 32 ? 0.6058 0.7347 0.5316 -0.0988 0.2320  0.1028  32 A A "C1'" 
642 N N9    . A A 32 ? 0.5376 0.6329 0.4388 -0.0731 0.2314  0.0996  32 A A N9    
643 C C8    . A A 32 ? 0.5228 0.5752 0.4087 -0.0652 0.2339  0.0954  32 A A C8    
644 N N7    . A A 32 ? 0.5487 0.5900 0.4128 -0.0434 0.2306  0.0947  32 A A N7    
645 C C5    . A A 32 ? 0.5785 0.6448 0.4438 -0.0352 0.2280  0.0957  32 A A C5    
646 C C6    . A A 32 ? 0.6106 0.6699 0.4560 -0.0159 0.2273  0.0921  32 A A C6    
647 N N6    . A A 32 ? 0.5452 0.5783 0.3620 -0.0065 0.2263  0.0843  32 A A N6    
648 N N1    . A A 32 ? 0.5465 0.6275 0.4015 -0.0088 0.2296  0.0967  32 A A N1    
649 C C2    . A A 32 ? 0.5240 0.6415 0.4059 -0.0218 0.2290  0.1053  32 A A C2    
650 N N3    . A A 32 ? 0.5919 0.7254 0.4904 -0.0465 0.2278  0.1063  32 A A N3    
651 C C4    . A A 32 ? 0.5663 0.6686 0.4557 -0.0512 0.2284  0.1011  32 A A C4    
652 P P     . G A 33 ? 0.7289 0.8502 0.6552 -0.1183 0.2631  0.1415  33 G A P     
653 O OP1   . G A 33 ? 0.6869 0.8507 0.6279 -0.1379 0.2667  0.1537  33 G A OP1   
654 O OP2   . G A 33 ? 0.8115 0.8729 0.7279 -0.1099 0.2717  0.1386  33 G A OP2   
655 O "O5'" . G A 33 ? 0.7637 0.8866 0.6715 -0.0867 0.2575  0.1422  33 G A "O5'" 
656 C "C5'" . G A 33 ? 0.7156 0.8713 0.6275 -0.0807 0.2554  0.1442  33 G A "C5'" 
657 C "C4'" . G A 33 ? 0.6432 0.7885 0.5391 -0.0471 0.2503  0.1442  33 G A "C4'" 
658 O "O4'" . G A 33 ? 0.7400 0.8626 0.6270 -0.0429 0.2440  0.1318  33 G A "O4'" 
659 C "C3'" . G A 33 ? 0.6785 0.8027 0.5544 -0.0261 0.2544  0.1513  33 G A "C3'" 
660 O "O3'" . G A 33 ? 0.6798 0.8244 0.5594 -0.0188 0.2602  0.1636  33 G A "O3'" 
661 C "C2'" . G A 33 ? 0.7314 0.8345 0.5851 -0.0061 0.2500  0.1407  33 G A "C2'" 
662 O "O2'" . G A 33 ? 0.8120 0.9270 0.6652 0.0081  0.2522  0.1410  33 G A "O2'" 
663 C "C1'" . G A 33 ? 0.6607 0.7572 0.5224 -0.0192 0.2435  0.1293  33 G A "C1'" 
664 N N9    . G A 33 ? 0.6004 0.6683 0.4515 -0.0207 0.2430  0.1268  33 G A N9    
665 C C8    . G A 33 ? 0.6366 0.6932 0.5005 -0.0358 0.2477  0.1308  33 G A C8    
666 N N7    . G A 33 ? 0.6298 0.6605 0.4817 -0.0274 0.2483  0.1316  33 G A N7    
667 C C5    . G A 33 ? 0.5631 0.5951 0.3902 -0.0107 0.2413  0.1261  33 G A C5    
668 C C6    . G A 33 ? 0.5729 0.5954 0.3767 0.0002  0.2370  0.1252  33 G A C6    
669 O O6    . G A 33 ? 0.6599 0.6743 0.4651 0.0028  0.2384  0.1343  33 G A O6    
670 N N1    . G A 33 ? 0.5864 0.6124 0.3635 0.0075  0.2318  0.1133  33 G A N1    
671 C C2    . G A 33 ? 0.5976 0.6275 0.3739 0.0098  0.2342  0.1060  33 G A C2    
672 N N2    . G A 33 ? 0.6705 0.6916 0.4172 0.0156  0.2339  0.0926  33 G A N2    
673 N N3    . G A 33 ? 0.6269 0.6707 0.4292 0.0058  0.2380  0.1122  33 G A N3    
674 C C4    . G A 33 ? 0.5577 0.6055 0.3831 -0.0068 0.2398  0.1211  33 G A C4    
# 
loop_
_pdbx_poly_seq_scheme.asym_id 
_pdbx_poly_seq_scheme.entity_id 
_pdbx_poly_seq_scheme.seq_id 
_pdbx_poly_seq_scheme.mon_id 
_pdbx_poly_seq_scheme.ndb_seq_num 
_pdbx_poly_seq_scheme.pdb_seq_num 
_pdbx_poly_seq_scheme.auth_seq_num 
_pdbx_poly_seq_scheme.pdb_mon_id 
_pdbx_poly_seq_scheme.auth_mon_id 
_pdbx_poly_seq_scheme.pdb_strand_id 
_pdbx_poly_seq_scheme.pdb_ins_code 
_pdbx_poly_seq_scheme.hetero 
A 1 1  C 1  1  1  C C A . n 
A 1 2  U 2  2  2  U U A . n 
A 1 3  G 3  3  3  G G A . n 
A 1 4  G 4  4  4  G G A . n 
A 1 5  G 5  5  5  G G A . n 
A 1 6  U 6  6  6  U U A . n 
A 1 7  C 7  7  7  C C A . n 
A 1 8  G 8  8  8  G G A . n 
A 1 9  C 9  9  9  C C A . n 
A 1 10 A 10 10 10 A A A . n 
A 1 11 G 11 11 11 G G A . n 
A 1 12 U 12 12 12 U U A . n 
A 1 13 N 13 13 13 N N A . n 
A 1 14 N 14 14 14 N N A . n 
A 1 15 N 15 15 15 N N A . n 
A 1 16 C 16 16 16 C C A . n 
A 1 17 C 17 17 17 C C A . n 
A 1 18 C 18 18 18 C C A . n 
A 1 19 A 19 19 19 A A A . n 
A 1 20 G 20 20 20 G G A . n 
A 1 21 U 21 21 21 U U A . n 
A 1 22 U 22 22 22 U U A . n 
A 1 23 A 23 23 23 A A A . n 
A 1 24 A 24 24 24 A A A . n 
A 1 25 C 25 25 25 C C A . n 
A 1 26 A 26 26 26 A A A . n 
A 1 27 A 27 27 27 A A A . n 
A 1 28 A 28 28 28 A A A . n 
A 1 29 A 29 29 29 A A A . n 
A 1 30 C 30 30 30 C C A . n 
A 1 31 A 31 31 31 A A A . n 
A 1 32 A 32 32 32 A A A . n 
A 1 33 G 33 33 33 G G A . n 
# 
loop_
_pdbx_nonpoly_scheme.asym_id 
_pdbx_nonpoly_scheme.entity_id 
_pdbx_nonpoly_scheme.mon_id 
_pdbx_nonpoly_scheme.ndb_seq_num 
_pdbx_nonpoly_scheme.pdb_seq_num 
_pdbx_nonpoly_scheme.auth_seq_num 
_pdbx_nonpoly_scheme.pdb_mon_id 
_pdbx_nonpoly_scheme.auth_mon_id 
_pdbx_nonpoly_scheme.pdb_strand_id 
_pdbx_nonpoly_scheme.pdb_ins_code 
B 2 MES 1  101 1  MES MES A . 
C 3 HLV 1  102 1  HLV CBI A . 
D 4 MG  1  103 1  MG  MG  A . 
E 4 MG  1  104 2  MG  MG  A . 
F 4 MG  1  105 3  MG  MG  A . 
G 4 MG  1  106 4  MG  MG  A . 
H 5 HOH 1  201 45 HOH HOH A . 
H 5 HOH 2  202 83 HOH HOH A . 
H 5 HOH 3  203 47 HOH HOH A . 
H 5 HOH 4  204 57 HOH HOH A . 
H 5 HOH 5  205 16 HOH HOH A . 
H 5 HOH 6  206 14 HOH HOH A . 
H 5 HOH 7  207 80 HOH HOH A . 
H 5 HOH 8  208 13 HOH HOH A . 
H 5 HOH 9  209 2  HOH HOH A . 
H 5 HOH 10 210 4  HOH HOH A . 
H 5 HOH 11 211 74 HOH HOH A . 
H 5 HOH 12 212 27 HOH HOH A . 
H 5 HOH 13 213 29 HOH HOH A . 
H 5 HOH 14 214 77 HOH HOH A . 
H 5 HOH 15 215 33 HOH HOH A . 
H 5 HOH 16 216 69 HOH HOH A . 
H 5 HOH 17 217 55 HOH HOH A . 
H 5 HOH 18 218 17 HOH HOH A . 
H 5 HOH 19 219 24 HOH HOH A . 
H 5 HOH 20 220 34 HOH HOH A . 
H 5 HOH 21 221 38 HOH HOH A . 
H 5 HOH 22 222 21 HOH HOH A . 
H 5 HOH 23 223 1  HOH HOH A . 
H 5 HOH 24 224 64 HOH HOH A . 
H 5 HOH 25 225 46 HOH HOH A . 
H 5 HOH 26 226 36 HOH HOH A . 
H 5 HOH 27 227 28 HOH HOH A . 
H 5 HOH 28 228 35 HOH HOH A . 
H 5 HOH 29 229 25 HOH HOH A . 
H 5 HOH 30 230 19 HOH HOH A . 
H 5 HOH 31 231 15 HOH HOH A . 
H 5 HOH 32 232 60 HOH HOH A . 
H 5 HOH 33 233 39 HOH HOH A . 
H 5 HOH 34 234 41 HOH HOH A . 
H 5 HOH 35 235 71 HOH HOH A . 
H 5 HOH 36 236 31 HOH HOH A . 
H 5 HOH 37 237 3  HOH HOH A . 
H 5 HOH 38 238 53 HOH HOH A . 
H 5 HOH 39 239 32 HOH HOH A . 
H 5 HOH 40 240 10 HOH HOH A . 
H 5 HOH 41 241 5  HOH HOH A . 
H 5 HOH 42 242 43 HOH HOH A . 
H 5 HOH 43 243 59 HOH HOH A . 
H 5 HOH 44 244 23 HOH HOH A . 
H 5 HOH 45 245 49 HOH HOH A . 
H 5 HOH 46 246 67 HOH HOH A . 
H 5 HOH 47 247 26 HOH HOH A . 
H 5 HOH 48 248 70 HOH HOH A . 
H 5 HOH 49 249 20 HOH HOH A . 
H 5 HOH 50 250 7  HOH HOH A . 
H 5 HOH 51 251 50 HOH HOH A . 
H 5 HOH 52 252 65 HOH HOH A . 
H 5 HOH 53 253 63 HOH HOH A . 
H 5 HOH 54 254 44 HOH HOH A . 
H 5 HOH 55 255 18 HOH HOH A . 
H 5 HOH 56 256 9  HOH HOH A . 
H 5 HOH 57 257 75 HOH HOH A . 
H 5 HOH 58 258 6  HOH HOH A . 
H 5 HOH 59 259 61 HOH HOH A . 
H 5 HOH 60 260 54 HOH HOH A . 
H 5 HOH 61 261 40 HOH HOH A . 
H 5 HOH 62 262 68 HOH HOH A . 
H 5 HOH 63 263 52 HOH HOH A . 
H 5 HOH 64 264 8  HOH HOH A . 
H 5 HOH 65 265 66 HOH HOH A . 
H 5 HOH 66 266 12 HOH HOH A . 
H 5 HOH 67 267 82 HOH HOH A . 
H 5 HOH 68 268 76 HOH HOH A . 
H 5 HOH 69 269 51 HOH HOH A . 
H 5 HOH 70 270 48 HOH HOH A . 
H 5 HOH 71 271 30 HOH HOH A . 
H 5 HOH 72 272 22 HOH HOH A . 
H 5 HOH 73 273 79 HOH HOH A . 
H 5 HOH 74 274 11 HOH HOH A . 
H 5 HOH 75 275 37 HOH HOH A . 
H 5 HOH 76 276 42 HOH HOH A . 
H 5 HOH 77 277 78 HOH HOH A . 
H 5 HOH 78 278 81 HOH HOH A . 
H 5 HOH 79 279 62 HOH HOH A . 
H 5 HOH 80 280 58 HOH HOH A . 
H 5 HOH 81 281 72 HOH HOH A . 
H 5 HOH 82 282 56 HOH HOH A . 
H 5 HOH 83 283 73 HOH HOH A . 
# 
_pdbx_struct_assembly.id                   1 
_pdbx_struct_assembly.details              author_defined_assembly 
_pdbx_struct_assembly.method_details       ? 
_pdbx_struct_assembly.oligomeric_details   monomeric 
_pdbx_struct_assembly.oligomeric_count     1 
# 
_pdbx_struct_assembly_gen.assembly_id       1 
_pdbx_struct_assembly_gen.oper_expression   1 
_pdbx_struct_assembly_gen.asym_id_list      A,B,C,D,E,F,G,H 
# 
loop_
_pdbx_struct_assembly_prop.biol_id 
_pdbx_struct_assembly_prop.type 
_pdbx_struct_assembly_prop.value 
_pdbx_struct_assembly_prop.details 
1 'ABSA (A^2)' 1850 ? 
1 MORE         -33  ? 
1 'SSA (A^2)'  5030 ? 
# 
_pdbx_struct_oper_list.id                   1 
_pdbx_struct_oper_list.type                 'identity operation' 
_pdbx_struct_oper_list.name                 1_555 
_pdbx_struct_oper_list.symmetry_operation   x,y,z 
_pdbx_struct_oper_list.matrix[1][1]         1.0000000000 
_pdbx_struct_oper_list.matrix[1][2]         0.0000000000 
_pdbx_struct_oper_list.matrix[1][3]         0.0000000000 
_pdbx_struct_oper_list.vector[1]            0.0000000000 
_pdbx_struct_oper_list.matrix[2][1]         0.0000000000 
_pdbx_struct_oper_list.matrix[2][2]         1.0000000000 
_pdbx_struct_oper_list.matrix[2][3]         0.0000000000 
_pdbx_struct_oper_list.vector[2]            0.0000000000 
_pdbx_struct_oper_list.matrix[3][1]         0.0000000000 
_pdbx_struct_oper_list.matrix[3][2]         0.0000000000 
_pdbx_struct_oper_list.matrix[3][3]         1.0000000000 
_pdbx_struct_oper_list.vector[3]            0.0000000000 
# 
_pdbx_struct_conn_angle.id                    1 
_pdbx_struct_conn_angle.ptnr1_label_atom_id   OP2 
_pdbx_struct_conn_angle.ptnr1_label_alt_id    ? 
_pdbx_struct_conn_angle.ptnr1_label_asym_id   A 
_pdbx_struct_conn_angle.ptnr1_label_comp_id   G 
_pdbx_struct_conn_angle.ptnr1_label_seq_id    5 
_pdbx_struct_conn_angle.ptnr1_auth_atom_id    ? 
_pdbx_struct_conn_angle.ptnr1_auth_asym_id    A 
_pdbx_struct_conn_angle.ptnr1_auth_comp_id    G 
_pdbx_struct_conn_angle.ptnr1_auth_seq_id     5 
_pdbx_struct_conn_angle.ptnr1_PDB_ins_code    ? 
_pdbx_struct_conn_angle.ptnr1_symmetry        1_555 
_pdbx_struct_conn_angle.ptnr2_label_atom_id   MG 
_pdbx_struct_conn_angle.ptnr2_label_alt_id    ? 
_pdbx_struct_conn_angle.ptnr2_label_asym_id   E 
_pdbx_struct_conn_angle.ptnr2_label_comp_id   MG 
_pdbx_struct_conn_angle.ptnr2_label_seq_id    . 
_pdbx_struct_conn_angle.ptnr2_auth_atom_id    ? 
_pdbx_struct_conn_angle.ptnr2_auth_asym_id    A 
_pdbx_struct_conn_angle.ptnr2_auth_comp_id    MG 
_pdbx_struct_conn_angle.ptnr2_auth_seq_id     104 
_pdbx_struct_conn_angle.ptnr2_PDB_ins_code    ? 
_pdbx_struct_conn_angle.ptnr2_symmetry        1_555 
_pdbx_struct_conn_angle.ptnr3_label_atom_id   O 
_pdbx_struct_conn_angle.ptnr3_label_alt_id    ? 
_pdbx_struct_conn_angle.ptnr3_label_asym_id   H 
_pdbx_struct_conn_angle.ptnr3_label_comp_id   HOH 
_pdbx_struct_conn_angle.ptnr3_label_seq_id    . 
_pdbx_struct_conn_angle.ptnr3_auth_atom_id    ? 
_pdbx_struct_conn_angle.ptnr3_auth_asym_id    A 
_pdbx_struct_conn_angle.ptnr3_auth_comp_id    HOH 
_pdbx_struct_conn_angle.ptnr3_auth_seq_id     274 
_pdbx_struct_conn_angle.ptnr3_PDB_ins_code    ? 
_pdbx_struct_conn_angle.ptnr3_symmetry        1_555 
_pdbx_struct_conn_angle.value                 130.3 
_pdbx_struct_conn_angle.value_esd             ? 
# 
loop_
_pdbx_audit_revision_history.ordinal 
_pdbx_audit_revision_history.data_content_type 
_pdbx_audit_revision_history.major_revision 
_pdbx_audit_revision_history.minor_revision 
_pdbx_audit_revision_history.revision_date 
1 'Structure model' 1 0 2019-04-10 
2 'Structure model' 1 1 2019-04-17 
3 'Structure model' 2 0 2019-12-04 
4 'Structure model' 2 1 2023-10-11 
# 
_pdbx_audit_revision_details.ordinal             1 
_pdbx_audit_revision_details.revision_ordinal    1 
_pdbx_audit_revision_details.data_content_type   'Structure model' 
_pdbx_audit_revision_details.provider            repository 
_pdbx_audit_revision_details.type                'Initial release' 
_pdbx_audit_revision_details.description         ? 
_pdbx_audit_revision_details.details             ? 
# 
loop_
_pdbx_audit_revision_group.ordinal 
_pdbx_audit_revision_group.revision_ordinal 
_pdbx_audit_revision_group.data_content_type 
_pdbx_audit_revision_group.group 
1 2 'Structure model' 'Data collection'            
2 2 'Structure model' 'Database references'        
3 3 'Structure model' 'Author supporting evidence' 
4 3 'Structure model' 'Polymer sequence'           
5 4 'Structure model' 'Data collection'            
6 4 'Structure model' 'Database references'        
7 4 'Structure model' 'Derived calculations'       
8 4 'Structure model' 'Refinement description'     
# 
loop_
_pdbx_audit_revision_category.ordinal 
_pdbx_audit_revision_category.revision_ordinal 
_pdbx_audit_revision_category.data_content_type 
_pdbx_audit_revision_category.category 
1  2 'Structure model' citation                      
2  2 'Structure model' citation_author               
3  3 'Structure model' entity_poly                   
4  3 'Structure model' pdbx_audit_support            
5  4 'Structure model' chem_comp_atom                
6  4 'Structure model' chem_comp_bond                
7  4 'Structure model' database_2                    
8  4 'Structure model' pdbx_initial_refinement_model 
9  4 'Structure model' struct_conn                   
10 4 'Structure model' struct_conn_type              
# 
loop_
_pdbx_audit_revision_item.ordinal 
_pdbx_audit_revision_item.revision_ordinal 
_pdbx_audit_revision_item.data_content_type 
_pdbx_audit_revision_item.item 
1  2 'Structure model' '_citation.page_first'                     
2  2 'Structure model' '_citation.page_last'                      
3  2 'Structure model' '_citation.pdbx_database_id_PubMed'        
4  2 'Structure model' '_citation.title'                          
5  2 'Structure model' '_citation_author.name'                    
6  3 'Structure model' '_entity_poly.pdbx_seq_one_letter_code'    
7  3 'Structure model' '_pdbx_audit_support.funding_organization' 
8  4 'Structure model' '_database_2.pdbx_DOI'                     
9  4 'Structure model' '_database_2.pdbx_database_accession'      
10 4 'Structure model' '_struct_conn.conn_type_id'                
11 4 'Structure model' '_struct_conn.id'                          
12 4 'Structure model' '_struct_conn.pdbx_dist_value'             
13 4 'Structure model' '_struct_conn.pdbx_leaving_atom_flag'      
14 4 'Structure model' '_struct_conn.ptnr1_auth_comp_id'          
15 4 'Structure model' '_struct_conn.ptnr1_auth_seq_id'           
16 4 'Structure model' '_struct_conn.ptnr1_label_atom_id'         
17 4 'Structure model' '_struct_conn.ptnr1_label_comp_id'         
18 4 'Structure model' '_struct_conn.ptnr1_label_seq_id'          
19 4 'Structure model' '_struct_conn.ptnr2_auth_comp_id'          
20 4 'Structure model' '_struct_conn.ptnr2_auth_seq_id'           
21 4 'Structure model' '_struct_conn.ptnr2_label_asym_id'         
22 4 'Structure model' '_struct_conn.ptnr2_label_atom_id'         
23 4 'Structure model' '_struct_conn.ptnr2_label_comp_id'         
24 4 'Structure model' '_struct_conn.ptnr2_label_seq_id'          
25 4 'Structure model' '_struct_conn_type.id'                     
# 
loop_
_pdbx_refine_tls.pdbx_refine_id 
_pdbx_refine_tls.id 
_pdbx_refine_tls.details 
_pdbx_refine_tls.method 
_pdbx_refine_tls.origin_x 
_pdbx_refine_tls.origin_y 
_pdbx_refine_tls.origin_z 
_pdbx_refine_tls.T[1][1] 
_pdbx_refine_tls.T[2][2] 
_pdbx_refine_tls.T[3][3] 
_pdbx_refine_tls.T[1][2] 
_pdbx_refine_tls.T[1][3] 
_pdbx_refine_tls.T[2][3] 
_pdbx_refine_tls.L[1][1] 
_pdbx_refine_tls.L[2][2] 
_pdbx_refine_tls.L[3][3] 
_pdbx_refine_tls.L[1][2] 
_pdbx_refine_tls.L[1][3] 
_pdbx_refine_tls.L[2][3] 
_pdbx_refine_tls.S[1][1] 
_pdbx_refine_tls.S[2][2] 
_pdbx_refine_tls.S[3][3] 
_pdbx_refine_tls.S[1][2] 
_pdbx_refine_tls.S[1][3] 
_pdbx_refine_tls.S[2][3] 
_pdbx_refine_tls.S[2][1] 
_pdbx_refine_tls.S[3][1] 
_pdbx_refine_tls.S[3][2] 
'X-RAY DIFFRACTION' 1 ? refined 1.7012  -1.6901 -2.8856 0.5598 0.4341 0.3002 -0.1522 0.1777 -0.0370 3.4965  0.5534 2.8681 -0.6200 -1.7170 -0.6432 0.0392 -0.0397 0.1163  0.4221  -0.1126 -0.2917 -0.6276 0.2814  -0.2671 
'X-RAY DIFFRACTION' 2 ? refined 9.5056  -1.0849 1.5357  0.6043 0.6235 0.3987 -0.0919 0.1147 0.0147  12.2125 2.2729 0.5103 -4.7763 2.3431  -0.7596 0.7394 0.2165  -0.9455 -0.9654 0.4658  0.1177  0.4723  0.4698  -1.3882 
'X-RAY DIFFRACTION' 3 ? refined -2.7260 1.1270  0.9762  0.3662 0.3903 0.2653 -0.0690 0.0957 -0.0286 4.5543  1.3912 5.9990 0.9940  -3.8621 -2.1315 0.1673 0.0444  -0.2047 0.5480  0.3462  0.0799  -0.3379 -0.0606 -0.4566 
# 
loop_
_pdbx_refine_tls_group.pdbx_refine_id 
_pdbx_refine_tls_group.id 
_pdbx_refine_tls_group.refine_tls_id 
_pdbx_refine_tls_group.beg_auth_asym_id 
_pdbx_refine_tls_group.beg_auth_seq_id 
_pdbx_refine_tls_group.end_auth_asym_id 
_pdbx_refine_tls_group.end_auth_seq_id 
_pdbx_refine_tls_group.selection_details 
_pdbx_refine_tls_group.beg_label_asym_id 
_pdbx_refine_tls_group.beg_label_seq_id 
_pdbx_refine_tls_group.end_label_asym_id 
_pdbx_refine_tls_group.end_label_seq_id 
_pdbx_refine_tls_group.selection 
'X-RAY DIFFRACTION' 1 1 A 1  A 11 '(chain A and resid 1:11)'  ? ? ? ? ? 
'X-RAY DIFFRACTION' 2 2 A 12 A 15 '(chain A and resid 12:15)' ? ? ? ? ? 
'X-RAY DIFFRACTION' 3 3 A 16 A 33 '(chain A and resid 16:33)' ? ? ? ? ? 
# 
_pdbx_phasing_MR.entry_id                     6E1T 
_pdbx_phasing_MR.method_rotation              ? 
_pdbx_phasing_MR.method_translation           ? 
_pdbx_phasing_MR.model_details                ? 
_pdbx_phasing_MR.R_factor                     ? 
_pdbx_phasing_MR.R_rigid_body                 ? 
_pdbx_phasing_MR.correlation_coeff_Fo_to_Fc   ? 
_pdbx_phasing_MR.correlation_coeff_Io_to_Ic   ? 
_pdbx_phasing_MR.d_res_high_rotation          5.550 
_pdbx_phasing_MR.d_res_low_rotation           57.530 
_pdbx_phasing_MR.d_res_high_translation       5.550 
_pdbx_phasing_MR.d_res_low_translation        57.530 
_pdbx_phasing_MR.packing                      ? 
_pdbx_phasing_MR.reflns_percent_rotation      ? 
_pdbx_phasing_MR.reflns_percent_translation   ? 
_pdbx_phasing_MR.sigma_F_rotation             ? 
_pdbx_phasing_MR.sigma_F_translation          ? 
_pdbx_phasing_MR.sigma_I_rotation             ? 
_pdbx_phasing_MR.sigma_I_translation          ? 
# 
_phasing.method   MR 
# 
loop_
_software.citation_id 
_software.classification 
_software.compiler_name 
_software.compiler_version 
_software.contact_author 
_software.contact_author_email 
_software.date 
_software.description 
_software.dependencies 
_software.hardware 
_software.language 
_software.location 
_software.mods 
_software.name 
_software.os 
_software.os_version 
_software.type 
_software.version 
_software.pdbx_ordinal 
? refinement        ? ? ? ? ? ? ? ? ? ? ? PHENIX      ? ? ? .      1 
? 'data scaling'    ? ? ? ? ? ? ? ? ? ? ? Aimless     ? ? ? 0.5.27 2 
? phasing           ? ? ? ? ? ? ? ? ? ? ? PHASER      ? ? ? 2.7.16 3 
? 'data extraction' ? ? ? ? ? ? ? ? ? ? ? PDB_EXTRACT ? ? ? 3.24   4 
? 'data reduction'  ? ? ? ? ? ? ? ? ? ? ? DIALS       ? ? ? .      5 
# 
loop_
_chem_comp_atom.comp_id 
_chem_comp_atom.atom_id 
_chem_comp_atom.type_symbol 
_chem_comp_atom.pdbx_aromatic_flag 
_chem_comp_atom.pdbx_stereo_config 
_chem_comp_atom.pdbx_ordinal 
A   OP3    O  N N 1   
A   P      P  N N 2   
A   OP1    O  N N 3   
A   OP2    O  N N 4   
A   "O5'"  O  N N 5   
A   "C5'"  C  N N 6   
A   "C4'"  C  N R 7   
A   "O4'"  O  N N 8   
A   "C3'"  C  N S 9   
A   "O3'"  O  N N 10  
A   "C2'"  C  N R 11  
A   "O2'"  O  N N 12  
A   "C1'"  C  N R 13  
A   N9     N  Y N 14  
A   C8     C  Y N 15  
A   N7     N  Y N 16  
A   C5     C  Y N 17  
A   C6     C  Y N 18  
A   N6     N  N N 19  
A   N1     N  Y N 20  
A   C2     C  Y N 21  
A   N3     N  Y N 22  
A   C4     C  Y N 23  
A   HOP3   H  N N 24  
A   HOP2   H  N N 25  
A   "H5'"  H  N N 26  
A   "H5''" H  N N 27  
A   "H4'"  H  N N 28  
A   "H3'"  H  N N 29  
A   "HO3'" H  N N 30  
A   "H2'"  H  N N 31  
A   "HO2'" H  N N 32  
A   "H1'"  H  N N 33  
A   H8     H  N N 34  
A   H61    H  N N 35  
A   H62    H  N N 36  
A   H2     H  N N 37  
C   OP3    O  N N 38  
C   P      P  N N 39  
C   OP1    O  N N 40  
C   OP2    O  N N 41  
C   "O5'"  O  N N 42  
C   "C5'"  C  N N 43  
C   "C4'"  C  N R 44  
C   "O4'"  O  N N 45  
C   "C3'"  C  N S 46  
C   "O3'"  O  N N 47  
C   "C2'"  C  N R 48  
C   "O2'"  O  N N 49  
C   "C1'"  C  N R 50  
C   N1     N  N N 51  
C   C2     C  N N 52  
C   O2     O  N N 53  
C   N3     N  N N 54  
C   C4     C  N N 55  
C   N4     N  N N 56  
C   C5     C  N N 57  
C   C6     C  N N 58  
C   HOP3   H  N N 59  
C   HOP2   H  N N 60  
C   "H5'"  H  N N 61  
C   "H5''" H  N N 62  
C   "H4'"  H  N N 63  
C   "H3'"  H  N N 64  
C   "HO3'" H  N N 65  
C   "H2'"  H  N N 66  
C   "HO2'" H  N N 67  
C   "H1'"  H  N N 68  
C   H41    H  N N 69  
C   H42    H  N N 70  
C   H5     H  N N 71  
C   H6     H  N N 72  
G   OP3    O  N N 73  
G   P      P  N N 74  
G   OP1    O  N N 75  
G   OP2    O  N N 76  
G   "O5'"  O  N N 77  
G   "C5'"  C  N N 78  
G   "C4'"  C  N R 79  
G   "O4'"  O  N N 80  
G   "C3'"  C  N S 81  
G   "O3'"  O  N N 82  
G   "C2'"  C  N R 83  
G   "O2'"  O  N N 84  
G   "C1'"  C  N R 85  
G   N9     N  Y N 86  
G   C8     C  Y N 87  
G   N7     N  Y N 88  
G   C5     C  Y N 89  
G   C6     C  N N 90  
G   O6     O  N N 91  
G   N1     N  N N 92  
G   C2     C  N N 93  
G   N2     N  N N 94  
G   N3     N  N N 95  
G   C4     C  Y N 96  
G   HOP3   H  N N 97  
G   HOP2   H  N N 98  
G   "H5'"  H  N N 99  
G   "H5''" H  N N 100 
G   "H4'"  H  N N 101 
G   "H3'"  H  N N 102 
G   "HO3'" H  N N 103 
G   "H2'"  H  N N 104 
G   "HO2'" H  N N 105 
G   "H1'"  H  N N 106 
G   H8     H  N N 107 
G   H1     H  N N 108 
G   H21    H  N N 109 
G   H22    H  N N 110 
HLV C1     C  Y N 111 
HLV C2     C  Y N 112 
HLV C3     C  Y N 113 
HLV C4     C  Y N 114 
HLV C5     C  Y N 115 
HLV C6     C  Y N 116 
HLV O2     O  N N 117 
HLV C10    C  Y N 118 
HLV C11    C  Y N 119 
HLV C12    C  Y N 120 
HLV C13    C  N N 121 
HLV C14    C  N N 122 
HLV C7     C  Y N 123 
HLV C8     C  Y N 124 
HLV C9     C  Y N 125 
HLV N1     N  N N 126 
HLV O1     O  Y N 127 
HLV H1     H  N N 128 
HLV H2     H  N N 129 
HLV H3     H  N N 130 
HLV H4     H  N N 131 
HLV H5     H  N N 132 
HLV H6     H  N N 133 
HLV H7     H  N N 134 
HLV H8     H  N N 135 
HLV H9     H  N N 136 
HLV H10    H  N N 137 
HLV H11    H  N N 138 
HLV H12    H  N N 139 
HLV H13    H  N N 140 
HOH O      O  N N 141 
HOH H1     H  N N 142 
HOH H2     H  N N 143 
MES O1     O  N N 144 
MES C2     C  N N 145 
MES C3     C  N N 146 
MES N4     N  N N 147 
MES C5     C  N N 148 
MES C6     C  N N 149 
MES C7     C  N N 150 
MES C8     C  N N 151 
MES S      S  N N 152 
MES O1S    O  N N 153 
MES O2S    O  N N 154 
MES O3S    O  N N 155 
MES H21    H  N N 156 
MES H22    H  N N 157 
MES H31    H  N N 158 
MES H32    H  N N 159 
MES HN4    H  N N 160 
MES H51    H  N N 161 
MES H52    H  N N 162 
MES H61    H  N N 163 
MES H62    H  N N 164 
MES H71    H  N N 165 
MES H72    H  N N 166 
MES H81    H  N N 167 
MES H82    H  N N 168 
MG  MG     MG N N 169 
U   OP3    O  N N 170 
U   P      P  N N 171 
U   OP1    O  N N 172 
U   OP2    O  N N 173 
U   "O5'"  O  N N 174 
U   "C5'"  C  N N 175 
U   "C4'"  C  N R 176 
U   "O4'"  O  N N 177 
U   "C3'"  C  N S 178 
U   "O3'"  O  N N 179 
U   "C2'"  C  N R 180 
U   "O2'"  O  N N 181 
U   "C1'"  C  N R 182 
U   N1     N  N N 183 
U   C2     C  N N 184 
U   O2     O  N N 185 
U   N3     N  N N 186 
U   C4     C  N N 187 
U   O4     O  N N 188 
U   C5     C  N N 189 
U   C6     C  N N 190 
U   HOP3   H  N N 191 
U   HOP2   H  N N 192 
U   "H5'"  H  N N 193 
U   "H5''" H  N N 194 
U   "H4'"  H  N N 195 
U   "H3'"  H  N N 196 
U   "HO3'" H  N N 197 
U   "H2'"  H  N N 198 
U   "HO2'" H  N N 199 
U   "H1'"  H  N N 200 
U   H3     H  N N 201 
U   H5     H  N N 202 
U   H6     H  N N 203 
# 
loop_
_chem_comp_bond.comp_id 
_chem_comp_bond.atom_id_1 
_chem_comp_bond.atom_id_2 
_chem_comp_bond.value_order 
_chem_comp_bond.pdbx_aromatic_flag 
_chem_comp_bond.pdbx_stereo_config 
_chem_comp_bond.pdbx_ordinal 
A   OP3   P      sing N N 1   
A   OP3   HOP3   sing N N 2   
A   P     OP1    doub N N 3   
A   P     OP2    sing N N 4   
A   P     "O5'"  sing N N 5   
A   OP2   HOP2   sing N N 6   
A   "O5'" "C5'"  sing N N 7   
A   "C5'" "C4'"  sing N N 8   
A   "C5'" "H5'"  sing N N 9   
A   "C5'" "H5''" sing N N 10  
A   "C4'" "O4'"  sing N N 11  
A   "C4'" "C3'"  sing N N 12  
A   "C4'" "H4'"  sing N N 13  
A   "O4'" "C1'"  sing N N 14  
A   "C3'" "O3'"  sing N N 15  
A   "C3'" "C2'"  sing N N 16  
A   "C3'" "H3'"  sing N N 17  
A   "O3'" "HO3'" sing N N 18  
A   "C2'" "O2'"  sing N N 19  
A   "C2'" "C1'"  sing N N 20  
A   "C2'" "H2'"  sing N N 21  
A   "O2'" "HO2'" sing N N 22  
A   "C1'" N9     sing N N 23  
A   "C1'" "H1'"  sing N N 24  
A   N9    C8     sing Y N 25  
A   N9    C4     sing Y N 26  
A   C8    N7     doub Y N 27  
A   C8    H8     sing N N 28  
A   N7    C5     sing Y N 29  
A   C5    C6     sing Y N 30  
A   C5    C4     doub Y N 31  
A   C6    N6     sing N N 32  
A   C6    N1     doub Y N 33  
A   N6    H61    sing N N 34  
A   N6    H62    sing N N 35  
A   N1    C2     sing Y N 36  
A   C2    N3     doub Y N 37  
A   C2    H2     sing N N 38  
A   N3    C4     sing Y N 39  
C   OP3   P      sing N N 40  
C   OP3   HOP3   sing N N 41  
C   P     OP1    doub N N 42  
C   P     OP2    sing N N 43  
C   P     "O5'"  sing N N 44  
C   OP2   HOP2   sing N N 45  
C   "O5'" "C5'"  sing N N 46  
C   "C5'" "C4'"  sing N N 47  
C   "C5'" "H5'"  sing N N 48  
C   "C5'" "H5''" sing N N 49  
C   "C4'" "O4'"  sing N N 50  
C   "C4'" "C3'"  sing N N 51  
C   "C4'" "H4'"  sing N N 52  
C   "O4'" "C1'"  sing N N 53  
C   "C3'" "O3'"  sing N N 54  
C   "C3'" "C2'"  sing N N 55  
C   "C3'" "H3'"  sing N N 56  
C   "O3'" "HO3'" sing N N 57  
C   "C2'" "O2'"  sing N N 58  
C   "C2'" "C1'"  sing N N 59  
C   "C2'" "H2'"  sing N N 60  
C   "O2'" "HO2'" sing N N 61  
C   "C1'" N1     sing N N 62  
C   "C1'" "H1'"  sing N N 63  
C   N1    C2     sing N N 64  
C   N1    C6     sing N N 65  
C   C2    O2     doub N N 66  
C   C2    N3     sing N N 67  
C   N3    C4     doub N N 68  
C   C4    N4     sing N N 69  
C   C4    C5     sing N N 70  
C   N4    H41    sing N N 71  
C   N4    H42    sing N N 72  
C   C5    C6     doub N N 73  
C   C5    H5     sing N N 74  
C   C6    H6     sing N N 75  
G   OP3   P      sing N N 76  
G   OP3   HOP3   sing N N 77  
G   P     OP1    doub N N 78  
G   P     OP2    sing N N 79  
G   P     "O5'"  sing N N 80  
G   OP2   HOP2   sing N N 81  
G   "O5'" "C5'"  sing N N 82  
G   "C5'" "C4'"  sing N N 83  
G   "C5'" "H5'"  sing N N 84  
G   "C5'" "H5''" sing N N 85  
G   "C4'" "O4'"  sing N N 86  
G   "C4'" "C3'"  sing N N 87  
G   "C4'" "H4'"  sing N N 88  
G   "O4'" "C1'"  sing N N 89  
G   "C3'" "O3'"  sing N N 90  
G   "C3'" "C2'"  sing N N 91  
G   "C3'" "H3'"  sing N N 92  
G   "O3'" "HO3'" sing N N 93  
G   "C2'" "O2'"  sing N N 94  
G   "C2'" "C1'"  sing N N 95  
G   "C2'" "H2'"  sing N N 96  
G   "O2'" "HO2'" sing N N 97  
G   "C1'" N9     sing N N 98  
G   "C1'" "H1'"  sing N N 99  
G   N9    C8     sing Y N 100 
G   N9    C4     sing Y N 101 
G   C8    N7     doub Y N 102 
G   C8    H8     sing N N 103 
G   N7    C5     sing Y N 104 
G   C5    C6     sing N N 105 
G   C5    C4     doub Y N 106 
G   C6    O6     doub N N 107 
G   C6    N1     sing N N 108 
G   N1    C2     sing N N 109 
G   N1    H1     sing N N 110 
G   C2    N2     sing N N 111 
G   C2    N3     doub N N 112 
G   N2    H21    sing N N 113 
G   N2    H22    sing N N 114 
G   N3    C4     sing N N 115 
HLV C12   C11    doub Y N 116 
HLV C12   C10    sing Y N 117 
HLV C11   C8     sing Y N 118 
HLV C10   C4     doub Y N 119 
HLV C8    C2     doub Y N 120 
HLV C4    C2     sing Y N 121 
HLV C4    O1     sing Y N 122 
HLV C2    C1     sing Y N 123 
HLV O1    C3     sing Y N 124 
HLV C1    C5     doub Y N 125 
HLV C1    C3     sing Y N 126 
HLV C5    C6     sing Y N 127 
HLV C3    C7     doub Y N 128 
HLV C13   C14    sing N N 129 
HLV C13   O2     sing N N 130 
HLV C7    C9     sing Y N 131 
HLV C6    C9     doub Y N 132 
HLV C6    O2     sing N N 133 
HLV C14   N1     sing N N 134 
HLV C5    H1     sing N N 135 
HLV C10   H2     sing N N 136 
HLV C11   H3     sing N N 137 
HLV C12   H4     sing N N 138 
HLV C13   H5     sing N N 139 
HLV C13   H6     sing N N 140 
HLV C14   H7     sing N N 141 
HLV C14   H8     sing N N 142 
HLV C7    H9     sing N N 143 
HLV C8    H10    sing N N 144 
HLV C9    H11    sing N N 145 
HLV N1    H12    sing N N 146 
HLV N1    H13    sing N N 147 
HOH O     H1     sing N N 148 
HOH O     H2     sing N N 149 
MES O1    C2     sing N N 150 
MES O1    C6     sing N N 151 
MES C2    C3     sing N N 152 
MES C2    H21    sing N N 153 
MES C2    H22    sing N N 154 
MES C3    N4     sing N N 155 
MES C3    H31    sing N N 156 
MES C3    H32    sing N N 157 
MES N4    C5     sing N N 158 
MES N4    C7     sing N N 159 
MES N4    HN4    sing N N 160 
MES C5    C6     sing N N 161 
MES C5    H51    sing N N 162 
MES C5    H52    sing N N 163 
MES C6    H61    sing N N 164 
MES C6    H62    sing N N 165 
MES C7    C8     sing N N 166 
MES C7    H71    sing N N 167 
MES C7    H72    sing N N 168 
MES C8    S      sing N N 169 
MES C8    H81    sing N N 170 
MES C8    H82    sing N N 171 
MES S     O1S    doub N N 172 
MES S     O2S    doub N N 173 
MES S     O3S    sing N N 174 
U   OP3   P      sing N N 175 
U   OP3   HOP3   sing N N 176 
U   P     OP1    doub N N 177 
U   P     OP2    sing N N 178 
U   P     "O5'"  sing N N 179 
U   OP2   HOP2   sing N N 180 
U   "O5'" "C5'"  sing N N 181 
U   "C5'" "C4'"  sing N N 182 
U   "C5'" "H5'"  sing N N 183 
U   "C5'" "H5''" sing N N 184 
U   "C4'" "O4'"  sing N N 185 
U   "C4'" "C3'"  sing N N 186 
U   "C4'" "H4'"  sing N N 187 
U   "O4'" "C1'"  sing N N 188 
U   "C3'" "O3'"  sing N N 189 
U   "C3'" "C2'"  sing N N 190 
U   "C3'" "H3'"  sing N N 191 
U   "O3'" "HO3'" sing N N 192 
U   "C2'" "O2'"  sing N N 193 
U   "C2'" "C1'"  sing N N 194 
U   "C2'" "H2'"  sing N N 195 
U   "O2'" "HO2'" sing N N 196 
U   "C1'" N1     sing N N 197 
U   "C1'" "H1'"  sing N N 198 
U   N1    C2     sing N N 199 
U   N1    C6     sing N N 200 
U   C2    O2     doub N N 201 
U   C2    N3     sing N N 202 
U   N3    C4     sing N N 203 
U   N3    H3     sing N N 204 
U   C4    O4     doub N N 205 
U   C4    C5     sing N N 206 
U   C5    C6     doub N N 207 
U   C5    H5     sing N N 208 
U   C6    H6     sing N N 209 
# 
loop_
_ndb_struct_conf_na.entry_id 
_ndb_struct_conf_na.feature 
6E1T 'double helix'        
6E1T 'a-form double helix' 
6E1T 'quadruple helix'     
# 
loop_
_ndb_struct_na_base_pair.model_number 
_ndb_struct_na_base_pair.i_label_asym_id 
_ndb_struct_na_base_pair.i_label_comp_id 
_ndb_struct_na_base_pair.i_label_seq_id 
_ndb_struct_na_base_pair.i_symmetry 
_ndb_struct_na_base_pair.j_label_asym_id 
_ndb_struct_na_base_pair.j_label_comp_id 
_ndb_struct_na_base_pair.j_label_seq_id 
_ndb_struct_na_base_pair.j_symmetry 
_ndb_struct_na_base_pair.shear 
_ndb_struct_na_base_pair.stretch 
_ndb_struct_na_base_pair.stagger 
_ndb_struct_na_base_pair.buckle 
_ndb_struct_na_base_pair.propeller 
_ndb_struct_na_base_pair.opening 
_ndb_struct_na_base_pair.pair_number 
_ndb_struct_na_base_pair.pair_name 
_ndb_struct_na_base_pair.i_auth_asym_id 
_ndb_struct_na_base_pair.i_auth_seq_id 
_ndb_struct_na_base_pair.i_PDB_ins_code 
_ndb_struct_na_base_pair.j_auth_asym_id 
_ndb_struct_na_base_pair.j_auth_seq_id 
_ndb_struct_na_base_pair.j_PDB_ins_code 
_ndb_struct_na_base_pair.hbond_type_28 
_ndb_struct_na_base_pair.hbond_type_12 
1 A C 1  1_555 A G 20 1_555 0.183  -0.152 -0.119 4.603   -9.818  -1.912  1  A_C1:G20_A  A 1  ? A 20 ? 19 1  
1 A U 2  1_555 A A 19 1_555 0.091  -0.126 0.130  -0.707  -18.013 0.984   2  A_U2:A19_A  A 2  ? A 19 ? 20 1  
1 A G 3  1_555 A C 18 1_555 -0.136 -0.189 0.087  -6.540  -10.253 -0.026  3  A_G3:C18_A  A 3  ? A 18 ? 19 1  
1 A G 4  1_555 A C 17 1_555 -0.140 -0.143 0.080  -4.013  -10.250 -0.389  4  A_G4:C17_A  A 4  ? A 17 ? 19 1  
1 A G 5  1_555 A C 16 1_555 -0.117 -0.092 -0.120 -8.343  -12.455 -0.042  5  A_G5:C16_A  A 5  ? A 16 ? 19 1  
1 A U 6  1_555 A A 28 1_555 -0.491 3.414  1.348  -33.802 -12.278 -68.157 6  A_U6:A28_A  A 6  ? A 28 ? 23 3  
1 A C 7  1_555 A A 29 1_555 4.186  0.152  2.217  -26.169 18.848  -49.071 7  A_C7:A29_A  A 7  ? A 29 ? ?  ?  
1 A G 11 1_555 A C 30 1_555 -0.305 -0.220 0.160  -2.796  -24.115 -0.533  8  A_G11:C30_A A 11 ? A 30 ? 19 1  
1 A G 8  1_555 A A 31 1_555 3.282  -3.933 -0.478 18.151  12.449  -70.388 9  A_G8:A31_A  A 8  ? A 31 ? 10 6  
1 A A 10 1_555 A A 32 1_555 6.408  -4.212 -0.030 9.256   -11.482 -18.089 10 A_A10:A32_A A 10 ? A 32 ? ?  10 
1 A C 9  1_555 A G 33 1_555 0.248  -0.288 0.057  -0.061  -4.476  -0.793  11 A_C9:G33_A  A 9  ? A 33 ? 19 1  
# 
loop_
_ndb_struct_na_base_pair_step.model_number 
_ndb_struct_na_base_pair_step.i_label_asym_id_1 
_ndb_struct_na_base_pair_step.i_label_comp_id_1 
_ndb_struct_na_base_pair_step.i_label_seq_id_1 
_ndb_struct_na_base_pair_step.i_symmetry_1 
_ndb_struct_na_base_pair_step.j_label_asym_id_1 
_ndb_struct_na_base_pair_step.j_label_comp_id_1 
_ndb_struct_na_base_pair_step.j_label_seq_id_1 
_ndb_struct_na_base_pair_step.j_symmetry_1 
_ndb_struct_na_base_pair_step.i_label_asym_id_2 
_ndb_struct_na_base_pair_step.i_label_comp_id_2 
_ndb_struct_na_base_pair_step.i_label_seq_id_2 
_ndb_struct_na_base_pair_step.i_symmetry_2 
_ndb_struct_na_base_pair_step.j_label_asym_id_2 
_ndb_struct_na_base_pair_step.j_label_comp_id_2 
_ndb_struct_na_base_pair_step.j_label_seq_id_2 
_ndb_struct_na_base_pair_step.j_symmetry_2 
_ndb_struct_na_base_pair_step.shift 
_ndb_struct_na_base_pair_step.slide 
_ndb_struct_na_base_pair_step.rise 
_ndb_struct_na_base_pair_step.tilt 
_ndb_struct_na_base_pair_step.roll 
_ndb_struct_na_base_pair_step.twist 
_ndb_struct_na_base_pair_step.x_displacement 
_ndb_struct_na_base_pair_step.y_displacement 
_ndb_struct_na_base_pair_step.helical_rise 
_ndb_struct_na_base_pair_step.inclination 
_ndb_struct_na_base_pair_step.tip 
_ndb_struct_na_base_pair_step.helical_twist 
_ndb_struct_na_base_pair_step.step_number 
_ndb_struct_na_base_pair_step.step_name 
_ndb_struct_na_base_pair_step.i_auth_asym_id_1 
_ndb_struct_na_base_pair_step.i_auth_seq_id_1 
_ndb_struct_na_base_pair_step.i_PDB_ins_code_1 
_ndb_struct_na_base_pair_step.j_auth_asym_id_1 
_ndb_struct_na_base_pair_step.j_auth_seq_id_1 
_ndb_struct_na_base_pair_step.j_PDB_ins_code_1 
_ndb_struct_na_base_pair_step.i_auth_asym_id_2 
_ndb_struct_na_base_pair_step.i_auth_seq_id_2 
_ndb_struct_na_base_pair_step.i_PDB_ins_code_2 
_ndb_struct_na_base_pair_step.j_auth_asym_id_2 
_ndb_struct_na_base_pair_step.j_auth_seq_id_2 
_ndb_struct_na_base_pair_step.j_PDB_ins_code_2 
1 A C 1  1_555 A G 20 1_555 A U 2  1_555 A A 19 1_555 0.616  -1.424 3.266  0.857    8.703   36.361   -3.315 -0.854 2.874  13.703  
-1.349  37.363   1  AA_C1U2:A19G20_AA  A 1  ? A 20 ? A 2  ? A 19 ? 
1 A U 2  1_555 A A 19 1_555 A G 3  1_555 A C 18 1_555 -0.268 -1.632 3.257  0.290    9.745   31.085   -4.483 0.526  2.636  17.648  
-0.525  32.542   2  AA_U2G3:C18A19_AA  A 2  ? A 19 ? A 3  ? A 18 ? 
1 A G 3  1_555 A C 18 1_555 A G 4  1_555 A C 17 1_555 0.377  -1.384 3.191  1.853    3.908   29.898   -3.412 -0.365 3.007  7.525   
-3.567  30.202   3  AA_G3G4:C17C18_AA  A 3  ? A 18 ? A 4  ? A 17 ? 
1 A G 4  1_555 A C 17 1_555 A G 5  1_555 A C 16 1_555 0.278  -1.692 3.375  4.299    6.237   36.989   -3.419 0.123  3.072  9.706   
-6.690  37.730   4  AA_G4G5:C16C17_AA  A 4  ? A 17 ? A 5  ? A 16 ? 
1 A G 5  1_555 A C 16 1_555 A U 6  1_555 A A 28 1_555 -6.627 -1.262 1.367  15.391   5.026   18.262   -2.433 13.998 -3.381 12.998  
-39.803 24.360   5  AA_G5U6:A28C16_AA  A 5  ? A 16 ? A 6  ? A 28 ? 
1 A U 6  1_555 A A 28 1_555 A C 7  1_555 A A 29 1_555 2.615  -1.750 3.747  1.785    1.566   47.690   -2.306 -3.067 3.781  1.935   
-2.207  47.745   6  AA_U6C7:A29A28_AA  A 6  ? A 28 ? A 7  ? A 29 ? 
1 A C 7  1_555 A A 29 1_555 A G 11 1_555 A C 30 1_555 1.094  -1.876 0.601  -147.690 -94.382 179.790  -0.938 -0.547 0.601  -47.191 
73.845  179.991  7  AA_C7G11:C30A29_AA A 7  ? A 29 ? A 11 ? A 30 ? 
1 A G 11 1_555 A C 30 1_555 A G 8  1_555 A A 31 1_555 -3.568 2.897  1.946  -166.121 -9.948  -147.125 -1.437 -1.990 0.915  4.991   
-83.335 -176.165 8  AA_G11G8:A31C30_AA A 11 ? A 30 ? A 8  ? A 31 ? 
1 A G 8  1_555 A A 31 1_555 A A 10 1_555 A A 32 1_555 -5.830 2.708  -2.026 154.386  45.393  -11.831  -1.703 -1.832 4.591  -25.107 
85.393  -161.024 9  AA_G8A10:A32A31_AA A 8  ? A 31 ? A 10 ? A 32 ? 
1 A A 10 1_555 A A 32 1_555 A C 9  1_555 A G 33 1_555 1.446  1.033  -3.268 -0.583   -3.369  -57.740  -1.246 1.526  -3.195 3.486   
-0.603  -57.833  10 AA_A10C9:G33A32_AA A 10 ? A 32 ? A 9  ? A 33 ? 
# 
loop_
_pdbx_audit_support.funding_organization 
_pdbx_audit_support.country 
_pdbx_audit_support.grant_number 
_pdbx_audit_support.ordinal 
'National Institutes of Health/National Heart, Lung, and Blood Institute (NIH/NHLBI)' 'United States' ? 1 
'National Institutes of Health/National Cancer Institute (NIH/NCI)'                   'United States' ? 2 
'Japan Society for the Promotion of Science (JSPS)'                                   Japan           ? 3 
# 
_pdbx_entity_instance_feature.ordinal        1 
_pdbx_entity_instance_feature.comp_id        HLV 
_pdbx_entity_instance_feature.asym_id        ? 
_pdbx_entity_instance_feature.seq_num        ? 
_pdbx_entity_instance_feature.auth_comp_id   HLV 
_pdbx_entity_instance_feature.auth_asym_id   ? 
_pdbx_entity_instance_feature.auth_seq_num   ? 
_pdbx_entity_instance_feature.feature_type   'SUBJECT OF INVESTIGATION' 
_pdbx_entity_instance_feature.details        ? 
# 
loop_
_pdbx_entity_nonpoly.entity_id 
_pdbx_entity_nonpoly.name 
_pdbx_entity_nonpoly.comp_id 
2 '2-(N-MORPHOLINO)-ETHANESULFONIC ACID'         MES 
3 '2-[(dibenzo[b,d]furan-2-yl)oxy]ethan-1-amine' HLV 
4 'MAGNESIUM ION'                                MG  
5 water                                          HOH 
# 
_pdbx_initial_refinement_model.id               1 
_pdbx_initial_refinement_model.entity_id_list   ? 
_pdbx_initial_refinement_model.type             'experimental model' 
_pdbx_initial_refinement_model.source_name      PDB 
_pdbx_initial_refinement_model.accession_code   3Q50 
_pdbx_initial_refinement_model.details          ? 
# 
_pdbx_struct_assembly_auth_evidence.id                     1 
_pdbx_struct_assembly_auth_evidence.assembly_id            1 
_pdbx_struct_assembly_auth_evidence.experimental_support   homology 
_pdbx_struct_assembly_auth_evidence.details                ? 
# 
